data_9HS2
#
_entry.id   9HS2
#
_cell.length_a   155.115
_cell.length_b   155.115
_cell.length_c   226.088
_cell.angle_alpha   90.000
_cell.angle_beta   90.000
_cell.angle_gamma   90.000
#
_symmetry.space_group_name_H-M   'P 43 21 2'
#
loop_
_entity.id
_entity.type
_entity.pdbx_description
1 polymer "Pyrimidine/purine nucleotide 5'-monophosphate nucleosidase"
2 non-polymer "GUANOSINE-5',3'-TETRAPHOSPHATE"
3 non-polymer "9-deazaguanosine-5'-monophosphate"
#
_entity_poly.entity_id   1
_entity_poly.type   'polypeptide(L)'
_entity_poly.pdbx_seq_one_letter_code
;TDPALRAITHISPLGSMDMLSQLEVDMLKRTASSDLYQLFRNCSLAVLNSGSLTDNSKELLSRFENFDINVLRRERGVKL
ELINPPEEAFVDGRIIRALQANLFAVLRDILFVYGQIHNTVRFPNLNLDNSVHITNLVFSILRNARALHVGEAPNMVVCW
GGHSINENEYLYARRVGNQLGLRELNICTGCGPGAMEAPMKGAAVGHAQQRYKDSRFIGMTEPSIIAAEPPNPLVNELII
MPDIEKRLEAFVRIAHGIIIFPGGVGTAEELLYLLGILMNPANKDQVLPLILTGPKESADYFRVLDEFVVHTLGENARRH
YRIIIDDAAEVARQMKKSMPLVKENRRDTGDAYSFNWSMRIAPDLQMPFEPSHENMANLKLYPDQPVEVLAADLRRAFSG
IVAGNVKEVGIRAIEEFGPYKINGDKEIMRRMDDLLQGFVAQHRMKLPGSAYIPCYEICT
;
_entity_poly.pdbx_strand_id   A,B,C,D
#
# COMPACT_ATOMS: atom_id res chain seq x y z
N ALA A 4 27.91 -18.23 3.45
CA ALA A 4 28.64 -17.27 4.29
C ALA A 4 28.23 -17.35 5.78
N LEU A 5 27.82 -18.53 6.22
CA LEU A 5 27.17 -18.69 7.52
C LEU A 5 27.98 -19.63 8.37
N ARG A 6 27.69 -19.60 9.67
CA ARG A 6 28.44 -20.24 10.73
C ARG A 6 27.69 -21.46 11.24
N ALA A 7 27.84 -21.76 12.52
CA ALA A 7 26.97 -22.75 13.11
C ALA A 7 26.33 -22.25 14.38
N ILE A 8 26.62 -21.02 14.78
CA ILE A 8 25.78 -20.24 15.68
C ILE A 8 25.31 -19.02 14.88
N THR A 9 24.00 -19.02 14.59
CA THR A 9 23.28 -17.90 13.96
C THR A 9 22.17 -17.41 14.87
N HIS A 10 21.96 -16.09 14.87
CA HIS A 10 20.94 -15.44 15.69
C HIS A 10 19.83 -14.92 14.78
N ILE A 11 18.62 -15.49 14.91
CA ILE A 11 17.46 -15.13 14.09
C ILE A 11 16.59 -14.15 14.86
N SER A 12 16.16 -13.05 14.18
CA SER A 12 15.25 -12.06 14.73
C SER A 12 13.81 -12.50 14.46
N PRO A 13 12.82 -12.00 15.20
CA PRO A 13 11.44 -12.39 14.88
C PRO A 13 10.98 -11.85 13.52
N LEU A 14 10.19 -12.69 12.84
CA LEU A 14 9.43 -12.37 11.61
C LEU A 14 8.01 -12.85 11.76
N GLY A 15 7.08 -11.90 11.80
CA GLY A 15 5.67 -12.21 11.69
C GLY A 15 5.00 -12.73 12.94
N SER A 16 5.73 -13.28 13.89
CA SER A 16 5.05 -13.79 15.07
C SER A 16 5.96 -13.61 16.27
N MET A 17 5.37 -13.19 17.40
CA MET A 17 6.15 -12.85 18.59
C MET A 17 7.00 -11.61 18.31
N ASP A 18 6.43 -10.61 17.64
CA ASP A 18 7.20 -9.43 17.22
C ASP A 18 7.35 -8.44 18.36
N MET A 19 6.27 -8.25 19.10
CA MET A 19 6.17 -7.31 20.20
C MET A 19 5.89 -8.12 21.46
N LEU A 20 6.87 -8.23 22.33
CA LEU A 20 6.81 -9.12 23.46
C LEU A 20 7.19 -8.30 24.69
N SER A 21 6.39 -8.37 25.74
CA SER A 21 6.76 -7.68 26.99
C SER A 21 7.81 -8.48 27.72
N GLN A 22 8.63 -7.78 28.47
CA GLN A 22 9.82 -8.44 29.02
C GLN A 22 9.41 -9.64 29.86
N LEU A 23 8.41 -9.44 30.72
CA LEU A 23 7.91 -10.49 31.60
C LEU A 23 7.45 -11.71 30.80
N GLU A 24 6.84 -11.47 29.64
CA GLU A 24 6.51 -12.57 28.74
C GLU A 24 7.77 -13.18 28.15
N VAL A 25 8.72 -12.34 27.77
CA VAL A 25 9.96 -12.87 27.21
C VAL A 25 10.58 -13.85 28.20
N ASP A 26 10.58 -13.50 29.48
CA ASP A 26 11.10 -14.44 30.47
C ASP A 26 10.35 -15.77 30.41
N MET A 27 9.02 -15.71 30.39
CA MET A 27 8.21 -16.92 30.34
C MET A 27 8.64 -17.84 29.20
N LEU A 28 9.01 -17.27 28.05
CA LEU A 28 9.52 -18.08 26.95
C LEU A 28 10.72 -18.91 27.38
N LYS A 29 11.71 -18.27 28.03
CA LYS A 29 12.95 -18.96 28.34
C LYS A 29 12.77 -20.00 29.43
N ARG A 30 12.00 -19.69 30.47
CA ARG A 30 11.79 -20.71 31.49
C ARG A 30 11.10 -21.92 30.90
N THR A 31 10.08 -21.72 30.06
CA THR A 31 9.46 -22.88 29.41
C THR A 31 10.43 -23.58 28.45
N ALA A 32 11.41 -22.86 27.90
CA ALA A 32 12.34 -23.48 26.94
C ALA A 32 13.34 -24.38 27.63
N SER A 33 13.70 -24.04 28.87
CA SER A 33 14.58 -24.88 29.68
C SER A 33 13.85 -26.05 30.34
N SER A 34 12.53 -25.95 30.56
CA SER A 34 11.75 -27.05 31.08
C SER A 34 11.78 -28.25 30.13
N ASP A 35 11.04 -29.30 30.50
CA ASP A 35 11.05 -30.56 29.75
C ASP A 35 10.48 -30.42 28.34
N LEU A 36 9.75 -29.34 28.06
CA LEU A 36 9.19 -29.10 26.74
C LEU A 36 10.25 -29.04 25.66
N TYR A 37 11.54 -28.97 26.05
CA TYR A 37 12.62 -28.58 25.14
C TYR A 37 12.65 -29.49 23.93
N GLN A 38 12.55 -30.80 24.16
CA GLN A 38 12.68 -31.72 23.04
C GLN A 38 11.69 -31.35 21.94
N LEU A 39 10.44 -31.09 22.34
CA LEU A 39 9.41 -30.74 21.37
C LEU A 39 9.83 -29.51 20.59
N PHE A 40 9.96 -28.38 21.28
CA PHE A 40 10.54 -27.20 20.67
C PHE A 40 11.78 -27.48 19.83
N ARG A 41 12.59 -28.48 20.23
CA ARG A 41 13.78 -28.81 19.46
C ARG A 41 13.42 -29.56 18.18
N ASN A 42 12.65 -30.64 18.32
CA ASN A 42 12.31 -31.47 17.16
C ASN A 42 11.52 -30.67 16.12
N CYS A 43 10.51 -29.95 16.59
CA CYS A 43 9.67 -29.18 15.68
C CYS A 43 10.49 -28.16 14.93
N SER A 44 11.36 -27.44 15.66
CA SER A 44 12.19 -26.41 15.04
C SER A 44 13.12 -27.00 13.99
N LEU A 45 13.63 -28.22 14.21
CA LEU A 45 14.43 -28.87 13.18
C LEU A 45 13.56 -29.20 11.97
N ALA A 46 12.33 -29.65 12.24
CA ALA A 46 11.38 -29.97 11.20
C ALA A 46 11.14 -28.76 10.31
N VAL A 47 10.80 -27.62 10.93
CA VAL A 47 10.49 -26.44 10.13
C VAL A 47 11.67 -26.10 9.24
N LEU A 48 12.89 -26.24 9.75
CA LEU A 48 14.04 -25.87 8.98
C LEU A 48 14.35 -26.85 7.87
N ASN A 49 13.69 -28.02 7.87
CA ASN A 49 13.90 -29.07 6.87
C ASN A 49 12.78 -29.17 5.85
N SER A 50 11.99 -28.10 5.69
CA SER A 50 11.03 -28.03 4.60
C SER A 50 11.73 -27.69 3.30
N GLY A 51 11.02 -27.95 2.20
CA GLY A 51 11.64 -27.90 0.89
C GLY A 51 12.74 -28.93 0.78
N SER A 52 12.69 -29.96 1.62
CA SER A 52 13.76 -30.94 1.71
C SER A 52 14.08 -31.56 0.36
N LEU A 53 15.27 -31.26 -0.17
CA LEU A 53 15.69 -31.83 -1.44
C LEU A 53 15.66 -33.34 -1.38
N THR A 54 16.11 -33.91 -0.26
CA THR A 54 16.00 -35.34 -0.01
C THR A 54 14.59 -35.71 0.47
N ASP A 55 13.97 -36.66 -0.23
CA ASP A 55 12.63 -37.13 0.13
C ASP A 55 12.73 -38.20 1.21
N ASN A 56 13.13 -37.76 2.39
CA ASN A 56 13.18 -38.61 3.57
C ASN A 56 12.37 -37.98 4.68
N SER A 57 12.01 -38.80 5.67
CA SER A 57 11.28 -38.28 6.81
C SER A 57 12.09 -38.36 8.08
N LYS A 58 12.01 -39.50 8.77
CA LYS A 58 12.78 -39.70 9.98
C LYS A 58 14.29 -39.72 9.69
N GLU A 59 14.70 -40.30 8.56
CA GLU A 59 16.12 -40.32 8.22
C GLU A 59 16.64 -38.91 7.99
N LEU A 60 15.83 -38.04 7.37
CA LEU A 60 16.21 -36.65 7.16
C LEU A 60 16.51 -35.94 8.48
N LEU A 61 15.65 -36.13 9.49
CA LEU A 61 15.80 -35.41 10.74
C LEU A 61 16.83 -36.06 11.67
N SER A 62 17.01 -37.38 11.59
CA SER A 62 18.00 -38.02 12.46
C SER A 62 19.45 -37.66 12.09
N ARG A 63 19.70 -37.10 10.89
CA ARG A 63 21.07 -36.74 10.52
C ARG A 63 21.59 -35.57 11.36
N PHE A 64 20.73 -34.62 11.71
CA PHE A 64 21.12 -33.46 12.51
C PHE A 64 20.83 -33.74 13.98
N GLU A 65 21.72 -34.51 14.61
CA GLU A 65 21.67 -34.63 16.07
C GLU A 65 22.37 -33.47 16.76
N ASN A 66 23.30 -32.82 16.07
CA ASN A 66 23.97 -31.63 16.60
C ASN A 66 23.08 -30.39 16.70
N PHE A 67 21.93 -30.36 15.99
CA PHE A 67 21.10 -29.17 16.00
C PHE A 67 20.51 -28.97 17.39
N ASP A 68 20.65 -27.74 17.91
CA ASP A 68 20.01 -27.31 19.15
C ASP A 68 19.66 -25.82 19.02
N ILE A 69 18.57 -25.43 19.67
CA ILE A 69 18.02 -24.07 19.55
C ILE A 69 17.80 -23.51 20.96
N ASN A 70 17.96 -22.20 21.09
CA ASN A 70 17.94 -21.60 22.40
C ASN A 70 17.26 -20.25 22.32
N VAL A 71 16.54 -19.93 23.37
CA VAL A 71 15.78 -18.69 23.39
C VAL A 71 16.73 -17.60 23.93
N LEU A 72 17.09 -16.62 23.10
CA LEU A 72 17.81 -15.47 23.64
C LEU A 72 16.90 -14.46 24.31
N ARG A 73 17.50 -13.46 24.97
CA ARG A 73 16.80 -12.33 25.56
C ARG A 73 17.53 -11.03 25.28
N ARG A 74 16.81 -10.05 24.76
CA ARG A 74 17.26 -8.68 24.65
C ARG A 74 16.18 -7.80 25.28
N GLU A 75 16.48 -6.52 25.43
CA GLU A 75 15.52 -5.64 26.07
C GLU A 75 14.27 -5.48 25.21
N ARG A 76 14.43 -5.34 23.88
CA ARG A 76 13.26 -5.14 23.02
C ARG A 76 12.32 -6.35 23.03
N GLY A 77 12.87 -7.57 22.98
CA GLY A 77 12.00 -8.72 22.80
C GLY A 77 12.66 -10.05 23.11
N VAL A 78 12.61 -10.92 22.10
CA VAL A 78 13.28 -12.22 22.05
C VAL A 78 13.98 -12.31 20.71
N LYS A 79 15.00 -13.16 20.63
CA LYS A 79 15.70 -13.60 19.44
C LYS A 79 15.82 -15.11 19.53
N LEU A 80 16.22 -15.77 18.46
CA LEU A 80 16.36 -17.21 18.50
C LEU A 80 17.78 -17.59 18.12
N GLU A 81 18.39 -18.49 18.90
CA GLU A 81 19.77 -18.95 18.66
C GLU A 81 19.69 -20.30 17.98
N LEU A 82 20.22 -20.37 16.76
CA LEU A 82 20.25 -21.58 15.96
C LEU A 82 21.66 -22.17 16.01
N ILE A 83 21.81 -23.27 16.75
CA ILE A 83 23.10 -23.92 16.92
C ILE A 83 23.12 -25.20 16.07
N ASN A 84 23.97 -25.19 15.03
CA ASN A 84 24.06 -26.15 13.93
C ASN A 84 22.76 -26.37 13.18
N PRO A 85 22.18 -25.35 12.57
CA PRO A 85 21.01 -25.56 11.73
C PRO A 85 21.43 -26.26 10.46
N PRO A 86 20.47 -26.75 9.68
CA PRO A 86 20.79 -27.22 8.33
C PRO A 86 21.01 -26.10 7.34
N GLU A 87 21.85 -26.38 6.37
CA GLU A 87 22.37 -25.32 5.53
C GLU A 87 21.38 -24.92 4.45
N GLU A 88 20.53 -25.86 4.04
CA GLU A 88 19.65 -25.61 2.90
C GLU A 88 18.61 -24.55 3.25
N ALA A 89 18.31 -24.37 4.54
CA ALA A 89 17.39 -23.36 5.04
C ALA A 89 18.04 -21.98 5.18
N PHE A 90 19.20 -21.74 4.55
CA PHE A 90 19.88 -20.44 4.56
C PHE A 90 20.40 -20.14 3.16
N VAL A 91 20.30 -18.88 2.75
CA VAL A 91 20.81 -18.47 1.45
C VAL A 91 21.75 -17.30 1.66
N ASP A 92 23.01 -17.49 1.26
CA ASP A 92 24.05 -16.46 1.40
C ASP A 92 24.12 -15.95 2.85
N GLY A 93 24.09 -16.89 3.81
CA GLY A 93 24.09 -16.57 5.22
C GLY A 93 22.87 -15.85 5.77
N ARG A 94 21.81 -15.67 4.99
CA ARG A 94 20.53 -15.22 5.51
C ARG A 94 19.60 -16.42 5.66
N ILE A 95 18.70 -16.34 6.64
CA ILE A 95 17.66 -17.37 6.77
C ILE A 95 16.59 -17.08 5.73
N ILE A 96 16.05 -18.15 5.15
CA ILE A 96 14.95 -18.01 4.20
C ILE A 96 13.71 -17.49 4.89
N ARG A 97 13.08 -16.44 4.32
CA ARG A 97 12.10 -15.74 5.13
C ARG A 97 10.90 -16.62 5.43
N ALA A 98 10.56 -17.56 4.54
CA ALA A 98 9.55 -18.57 4.82
C ALA A 98 9.81 -19.26 6.14
N LEU A 99 10.99 -19.87 6.25
CA LEU A 99 11.37 -20.67 7.40
C LEU A 99 11.50 -19.80 8.63
N GLN A 100 11.84 -18.54 8.44
CA GLN A 100 11.96 -17.64 9.57
C GLN A 100 10.62 -17.46 10.29
N ALA A 101 9.54 -17.18 9.54
CA ALA A 101 8.22 -17.17 10.17
C ALA A 101 7.91 -18.48 10.86
N ASN A 102 7.90 -19.58 10.08
CA ASN A 102 7.52 -20.88 10.62
C ASN A 102 8.36 -21.30 11.83
N LEU A 103 9.58 -20.77 11.96
CA LEU A 103 10.37 -21.08 13.14
C LEU A 103 9.82 -20.33 14.35
N PHE A 104 9.69 -19.01 14.22
CA PHE A 104 9.07 -18.22 15.28
C PHE A 104 7.61 -18.58 15.47
N ALA A 105 6.98 -19.19 14.45
CA ALA A 105 5.68 -19.83 14.63
C ALA A 105 5.74 -20.91 15.68
N VAL A 106 6.66 -21.86 15.52
CA VAL A 106 6.77 -22.93 16.50
C VAL A 106 7.12 -22.36 17.87
N LEU A 107 8.02 -21.37 17.91
CA LEU A 107 8.28 -20.64 19.15
C LEU A 107 7.00 -20.06 19.75
N ARG A 108 6.13 -19.51 18.87
CA ARG A 108 4.84 -18.99 19.28
C ARG A 108 4.00 -20.08 19.92
N ASP A 109 3.67 -21.13 19.17
CA ASP A 109 2.61 -21.99 19.69
C ASP A 109 3.10 -23.06 20.67
N ILE A 110 4.35 -23.53 20.56
CA ILE A 110 4.80 -24.63 21.42
C ILE A 110 5.18 -24.11 22.81
N LEU A 111 5.79 -22.94 22.89
CA LEU A 111 6.28 -22.41 24.15
C LEU A 111 5.39 -21.33 24.75
N PHE A 112 4.94 -20.39 23.93
CA PHE A 112 4.17 -19.27 24.45
C PHE A 112 2.73 -19.67 24.77
N VAL A 113 2.15 -20.55 23.96
CA VAL A 113 0.79 -21.05 24.11
C VAL A 113 0.83 -22.28 25.01
N TYR A 114 1.21 -23.41 24.39
CA TYR A 114 1.17 -24.73 25.02
C TYR A 114 1.82 -24.72 26.41
N GLY A 115 3.00 -24.11 26.53
CA GLY A 115 3.55 -23.91 27.86
C GLY A 115 2.54 -23.27 28.79
N GLN A 116 2.08 -22.08 28.43
CA GLN A 116 1.33 -21.26 29.36
C GLN A 116 0.03 -21.93 29.81
N ILE A 117 -0.85 -22.29 28.86
CA ILE A 117 -2.20 -22.75 29.20
C ILE A 117 -2.22 -24.10 29.92
N HIS A 118 -1.19 -24.93 29.80
CA HIS A 118 -1.25 -26.26 30.38
C HIS A 118 -1.20 -26.19 31.90
N ASN A 119 -0.22 -25.49 32.45
CA ASN A 119 -0.04 -25.47 33.91
C ASN A 119 -0.08 -24.06 34.49
N THR A 120 0.71 -23.12 33.94
CA THR A 120 0.86 -21.81 34.56
C THR A 120 -0.51 -21.16 34.76
N VAL A 121 -0.85 -20.92 36.03
CA VAL A 121 -2.18 -20.45 36.40
C VAL A 121 -2.16 -18.92 36.25
N ARG A 122 -1.09 -18.40 35.64
CA ARG A 122 -1.06 -17.00 35.19
C ARG A 122 -2.36 -16.58 34.52
N PHE A 123 -3.02 -17.51 33.84
CA PHE A 123 -4.35 -17.33 33.28
C PHE A 123 -5.32 -18.22 34.05
N PRO A 124 -6.17 -17.66 34.96
CA PRO A 124 -7.21 -18.49 35.59
C PRO A 124 -8.38 -18.70 34.64
N ASN A 125 -9.52 -19.18 35.14
CA ASN A 125 -10.73 -19.37 34.33
C ASN A 125 -10.43 -20.27 33.13
N LEU A 126 -9.62 -21.32 33.36
CA LEU A 126 -9.30 -22.30 32.32
C LEU A 126 -9.61 -23.70 32.86
N ASN A 127 -10.90 -24.02 32.96
CA ASN A 127 -11.30 -25.36 33.37
C ASN A 127 -10.76 -26.40 32.41
N LEU A 128 -10.70 -26.07 31.11
CA LEU A 128 -10.21 -26.96 30.07
C LEU A 128 -11.08 -28.21 29.95
N ASP A 129 -12.18 -28.25 30.69
CA ASP A 129 -13.25 -29.23 30.52
C ASP A 129 -14.54 -28.61 30.02
N ASN A 130 -14.85 -27.41 30.48
CA ASN A 130 -16.00 -26.67 30.00
C ASN A 130 -15.85 -26.35 28.50
N SER A 131 -16.86 -26.73 27.70
CA SER A 131 -16.72 -26.63 26.25
C SER A 131 -16.77 -25.20 25.73
N VAL A 132 -17.32 -24.27 26.52
CA VAL A 132 -17.18 -22.85 26.19
C VAL A 132 -15.72 -22.44 26.28
N HIS A 133 -15.01 -22.99 27.26
CA HIS A 133 -13.62 -22.61 27.45
C HIS A 133 -12.76 -23.12 26.30
N ILE A 134 -12.93 -24.38 25.91
CA ILE A 134 -12.15 -24.93 24.79
C ILE A 134 -12.34 -24.09 23.54
N THR A 135 -13.57 -23.72 23.25
CA THR A 135 -13.87 -23.00 22.03
C THR A 135 -13.32 -21.57 22.09
N ASN A 136 -13.62 -20.84 23.17
CA ASN A 136 -13.01 -19.53 23.38
C ASN A 136 -11.47 -19.59 23.43
N LEU A 137 -10.92 -20.73 23.82
CA LEU A 137 -9.45 -20.88 23.77
C LEU A 137 -8.99 -21.02 22.32
N VAL A 138 -9.63 -21.94 21.55
CA VAL A 138 -9.27 -22.11 20.14
C VAL A 138 -9.31 -20.77 19.42
N PHE A 139 -10.26 -19.90 19.79
CA PHE A 139 -10.27 -18.56 19.21
C PHE A 139 -9.02 -17.76 19.58
N SER A 140 -8.70 -17.64 20.89
CA SER A 140 -7.56 -16.80 21.24
C SER A 140 -6.24 -17.31 20.63
N ILE A 141 -6.11 -18.63 20.39
CA ILE A 141 -5.04 -19.13 19.54
C ILE A 141 -5.08 -18.47 18.16
N LEU A 142 -6.10 -18.78 17.36
CA LEU A 142 -6.08 -18.22 16.02
C LEU A 142 -6.07 -16.71 16.03
N ARG A 143 -6.48 -16.07 17.13
CA ARG A 143 -6.30 -14.64 17.17
C ARG A 143 -4.83 -14.29 17.34
N ASN A 144 -4.21 -14.79 18.43
CA ASN A 144 -2.79 -14.56 18.70
C ASN A 144 -1.91 -15.03 17.55
N ALA A 145 -2.42 -15.89 16.69
CA ALA A 145 -1.69 -16.29 15.50
C ALA A 145 -1.97 -15.38 14.32
N ARG A 146 -2.51 -14.18 14.55
CA ARG A 146 -2.92 -13.24 13.49
C ARG A 146 -3.60 -13.96 12.32
N ALA A 147 -4.37 -14.99 12.65
CA ALA A 147 -4.94 -15.88 11.66
C ALA A 147 -6.33 -15.40 11.26
N LEU A 148 -7.11 -14.90 12.22
CA LEU A 148 -8.45 -14.43 11.91
C LEU A 148 -8.37 -12.98 11.46
N HIS A 149 -8.87 -12.70 10.25
CA HIS A 149 -8.84 -11.35 9.68
C HIS A 149 -10.21 -10.68 9.76
N VAL A 150 -10.20 -9.40 10.20
CA VAL A 150 -11.44 -8.64 10.36
C VAL A 150 -11.92 -8.14 9.00
N GLY A 151 -13.22 -8.35 8.73
CA GLY A 151 -13.87 -7.92 7.51
C GLY A 151 -13.44 -8.69 6.28
N GLU A 152 -13.29 -10.00 6.41
CA GLU A 152 -12.75 -10.84 5.34
C GLU A 152 -13.86 -11.65 4.70
N ALA A 153 -14.32 -11.19 3.53
CA ALA A 153 -15.19 -11.99 2.67
C ALA A 153 -14.69 -13.43 2.62
N PRO A 154 -15.58 -14.41 2.75
CA PRO A 154 -15.14 -15.81 2.85
C PRO A 154 -14.57 -16.37 1.55
N ASN A 155 -13.34 -16.94 1.69
CA ASN A 155 -12.61 -17.61 0.63
C ASN A 155 -11.87 -18.83 1.11
N MET A 156 -12.00 -19.24 2.38
CA MET A 156 -11.22 -20.33 2.92
C MET A 156 -11.86 -21.70 2.67
N VAL A 157 -11.11 -22.59 2.01
CA VAL A 157 -11.50 -23.97 1.64
C VAL A 157 -10.53 -24.95 2.30
N VAL A 158 -10.90 -25.55 3.44
CA VAL A 158 -10.09 -26.61 4.09
C VAL A 158 -10.07 -27.88 3.22
N CYS A 159 -8.91 -28.49 3.06
CA CYS A 159 -8.81 -29.74 2.32
C CYS A 159 -8.23 -30.81 3.23
N TRP A 160 -8.87 -31.97 3.26
CA TRP A 160 -8.35 -33.13 3.96
C TRP A 160 -7.99 -34.19 2.93
N GLY A 161 -7.30 -35.23 3.40
CA GLY A 161 -6.77 -36.24 2.50
C GLY A 161 -5.51 -36.90 3.06
N GLY A 162 -4.95 -37.77 2.23
CA GLY A 162 -3.97 -38.74 2.67
C GLY A 162 -2.57 -38.18 2.49
N HIS A 163 -1.73 -38.43 3.51
CA HIS A 163 -0.35 -37.93 3.47
C HIS A 163 0.47 -38.58 2.35
N SER A 164 0.21 -39.83 2.04
CA SER A 164 0.77 -40.48 0.86
C SER A 164 -0.36 -40.85 -0.08
N ILE A 165 -0.20 -40.48 -1.34
CA ILE A 165 -1.20 -40.67 -2.39
C ILE A 165 -0.42 -40.98 -3.65
N ASN A 166 -0.98 -41.86 -4.49
CA ASN A 166 -0.35 -42.16 -5.77
C ASN A 166 -0.15 -40.90 -6.62
N GLU A 167 0.30 -41.06 -7.85
CA GLU A 167 0.52 -39.87 -8.64
C GLU A 167 -0.79 -39.33 -9.24
N ASN A 168 -1.80 -40.19 -9.48
CA ASN A 168 -3.11 -39.68 -9.89
C ASN A 168 -3.70 -38.79 -8.81
N GLU A 169 -4.02 -39.36 -7.64
CA GLU A 169 -4.60 -38.56 -6.56
C GLU A 169 -3.88 -37.23 -6.37
N TYR A 170 -2.54 -37.21 -6.48
CA TYR A 170 -1.82 -35.93 -6.42
C TYR A 170 -2.14 -35.07 -7.63
N LEU A 171 -1.90 -35.57 -8.85
CA LEU A 171 -2.17 -34.76 -10.04
C LEU A 171 -3.58 -34.16 -10.00
N TYR A 172 -4.57 -34.99 -9.65
CA TYR A 172 -5.95 -34.50 -9.56
C TYR A 172 -6.11 -33.45 -8.46
N ALA A 173 -5.76 -33.77 -7.21
CA ALA A 173 -5.84 -32.75 -6.18
C ALA A 173 -5.07 -31.47 -6.55
N ARG A 174 -4.01 -31.58 -7.36
CA ARG A 174 -3.41 -30.36 -7.90
C ARG A 174 -4.40 -29.56 -8.74
N ARG A 175 -5.17 -30.24 -9.61
CA ARG A 175 -6.06 -29.52 -10.51
C ARG A 175 -7.18 -28.80 -9.73
N VAL A 176 -7.83 -29.51 -8.79
CA VAL A 176 -8.78 -28.92 -7.85
C VAL A 176 -8.23 -27.63 -7.25
N GLY A 177 -7.02 -27.67 -6.73
CA GLY A 177 -6.35 -26.44 -6.33
C GLY A 177 -6.29 -25.38 -7.43
N ASN A 178 -5.64 -25.71 -8.56
CA ASN A 178 -5.59 -24.79 -9.71
C ASN A 178 -6.93 -24.14 -9.95
N GLN A 179 -8.01 -24.93 -9.98
CA GLN A 179 -9.33 -24.34 -10.23
C GLN A 179 -9.77 -23.48 -9.03
N LEU A 180 -9.94 -24.10 -7.85
CA LEU A 180 -10.13 -23.37 -6.60
C LEU A 180 -9.42 -22.02 -6.54
N GLY A 181 -8.15 -22.02 -6.91
CA GLY A 181 -7.35 -20.81 -6.91
C GLY A 181 -7.81 -19.81 -7.94
N LEU A 182 -7.93 -20.28 -9.18
CA LEU A 182 -8.48 -19.50 -10.29
C LEU A 182 -9.77 -18.75 -9.94
N ARG A 183 -10.46 -19.17 -8.88
CA ARG A 183 -11.62 -18.48 -8.35
C ARG A 183 -11.30 -17.61 -7.12
N GLU A 184 -10.01 -17.28 -6.90
CA GLU A 184 -9.59 -16.36 -5.84
C GLU A 184 -9.99 -16.89 -4.47
N LEU A 185 -9.77 -18.18 -4.27
CA LEU A 185 -10.03 -18.89 -3.03
C LEU A 185 -8.72 -19.29 -2.36
N ASN A 186 -8.71 -19.29 -1.04
CA ASN A 186 -7.53 -19.62 -0.27
C ASN A 186 -7.68 -21.02 0.28
N ILE A 187 -6.57 -21.76 0.37
CA ILE A 187 -6.59 -23.14 0.83
C ILE A 187 -6.03 -23.25 2.25
N CYS A 188 -6.66 -24.08 3.08
CA CYS A 188 -6.12 -24.48 4.37
C CYS A 188 -6.08 -26.01 4.41
N THR A 189 -4.93 -26.61 4.72
CA THR A 189 -4.81 -28.07 4.84
C THR A 189 -4.30 -28.41 6.24
N GLY A 190 -3.81 -29.63 6.41
CA GLY A 190 -3.15 -30.01 7.65
C GLY A 190 -1.64 -29.94 7.63
N CYS A 191 -1.06 -28.98 6.90
CA CYS A 191 0.37 -28.72 6.72
C CYS A 191 1.22 -29.82 6.07
N GLY A 192 0.70 -31.04 5.86
CA GLY A 192 1.54 -32.18 5.55
C GLY A 192 2.04 -32.32 4.13
N PRO A 193 2.22 -33.58 3.68
CA PRO A 193 2.57 -33.83 2.27
C PRO A 193 1.41 -34.37 1.46
N GLY A 194 1.63 -34.59 0.16
CA GLY A 194 0.62 -35.17 -0.72
C GLY A 194 -0.72 -34.47 -0.86
N ALA A 195 -1.76 -35.03 -0.23
CA ALA A 195 -3.09 -34.43 -0.28
C ALA A 195 -3.12 -33.04 0.35
N MET A 196 -2.14 -32.72 1.20
CA MET A 196 -2.13 -31.41 1.82
C MET A 196 -1.21 -30.44 1.09
N GLU A 197 -0.46 -30.93 0.11
CA GLU A 197 0.43 -30.10 -0.68
C GLU A 197 -0.18 -29.72 -2.02
N ALA A 198 -0.69 -30.70 -2.77
CA ALA A 198 -1.19 -30.49 -4.13
C ALA A 198 -2.23 -29.39 -4.26
N PRO A 199 -3.27 -29.31 -3.38
CA PRO A 199 -4.18 -28.16 -3.46
C PRO A 199 -3.49 -26.82 -3.42
N MET A 200 -2.59 -26.58 -2.46
CA MET A 200 -1.89 -25.29 -2.44
C MET A 200 -0.97 -25.16 -3.65
N LYS A 201 -0.33 -26.26 -4.06
CA LYS A 201 0.65 -26.18 -5.13
C LYS A 201 0.01 -25.65 -6.39
N GLY A 202 -1.18 -26.15 -6.72
CA GLY A 202 -1.85 -25.69 -7.92
C GLY A 202 -2.46 -24.31 -7.71
N ALA A 203 -3.25 -24.18 -6.65
CA ALA A 203 -3.82 -22.92 -6.15
C ALA A 203 -2.86 -21.77 -6.39
N ALA A 204 -1.55 -22.03 -6.27
CA ALA A 204 -0.55 -21.05 -6.64
C ALA A 204 -0.73 -20.60 -8.10
N VAL A 205 -0.67 -21.54 -9.06
CA VAL A 205 -0.53 -21.09 -10.45
C VAL A 205 -1.72 -20.22 -10.82
N GLY A 206 -2.90 -20.61 -10.34
CA GLY A 206 -4.11 -19.92 -10.75
C GLY A 206 -4.31 -18.60 -10.03
N HIS A 207 -3.97 -18.54 -8.73
CA HIS A 207 -3.78 -17.25 -8.10
C HIS A 207 -2.87 -16.38 -8.94
N ALA A 208 -1.91 -16.99 -9.64
CA ALA A 208 -1.03 -16.21 -10.48
C ALA A 208 -1.77 -15.72 -11.69
N GLN A 209 -2.53 -16.61 -12.35
CA GLN A 209 -3.22 -16.25 -13.58
C GLN A 209 -4.27 -15.19 -13.33
N GLN A 210 -4.89 -15.23 -12.15
CA GLN A 210 -5.98 -14.33 -11.86
C GLN A 210 -5.50 -13.13 -11.02
N ARG A 211 -4.19 -12.98 -10.83
CA ARG A 211 -3.60 -11.82 -10.17
C ARG A 211 -4.19 -11.59 -8.79
N TYR A 212 -4.43 -12.69 -8.08
CA TYR A 212 -4.73 -12.62 -6.66
C TYR A 212 -3.44 -12.42 -5.88
N LYS A 213 -3.39 -11.37 -5.05
CA LYS A 213 -2.13 -10.90 -4.50
C LYS A 213 -1.97 -11.17 -3.01
N ASP A 214 -2.59 -12.20 -2.46
CA ASP A 214 -2.44 -12.43 -1.04
C ASP A 214 -2.84 -13.86 -0.74
N SER A 215 -2.24 -14.80 -1.48
CA SER A 215 -2.50 -16.20 -1.21
C SER A 215 -2.41 -16.45 0.28
N ARG A 216 -3.18 -17.39 0.79
CA ARG A 216 -3.22 -17.70 2.22
C ARG A 216 -3.21 -19.21 2.39
N PHE A 217 -2.03 -19.82 2.29
CA PHE A 217 -1.96 -21.29 2.27
C PHE A 217 -1.71 -21.77 3.70
N ILE A 218 -2.72 -21.56 4.57
CA ILE A 218 -2.70 -22.04 5.96
C ILE A 218 -2.46 -23.54 6.03
N GLY A 219 -1.92 -23.99 7.14
CA GLY A 219 -1.67 -25.40 7.37
C GLY A 219 -1.69 -25.59 8.88
N MET A 220 -2.62 -26.43 9.38
CA MET A 220 -2.77 -26.63 10.81
C MET A 220 -2.26 -27.99 11.24
N THR A 221 -1.77 -28.06 12.46
CA THR A 221 -1.17 -29.30 12.89
C THR A 221 -1.05 -29.24 14.40
N GLU A 222 -0.55 -30.35 14.95
CA GLU A 222 -0.48 -30.68 16.36
C GLU A 222 0.92 -31.24 16.62
N PRO A 223 1.47 -31.05 17.84
CA PRO A 223 2.89 -31.30 18.08
C PRO A 223 3.45 -32.66 17.66
N SER A 224 2.71 -33.75 17.80
CA SER A 224 3.29 -35.04 17.45
C SER A 224 3.48 -35.18 15.95
N ILE A 225 2.59 -34.57 15.15
CA ILE A 225 2.67 -34.78 13.72
C ILE A 225 3.83 -33.98 13.12
N ILE A 226 4.00 -32.72 13.54
CA ILE A 226 4.98 -31.84 12.89
C ILE A 226 6.39 -32.30 13.20
N ALA A 227 6.62 -32.79 14.41
CA ALA A 227 7.92 -33.36 14.78
C ALA A 227 8.42 -34.38 13.75
N ALA A 228 7.55 -35.26 13.25
CA ALA A 228 7.95 -36.19 12.19
C ALA A 228 7.81 -35.64 10.78
N GLU A 229 6.72 -34.90 10.50
CA GLU A 229 6.42 -34.40 9.16
C GLU A 229 6.81 -32.93 9.07
N PRO A 230 7.85 -32.57 8.33
CA PRO A 230 8.09 -31.17 8.06
C PRO A 230 6.95 -30.59 7.26
N PRO A 231 6.51 -29.36 7.54
CA PRO A 231 5.51 -28.72 6.69
C PRO A 231 6.01 -28.59 5.25
N ASN A 232 5.07 -28.61 4.28
CA ASN A 232 5.44 -28.46 2.87
C ASN A 232 5.87 -27.01 2.57
N PRO A 233 6.57 -26.79 1.46
CA PRO A 233 7.14 -25.46 1.20
C PRO A 233 6.12 -24.42 0.87
N LEU A 234 4.84 -24.79 0.68
CA LEU A 234 3.91 -23.79 0.19
C LEU A 234 3.26 -23.01 1.33
N VAL A 235 3.03 -23.67 2.48
CA VAL A 235 2.46 -23.12 3.69
C VAL A 235 2.88 -21.70 4.07
N ASN A 236 1.96 -20.74 4.01
CA ASN A 236 2.23 -19.35 4.40
C ASN A 236 2.05 -19.15 5.88
N GLU A 237 0.95 -19.65 6.40
CA GLU A 237 0.74 -19.60 7.83
C GLU A 237 0.86 -21.00 8.42
N LEU A 238 1.75 -21.14 9.41
CA LEU A 238 1.77 -22.36 10.17
C LEU A 238 1.07 -22.04 11.48
N ILE A 239 0.20 -22.95 11.89
CA ILE A 239 -0.54 -22.87 13.14
C ILE A 239 -0.47 -24.24 13.80
N ILE A 240 -0.05 -24.28 15.05
CA ILE A 240 0.07 -25.56 15.75
C ILE A 240 -0.94 -25.59 16.88
N MET A 241 -1.85 -26.56 16.84
CA MET A 241 -2.83 -26.60 17.90
C MET A 241 -2.49 -27.72 18.87
N PRO A 242 -2.71 -27.49 20.17
CA PRO A 242 -2.29 -28.45 21.21
C PRO A 242 -2.54 -29.93 20.94
N ASP A 243 -3.77 -30.35 20.68
CA ASP A 243 -4.05 -31.77 20.48
C ASP A 243 -4.87 -31.92 19.20
N ILE A 244 -4.97 -33.14 18.66
CA ILE A 244 -5.74 -33.34 17.41
C ILE A 244 -7.17 -32.87 17.57
N GLU A 245 -7.75 -33.09 18.76
CA GLU A 245 -9.12 -32.65 19.04
C GLU A 245 -9.26 -31.14 18.85
N LYS A 246 -8.47 -30.35 19.57
CA LYS A 246 -8.54 -28.90 19.39
C LYS A 246 -8.13 -28.49 17.98
N ARG A 247 -7.33 -29.31 17.29
CA ARG A 247 -7.01 -29.03 15.90
C ARG A 247 -8.23 -29.19 15.01
N LEU A 248 -9.00 -30.28 15.19
CA LEU A 248 -10.18 -30.53 14.38
C LEU A 248 -11.28 -29.51 14.65
N GLU A 249 -11.46 -29.12 15.92
CA GLU A 249 -12.44 -28.09 16.21
C GLU A 249 -12.12 -26.82 15.43
N ALA A 250 -10.84 -26.40 15.47
CA ALA A 250 -10.42 -25.20 14.75
C ALA A 250 -10.46 -25.37 13.24
N PHE A 251 -10.23 -26.58 12.72
CA PHE A 251 -10.53 -26.83 11.30
C PHE A 251 -11.94 -26.33 10.93
N VAL A 252 -12.92 -26.88 11.64
CA VAL A 252 -14.31 -26.55 11.41
C VAL A 252 -14.54 -25.05 11.53
N ARG A 253 -14.00 -24.42 12.57
CA ARG A 253 -14.37 -23.04 12.80
C ARG A 253 -13.88 -22.13 11.67
N ILE A 254 -12.68 -22.39 11.13
CA ILE A 254 -12.15 -21.43 10.15
C ILE A 254 -12.61 -21.71 8.73
N ALA A 255 -13.06 -22.93 8.44
CA ALA A 255 -13.43 -23.25 7.06
C ALA A 255 -14.75 -22.56 6.65
N HIS A 256 -14.76 -22.06 5.40
CA HIS A 256 -15.97 -21.71 4.64
C HIS A 256 -16.26 -22.73 3.56
N GLY A 257 -15.65 -23.91 3.64
CA GLY A 257 -15.77 -25.00 2.68
C GLY A 257 -14.78 -26.10 3.07
N ILE A 258 -15.21 -27.36 2.91
CA ILE A 258 -14.40 -28.56 3.15
C ILE A 258 -14.53 -29.56 2.01
N ILE A 259 -13.42 -29.82 1.34
CA ILE A 259 -13.27 -30.86 0.32
C ILE A 259 -12.46 -31.99 0.96
N ILE A 260 -13.00 -33.20 0.94
CA ILE A 260 -12.26 -34.38 1.39
C ILE A 260 -11.79 -35.19 0.17
N PHE A 261 -10.47 -35.26 0.00
CA PHE A 261 -9.79 -36.02 -1.05
C PHE A 261 -9.60 -37.49 -0.67
N PRO A 262 -9.13 -38.34 -1.63
CA PRO A 262 -9.01 -39.78 -1.34
C PRO A 262 -7.94 -40.10 -0.31
N GLY A 263 -8.31 -40.14 0.97
CA GLY A 263 -7.30 -40.32 2.00
C GLY A 263 -7.20 -41.71 2.62
N GLY A 264 -7.41 -42.77 1.84
CA GLY A 264 -7.41 -44.15 2.33
C GLY A 264 -8.47 -44.30 3.42
N VAL A 265 -8.29 -45.31 4.28
CA VAL A 265 -9.16 -45.47 5.44
C VAL A 265 -8.95 -44.37 6.48
N GLY A 266 -7.95 -43.50 6.28
CA GLY A 266 -7.68 -42.36 7.16
C GLY A 266 -8.75 -41.28 7.16
N THR A 267 -9.64 -41.25 6.16
CA THR A 267 -10.69 -40.24 6.10
C THR A 267 -11.97 -40.67 6.79
N ALA A 268 -12.16 -41.98 7.07
CA ALA A 268 -13.43 -42.45 7.59
C ALA A 268 -13.78 -41.75 8.89
N GLU A 269 -12.88 -41.79 9.87
CA GLU A 269 -13.16 -41.04 11.09
C GLU A 269 -13.33 -39.56 10.78
N GLU A 270 -12.61 -39.07 9.77
CA GLU A 270 -12.70 -37.67 9.39
C GLU A 270 -14.15 -37.30 9.02
N LEU A 271 -14.73 -38.03 8.05
CA LEU A 271 -16.10 -37.78 7.61
C LEU A 271 -17.10 -37.93 8.76
N LEU A 272 -16.99 -39.04 9.50
CA LEU A 272 -17.82 -39.26 10.69
C LEU A 272 -17.60 -38.21 11.77
N TYR A 273 -16.44 -37.53 11.77
CA TYR A 273 -16.31 -36.38 12.67
C TYR A 273 -17.12 -35.20 12.17
N LEU A 274 -17.02 -34.90 10.88
CA LEU A 274 -17.80 -33.79 10.33
C LEU A 274 -19.28 -34.06 10.57
N LEU A 275 -19.77 -35.21 10.08
CA LEU A 275 -21.18 -35.54 10.17
C LEU A 275 -21.71 -35.34 11.59
N GLY A 276 -21.00 -35.88 12.59
CA GLY A 276 -21.49 -35.80 13.95
C GLY A 276 -21.68 -34.38 14.47
N ILE A 277 -21.08 -33.38 13.81
CA ILE A 277 -21.42 -32.00 14.14
C ILE A 277 -22.48 -31.49 13.18
N LEU A 278 -22.50 -32.00 11.94
CA LEU A 278 -23.41 -31.47 10.93
C LEU A 278 -24.85 -31.98 11.13
N MET A 279 -24.98 -33.27 11.48
CA MET A 279 -26.22 -33.95 11.78
C MET A 279 -26.73 -33.65 13.17
N ASN A 280 -25.93 -32.98 14.00
CA ASN A 280 -26.44 -32.55 15.28
C ASN A 280 -27.57 -31.56 15.02
N PRO A 281 -28.53 -31.45 15.93
CA PRO A 281 -29.64 -30.50 15.74
C PRO A 281 -29.25 -29.05 15.44
N ALA A 282 -28.83 -28.32 16.49
CA ALA A 282 -28.70 -26.86 16.45
C ALA A 282 -27.93 -26.32 15.25
N ASN A 283 -27.47 -27.24 14.39
CA ASN A 283 -26.68 -26.98 13.20
C ASN A 283 -27.44 -27.40 11.94
N LYS A 284 -28.77 -27.16 11.90
CA LYS A 284 -29.52 -27.43 10.66
C LYS A 284 -29.60 -26.19 9.78
N ASP A 285 -29.32 -25.03 10.34
CA ASP A 285 -29.25 -23.79 9.60
C ASP A 285 -27.85 -23.45 9.06
N GLN A 286 -26.77 -23.95 9.68
CA GLN A 286 -25.41 -23.59 9.27
C GLN A 286 -25.07 -24.08 7.87
N VAL A 287 -24.17 -23.35 7.22
CA VAL A 287 -23.84 -23.56 5.81
C VAL A 287 -22.35 -23.91 5.71
N LEU A 288 -22.03 -25.20 5.62
CA LEU A 288 -20.66 -25.68 5.49
C LEU A 288 -20.58 -26.73 4.39
N PRO A 289 -20.41 -26.29 3.15
CA PRO A 289 -20.32 -27.24 2.02
C PRO A 289 -19.26 -28.31 2.24
N LEU A 290 -19.67 -29.53 1.96
CA LEU A 290 -18.84 -30.73 2.08
C LEU A 290 -18.91 -31.51 0.79
N ILE A 291 -17.95 -31.28 -0.07
CA ILE A 291 -17.77 -32.08 -1.23
C ILE A 291 -16.70 -33.11 -0.92
N LEU A 292 -16.90 -34.32 -1.40
CA LEU A 292 -15.84 -35.33 -1.50
C LEU A 292 -15.49 -35.45 -2.97
N THR A 293 -14.22 -35.58 -3.30
CA THR A 293 -13.88 -35.66 -4.71
C THR A 293 -12.68 -36.57 -4.87
N GLY A 294 -12.25 -36.78 -6.10
CA GLY A 294 -11.18 -37.71 -6.35
C GLY A 294 -11.03 -37.88 -7.83
N PRO A 295 -10.02 -38.61 -8.29
CA PRO A 295 -9.88 -38.87 -9.73
C PRO A 295 -10.55 -40.19 -10.15
N LYS A 296 -10.45 -40.58 -11.43
CA LYS A 296 -11.28 -41.66 -11.95
C LYS A 296 -11.31 -42.88 -11.03
N GLU A 297 -10.14 -43.30 -10.55
CA GLU A 297 -10.02 -44.56 -9.84
C GLU A 297 -10.54 -44.46 -8.42
N SER A 298 -10.83 -43.26 -7.95
CA SER A 298 -11.36 -43.08 -6.60
C SER A 298 -12.82 -43.46 -6.51
N ALA A 299 -13.46 -43.73 -7.66
CA ALA A 299 -14.91 -43.92 -7.73
C ALA A 299 -15.38 -44.96 -6.72
N ASP A 300 -14.93 -46.19 -6.90
CA ASP A 300 -15.26 -47.25 -5.96
C ASP A 300 -14.85 -46.96 -4.50
N TYR A 301 -13.81 -46.13 -4.28
CA TYR A 301 -13.29 -45.89 -2.92
C TYR A 301 -14.26 -45.09 -2.06
N PHE A 302 -14.80 -44.02 -2.64
CA PHE A 302 -15.97 -43.37 -2.08
C PHE A 302 -17.17 -44.32 -2.03
N ARG A 303 -17.33 -45.18 -3.04
CA ARG A 303 -18.53 -46.02 -3.12
C ARG A 303 -18.79 -46.74 -1.81
N VAL A 304 -17.95 -47.72 -1.47
CA VAL A 304 -18.09 -48.46 -0.22
C VAL A 304 -18.31 -47.51 0.95
N LEU A 305 -17.51 -46.43 1.00
CA LEU A 305 -17.66 -45.37 2.00
C LEU A 305 -19.11 -44.91 2.15
N ASP A 306 -19.67 -44.32 1.09
CA ASP A 306 -21.00 -43.71 1.14
C ASP A 306 -22.03 -44.73 1.61
N GLU A 307 -21.96 -45.93 1.07
CA GLU A 307 -22.81 -47.01 1.54
C GLU A 307 -22.74 -47.14 3.04
N PHE A 308 -21.53 -47.19 3.61
CA PHE A 308 -21.43 -47.43 5.04
C PHE A 308 -22.22 -46.39 5.83
N VAL A 309 -22.13 -45.12 5.41
CA VAL A 309 -22.76 -44.03 6.16
C VAL A 309 -24.27 -44.08 6.01
N VAL A 310 -24.76 -44.22 4.76
CA VAL A 310 -26.21 -44.31 4.52
C VAL A 310 -26.83 -45.36 5.43
N HIS A 311 -26.25 -46.56 5.46
CA HIS A 311 -26.86 -47.64 6.21
C HIS A 311 -26.73 -47.40 7.72
N THR A 312 -25.61 -46.82 8.18
CA THR A 312 -25.44 -46.56 9.61
C THR A 312 -26.22 -45.34 10.08
N LEU A 313 -25.95 -44.17 9.48
CA LEU A 313 -26.61 -42.94 9.91
C LEU A 313 -27.95 -42.69 9.22
N GLY A 314 -28.17 -43.26 8.05
CA GLY A 314 -29.37 -42.99 7.29
C GLY A 314 -29.04 -42.27 5.99
N GLU A 315 -30.06 -42.19 5.10
CA GLU A 315 -29.94 -41.32 3.93
C GLU A 315 -30.03 -39.84 4.28
N ASN A 316 -30.40 -39.50 5.52
CA ASN A 316 -30.33 -38.12 5.99
C ASN A 316 -28.89 -37.60 6.17
N ALA A 317 -27.89 -38.48 6.20
CA ALA A 317 -26.53 -38.00 6.24
C ALA A 317 -26.11 -37.48 4.88
N ARG A 318 -26.70 -37.96 3.77
CA ARG A 318 -26.42 -37.44 2.44
C ARG A 318 -26.88 -36.04 2.24
N ARG A 319 -27.54 -35.49 3.25
CA ARG A 319 -27.90 -34.07 3.22
C ARG A 319 -26.65 -33.21 3.37
N HIS A 320 -25.73 -33.62 4.22
CA HIS A 320 -24.59 -32.79 4.57
C HIS A 320 -23.39 -32.97 3.63
N TYR A 321 -23.50 -33.83 2.62
CA TYR A 321 -22.37 -34.03 1.73
C TYR A 321 -22.87 -34.26 0.33
N ARG A 322 -21.92 -34.29 -0.59
CA ARG A 322 -22.18 -34.45 -2.01
C ARG A 322 -20.97 -35.18 -2.49
N ILE A 323 -20.99 -35.66 -3.72
CA ILE A 323 -19.82 -36.36 -4.26
C ILE A 323 -19.68 -36.09 -5.74
N ILE A 324 -18.53 -35.56 -6.09
CA ILE A 324 -18.15 -35.26 -7.45
C ILE A 324 -16.97 -36.16 -7.75
N ILE A 325 -16.84 -36.60 -8.98
CA ILE A 325 -15.70 -37.43 -9.34
C ILE A 325 -15.15 -36.94 -10.67
N ASP A 326 -13.83 -36.76 -10.73
CA ASP A 326 -13.11 -36.42 -11.94
C ASP A 326 -13.54 -35.09 -12.57
N ASP A 327 -14.36 -34.32 -11.86
CA ASP A 327 -14.73 -32.97 -12.29
C ASP A 327 -14.06 -31.94 -11.39
N ALA A 328 -12.74 -31.87 -11.51
CA ALA A 328 -11.95 -30.80 -10.89
C ALA A 328 -12.72 -29.49 -10.94
N ALA A 329 -12.79 -28.91 -12.14
CA ALA A 329 -13.49 -27.64 -12.39
C ALA A 329 -14.75 -27.45 -11.55
N GLU A 330 -15.64 -28.44 -11.54
CA GLU A 330 -16.92 -28.27 -10.84
C GLU A 330 -16.71 -28.06 -9.34
N VAL A 331 -15.73 -28.76 -8.74
CA VAL A 331 -15.72 -28.76 -7.29
C VAL A 331 -15.32 -27.38 -6.81
N ALA A 332 -14.59 -26.66 -7.65
CA ALA A 332 -14.29 -25.25 -7.41
C ALA A 332 -15.53 -24.40 -7.68
N ARG A 333 -16.17 -24.63 -8.82
CA ARG A 333 -17.33 -23.81 -9.20
C ARG A 333 -18.38 -23.81 -8.12
N GLN A 334 -18.68 -24.99 -7.57
CA GLN A 334 -19.69 -25.09 -6.51
C GLN A 334 -19.17 -24.45 -5.23
N MET A 335 -17.90 -24.67 -4.95
CA MET A 335 -17.29 -24.06 -3.77
C MET A 335 -17.31 -22.55 -3.85
N LYS A 336 -16.93 -22.00 -5.01
CA LYS A 336 -16.93 -20.55 -5.18
C LYS A 336 -18.35 -20.06 -5.02
N LYS A 337 -19.29 -20.75 -5.69
CA LYS A 337 -20.72 -20.46 -5.52
C LYS A 337 -21.16 -20.47 -4.05
N SER A 338 -20.76 -21.48 -3.29
CA SER A 338 -21.24 -21.54 -1.90
C SER A 338 -20.71 -20.40 -1.02
N MET A 339 -19.57 -19.79 -1.37
CA MET A 339 -19.05 -18.70 -0.54
C MET A 339 -20.11 -17.64 -0.23
N PRO A 340 -20.81 -17.04 -1.23
CA PRO A 340 -21.78 -15.99 -0.90
C PRO A 340 -22.87 -16.47 0.02
N LEU A 341 -23.27 -17.72 -0.10
CA LEU A 341 -24.24 -18.24 0.85
C LEU A 341 -23.63 -18.38 2.24
N VAL A 342 -22.34 -18.64 2.31
CA VAL A 342 -21.74 -18.84 3.61
C VAL A 342 -21.60 -17.49 4.31
N LYS A 343 -21.35 -16.43 3.54
CA LYS A 343 -21.39 -15.09 4.10
C LYS A 343 -22.74 -14.79 4.71
N GLU A 344 -23.81 -15.08 3.96
CA GLU A 344 -25.19 -14.74 4.37
C GLU A 344 -25.60 -15.47 5.63
N ASN A 345 -25.25 -16.75 5.74
CA ASN A 345 -25.64 -17.54 6.91
C ASN A 345 -24.96 -17.03 8.18
N ARG A 346 -23.66 -16.70 8.11
CA ARG A 346 -23.03 -16.02 9.25
C ARG A 346 -23.57 -14.60 9.43
N ARG A 347 -24.12 -14.00 8.38
CA ARG A 347 -24.61 -12.64 8.52
C ARG A 347 -25.93 -12.59 9.25
N ASP A 348 -26.91 -13.38 8.77
CA ASP A 348 -28.22 -13.39 9.39
C ASP A 348 -28.11 -13.77 10.87
N THR A 349 -27.32 -14.83 11.16
CA THR A 349 -27.13 -15.29 12.54
C THR A 349 -26.37 -14.28 13.41
N GLY A 350 -25.91 -13.15 12.88
CA GLY A 350 -25.15 -12.22 13.72
C GLY A 350 -23.77 -12.73 14.11
N ASP A 351 -23.16 -13.54 13.26
CA ASP A 351 -21.91 -14.25 13.52
C ASP A 351 -20.78 -13.70 12.67
N ALA A 352 -19.55 -14.06 13.03
CA ALA A 352 -18.34 -13.59 12.35
C ALA A 352 -18.03 -14.41 11.10
N TYR A 353 -17.35 -13.78 10.13
CA TYR A 353 -17.10 -14.43 8.84
C TYR A 353 -15.90 -15.37 8.92
N SER A 354 -14.92 -15.01 9.72
CA SER A 354 -13.69 -15.77 9.82
C SER A 354 -13.77 -16.92 10.82
N PHE A 355 -14.71 -16.84 11.78
CA PHE A 355 -14.89 -17.82 12.86
C PHE A 355 -16.35 -18.16 13.17
N ASN A 356 -16.75 -19.38 12.78
CA ASN A 356 -18.09 -19.95 13.01
C ASN A 356 -18.32 -20.26 14.49
N TRP A 357 -18.61 -19.20 15.25
CA TRP A 357 -18.96 -19.40 16.65
C TRP A 357 -20.19 -20.28 16.81
N SER A 358 -21.16 -20.18 15.90
CA SER A 358 -22.53 -20.66 16.15
C SER A 358 -22.70 -22.16 15.97
N MET A 359 -21.80 -22.81 15.21
CA MET A 359 -21.79 -24.26 15.12
C MET A 359 -21.68 -24.83 16.52
N ARG A 360 -22.56 -25.77 16.84
CA ARG A 360 -22.55 -26.36 18.18
C ARG A 360 -21.76 -27.65 18.05
N ILE A 361 -20.49 -27.60 18.47
CA ILE A 361 -19.68 -28.81 18.38
C ILE A 361 -19.90 -29.59 19.66
N ALA A 362 -20.23 -30.87 19.51
CA ALA A 362 -20.53 -31.71 20.65
C ALA A 362 -19.34 -31.75 21.61
N PRO A 363 -19.55 -31.50 22.91
CA PRO A 363 -18.49 -31.78 23.89
C PRO A 363 -17.94 -33.21 23.76
N ASP A 364 -18.77 -34.17 23.35
CA ASP A 364 -18.28 -35.51 23.05
C ASP A 364 -17.10 -35.48 22.09
N LEU A 365 -17.20 -34.65 21.05
CA LEU A 365 -16.20 -34.65 19.99
C LEU A 365 -14.96 -33.88 20.39
N GLN A 366 -15.08 -32.95 21.35
CA GLN A 366 -13.97 -32.14 21.81
C GLN A 366 -13.03 -32.91 22.73
N MET A 367 -13.55 -33.84 23.51
CA MET A 367 -12.74 -34.54 24.49
C MET A 367 -11.97 -35.66 23.80
N PRO A 368 -10.78 -36.03 24.31
CA PRO A 368 -9.95 -37.04 23.64
C PRO A 368 -10.22 -38.46 24.12
N PHE A 369 -9.99 -39.43 23.22
CA PHE A 369 -10.55 -40.78 23.38
C PHE A 369 -9.47 -41.78 23.78
N GLU A 370 -9.78 -42.63 24.76
CA GLU A 370 -8.92 -43.73 25.23
C GLU A 370 -9.50 -45.06 24.76
N PRO A 371 -8.83 -45.82 23.91
CA PRO A 371 -9.46 -47.03 23.35
C PRO A 371 -9.30 -48.22 24.28
N SER A 372 -9.45 -47.99 25.59
CA SER A 372 -9.36 -49.08 26.54
C SER A 372 -10.38 -50.14 26.18
N HIS A 373 -9.99 -51.41 26.37
CA HIS A 373 -10.84 -52.51 25.94
C HIS A 373 -12.19 -52.46 26.62
N GLU A 374 -12.21 -52.01 27.89
CA GLU A 374 -13.47 -51.80 28.58
C GLU A 374 -14.27 -50.69 27.91
N ASN A 375 -13.62 -49.56 27.67
CA ASN A 375 -14.29 -48.42 27.05
C ASN A 375 -14.76 -48.74 25.63
N MET A 376 -13.96 -49.52 24.89
CA MET A 376 -14.34 -49.92 23.53
C MET A 376 -15.63 -50.73 23.52
N ALA A 377 -15.69 -51.74 24.38
CA ALA A 377 -16.90 -52.56 24.47
C ALA A 377 -18.10 -51.73 24.91
N ASN A 378 -17.92 -50.92 25.96
CA ASN A 378 -18.98 -50.07 26.48
C ASN A 378 -19.42 -48.99 25.51
N LEU A 379 -18.74 -48.85 24.37
CA LEU A 379 -19.10 -47.84 23.38
C LEU A 379 -20.44 -48.19 22.76
N LYS A 380 -21.46 -47.38 23.00
CA LYS A 380 -22.82 -47.69 22.55
C LYS A 380 -22.94 -47.53 21.04
N LEU A 381 -23.14 -48.65 20.34
CA LEU A 381 -23.20 -48.67 18.88
C LEU A 381 -24.54 -49.23 18.42
N TYR A 382 -25.63 -48.60 18.84
CA TYR A 382 -26.94 -49.05 18.41
C TYR A 382 -27.66 -47.97 17.61
N PRO A 383 -28.56 -48.35 16.69
CA PRO A 383 -29.30 -47.34 15.93
C PRO A 383 -30.50 -46.74 16.67
N ASP A 384 -30.91 -47.33 17.81
CA ASP A 384 -31.88 -46.65 18.66
C ASP A 384 -31.31 -45.35 19.21
N GLN A 385 -29.99 -45.28 19.38
CA GLN A 385 -29.36 -44.05 19.84
C GLN A 385 -29.35 -43.04 18.70
N PRO A 386 -29.42 -41.74 19.00
CA PRO A 386 -29.59 -40.73 17.95
C PRO A 386 -28.41 -40.68 16.98
N VAL A 387 -28.65 -40.13 15.79
CA VAL A 387 -27.61 -40.13 14.75
C VAL A 387 -26.39 -39.29 15.16
N GLU A 388 -26.56 -38.23 15.95
CA GLU A 388 -25.40 -37.44 16.36
C GLU A 388 -24.49 -38.27 17.26
N VAL A 389 -25.06 -38.98 18.22
CA VAL A 389 -24.25 -39.80 19.12
C VAL A 389 -23.80 -41.08 18.40
N LEU A 390 -24.60 -41.57 17.44
CA LEU A 390 -24.19 -42.76 16.69
C LEU A 390 -22.93 -42.50 15.87
N ALA A 391 -22.89 -41.39 15.15
CA ALA A 391 -21.71 -41.04 14.39
C ALA A 391 -20.54 -40.71 15.30
N ALA A 392 -20.80 -40.04 16.44
CA ALA A 392 -19.73 -39.72 17.37
C ALA A 392 -19.09 -40.98 17.94
N ASP A 393 -19.91 -42.00 18.23
CA ASP A 393 -19.39 -43.26 18.73
C ASP A 393 -18.82 -44.15 17.62
N LEU A 394 -19.35 -44.02 16.39
CA LEU A 394 -18.78 -44.76 15.27
C LEU A 394 -17.36 -44.27 14.95
N ARG A 395 -17.10 -42.98 15.15
CA ARG A 395 -15.77 -42.42 14.89
C ARG A 395 -14.76 -42.89 15.92
N ARG A 396 -15.08 -42.71 17.21
CA ARG A 396 -14.17 -43.18 18.25
C ARG A 396 -13.91 -44.67 18.13
N ALA A 397 -14.89 -45.42 17.61
CA ALA A 397 -14.67 -46.85 17.34
C ALA A 397 -13.60 -47.05 16.26
N PHE A 398 -13.77 -46.40 15.11
CA PHE A 398 -12.82 -46.60 14.01
C PHE A 398 -11.43 -46.08 14.34
N SER A 399 -11.34 -44.94 15.03
CA SER A 399 -10.03 -44.40 15.36
C SER A 399 -9.22 -45.39 16.20
N GLY A 400 -9.89 -46.16 17.05
CA GLY A 400 -9.20 -47.10 17.92
C GLY A 400 -8.96 -48.48 17.35
N ILE A 401 -10.01 -49.08 16.74
CA ILE A 401 -9.88 -50.45 16.23
C ILE A 401 -8.82 -50.51 15.14
N VAL A 402 -8.88 -49.58 14.18
CA VAL A 402 -7.93 -49.61 13.07
C VAL A 402 -6.54 -49.18 13.53
N ALA A 403 -6.39 -47.92 13.93
CA ALA A 403 -5.10 -47.45 14.44
C ALA A 403 -4.98 -47.69 15.93
N ILE A 411 -2.97 -54.83 18.54
CA ILE A 411 -2.17 -54.10 19.51
C ILE A 411 -1.78 -55.03 20.65
N ARG A 412 -0.96 -54.54 21.60
CA ARG A 412 -0.50 -55.36 22.70
C ARG A 412 -1.63 -55.76 23.64
N ALA A 413 -2.71 -54.98 23.66
CA ALA A 413 -3.83 -55.22 24.56
C ALA A 413 -4.87 -56.17 23.99
N ILE A 414 -4.96 -56.31 22.66
CA ILE A 414 -5.82 -57.34 22.10
C ILE A 414 -5.22 -58.73 22.26
N GLU A 415 -3.98 -58.82 22.76
CA GLU A 415 -3.35 -60.07 23.15
C GLU A 415 -3.50 -60.36 24.64
N GLU A 416 -3.46 -59.33 25.48
CA GLU A 416 -3.68 -59.50 26.92
C GLU A 416 -5.14 -59.86 27.19
N PHE A 417 -6.06 -58.96 26.84
CA PHE A 417 -7.49 -59.16 27.14
C PHE A 417 -8.18 -59.97 26.05
N GLY A 418 -8.33 -59.39 24.85
CA GLY A 418 -8.92 -60.08 23.72
C GLY A 418 -9.25 -59.17 22.54
N PRO A 419 -9.84 -59.73 21.48
CA PRO A 419 -10.29 -58.88 20.37
C PRO A 419 -11.41 -57.94 20.81
N TYR A 420 -11.63 -56.89 20.01
CA TYR A 420 -12.55 -55.81 20.38
C TYR A 420 -14.00 -56.25 20.20
N LYS A 421 -14.57 -56.84 21.26
CA LYS A 421 -15.96 -57.29 21.27
C LYS A 421 -16.86 -56.11 21.66
N ILE A 422 -17.19 -55.30 20.66
CA ILE A 422 -18.04 -54.14 20.92
C ILE A 422 -19.49 -54.63 21.08
N ASN A 423 -20.16 -54.17 22.15
CA ASN A 423 -21.58 -54.48 22.37
C ASN A 423 -22.40 -53.52 21.51
N GLY A 424 -22.35 -53.73 20.19
CA GLY A 424 -23.08 -52.92 19.25
C GLY A 424 -24.14 -53.76 18.55
N ASP A 425 -25.07 -53.07 17.90
CA ASP A 425 -26.05 -53.74 17.06
C ASP A 425 -25.36 -54.45 15.91
N LYS A 426 -25.82 -55.68 15.61
CA LYS A 426 -25.07 -56.54 14.70
C LYS A 426 -25.02 -55.96 13.28
N GLU A 427 -26.13 -55.37 12.81
CA GLU A 427 -26.14 -54.81 11.46
C GLU A 427 -25.17 -53.63 11.34
N ILE A 428 -25.09 -52.81 12.39
CA ILE A 428 -24.04 -51.78 12.45
C ILE A 428 -22.67 -52.42 12.38
N MET A 429 -22.40 -53.41 13.25
CA MET A 429 -21.13 -54.13 13.17
C MET A 429 -20.93 -54.79 11.82
N ARG A 430 -22.02 -55.23 11.18
CA ARG A 430 -21.90 -55.90 9.90
C ARG A 430 -21.48 -54.94 8.80
N ARG A 431 -22.12 -53.78 8.72
CA ARG A 431 -21.68 -52.73 7.81
C ARG A 431 -20.25 -52.30 8.12
N MET A 432 -19.93 -52.16 9.41
CA MET A 432 -18.58 -51.78 9.85
C MET A 432 -17.51 -52.69 9.26
N ASP A 433 -17.63 -53.99 9.50
CA ASP A 433 -16.63 -54.91 8.96
C ASP A 433 -16.65 -54.93 7.43
N ASP A 434 -17.84 -54.78 6.84
CA ASP A 434 -17.94 -54.81 5.37
C ASP A 434 -17.21 -53.64 4.73
N LEU A 435 -17.23 -52.47 5.38
CA LEU A 435 -16.46 -51.35 4.89
C LEU A 435 -14.97 -51.62 5.01
N LEU A 436 -14.54 -52.17 6.16
CA LEU A 436 -13.13 -52.50 6.36
C LEU A 436 -12.65 -53.49 5.32
N GLN A 437 -13.46 -54.50 4.99
CA GLN A 437 -13.11 -55.47 3.98
C GLN A 437 -13.05 -54.84 2.59
N GLY A 438 -13.99 -53.95 2.29
CA GLY A 438 -13.98 -53.29 0.99
C GLY A 438 -12.78 -52.37 0.82
N PHE A 439 -12.32 -51.76 1.92
CA PHE A 439 -11.09 -50.96 1.93
C PHE A 439 -9.84 -51.82 1.78
N VAL A 440 -9.91 -53.06 2.28
CA VAL A 440 -8.83 -54.02 2.08
C VAL A 440 -8.77 -54.50 0.64
N ALA A 441 -9.93 -54.52 -0.06
CA ALA A 441 -9.92 -54.86 -1.48
C ALA A 441 -9.24 -53.79 -2.31
N GLN A 442 -9.23 -52.56 -1.82
CA GLN A 442 -8.61 -51.45 -2.51
C GLN A 442 -7.22 -51.14 -1.98
N HIS A 443 -6.73 -51.95 -1.04
CA HIS A 443 -5.40 -51.80 -0.46
C HIS A 443 -5.27 -50.50 0.33
N ARG A 444 -6.41 -50.04 0.86
CA ARG A 444 -6.50 -48.88 1.74
C ARG A 444 -6.47 -49.39 3.19
N ILE A 453 -9.71 -65.16 13.58
CA ILE A 453 -10.31 -64.14 14.43
C ILE A 453 -9.58 -62.80 14.21
N PRO A 454 -10.35 -61.70 13.98
CA PRO A 454 -9.74 -60.40 13.66
C PRO A 454 -9.51 -59.49 14.87
N CYS A 455 -9.27 -58.19 14.62
CA CYS A 455 -9.03 -57.22 15.70
C CYS A 455 -10.28 -56.90 16.50
N TYR A 456 -11.46 -57.39 16.06
CA TYR A 456 -12.75 -57.09 16.66
C TYR A 456 -13.57 -58.37 16.79
N GLU A 457 -14.73 -58.25 17.43
CA GLU A 457 -15.63 -59.39 17.67
C GLU A 457 -17.04 -58.90 17.97
N ALA B 7 -33.61 8.35 18.29
CA ALA B 7 -32.79 8.78 19.43
C ALA B 7 -31.83 7.68 19.92
N ILE B 8 -31.91 6.50 19.29
CA ILE B 8 -30.94 5.42 19.50
C ILE B 8 -30.26 5.17 18.17
N THR B 9 -28.95 4.92 18.23
CA THR B 9 -28.20 4.39 17.10
C THR B 9 -27.31 3.27 17.60
N HIS B 10 -26.88 2.41 16.69
CA HIS B 10 -25.97 1.33 17.02
C HIS B 10 -24.68 1.48 16.21
N ILE B 11 -23.54 1.34 16.88
CA ILE B 11 -22.24 1.61 16.30
C ILE B 11 -21.48 0.30 16.29
N SER B 12 -20.75 0.01 15.18
CA SER B 12 -19.78 -1.08 15.05
C SER B 12 -18.37 -0.65 15.54
N PRO B 13 -17.49 -1.60 15.86
CA PRO B 13 -16.14 -1.21 16.26
C PRO B 13 -15.29 -0.84 15.04
N LEU B 14 -14.62 0.34 15.16
CA LEU B 14 -13.58 0.85 14.24
C LEU B 14 -12.24 0.89 14.96
N GLY B 15 -11.34 -0.02 14.53
CA GLY B 15 -9.98 -0.08 15.05
C GLY B 15 -9.80 -0.83 16.36
N SER B 16 -10.33 -0.25 17.43
CA SER B 16 -10.25 -0.89 18.73
C SER B 16 -11.35 -1.94 18.91
N MET B 17 -11.03 -3.01 19.64
CA MET B 17 -12.02 -3.99 20.06
C MET B 17 -12.69 -4.71 18.90
N ASP B 18 -12.04 -4.80 17.74
CA ASP B 18 -12.77 -5.27 16.56
C ASP B 18 -12.93 -6.79 16.55
N MET B 19 -11.91 -7.55 16.93
CA MET B 19 -11.97 -9.01 17.03
C MET B 19 -11.90 -9.43 18.50
N LEU B 20 -13.00 -9.91 19.04
CA LEU B 20 -13.12 -10.15 20.47
C LEU B 20 -13.57 -11.59 20.66
N SER B 21 -13.14 -12.22 21.74
CA SER B 21 -13.68 -13.55 21.97
C SER B 21 -14.95 -13.43 22.78
N GLN B 22 -15.82 -14.41 22.59
CA GLN B 22 -17.16 -14.32 23.17
C GLN B 22 -17.09 -14.16 24.67
N LEU B 23 -16.25 -14.98 25.33
CA LEU B 23 -16.15 -14.90 26.77
C LEU B 23 -15.63 -13.52 27.19
N GLU B 24 -14.80 -12.90 26.34
CA GLU B 24 -14.41 -11.51 26.63
C GLU B 24 -15.62 -10.60 26.51
N VAL B 25 -16.44 -10.81 25.48
CA VAL B 25 -17.60 -9.93 25.30
C VAL B 25 -18.42 -9.90 26.57
N ASP B 26 -18.67 -11.09 27.13
CA ASP B 26 -19.44 -11.18 28.36
C ASP B 26 -18.81 -10.34 29.44
N MET B 27 -17.47 -10.36 29.53
CA MET B 27 -16.78 -9.54 30.51
C MET B 27 -17.12 -8.07 30.30
N LEU B 28 -17.18 -7.62 29.05
CA LEU B 28 -17.51 -6.21 28.81
C LEU B 28 -18.87 -5.85 29.41
N LYS B 29 -19.87 -6.71 29.20
CA LYS B 29 -21.22 -6.38 29.66
C LYS B 29 -21.26 -6.28 31.18
N ARG B 30 -20.83 -7.32 31.88
CA ARG B 30 -20.94 -7.27 33.33
C ARG B 30 -20.09 -6.15 33.92
N THR B 31 -18.94 -5.83 33.31
CA THR B 31 -18.21 -4.64 33.72
C THR B 31 -19.04 -3.39 33.51
N ALA B 32 -19.85 -3.35 32.44
CA ALA B 32 -20.62 -2.15 32.16
C ALA B 32 -21.73 -1.95 33.18
N SER B 33 -22.34 -3.04 33.64
CA SER B 33 -23.44 -2.92 34.59
C SER B 33 -22.99 -2.56 36.00
N SER B 34 -21.71 -2.74 36.32
CA SER B 34 -21.25 -2.45 37.67
C SER B 34 -21.29 -0.96 37.99
N ASP B 35 -20.47 -0.56 38.96
CA ASP B 35 -20.31 0.84 39.32
C ASP B 35 -19.42 1.60 38.34
N LEU B 36 -18.61 0.90 37.54
CA LEU B 36 -17.80 1.55 36.52
C LEU B 36 -18.64 2.20 35.43
N TYR B 37 -19.96 2.03 35.46
CA TYR B 37 -20.79 2.53 34.37
C TYR B 37 -20.64 4.04 34.20
N GLN B 38 -20.61 4.77 35.32
CA GLN B 38 -20.62 6.22 35.24
C GLN B 38 -19.35 6.76 34.57
N LEU B 39 -18.19 6.20 34.91
CA LEU B 39 -16.96 6.54 34.22
C LEU B 39 -17.09 6.36 32.71
N PHE B 40 -17.56 5.17 32.28
CA PHE B 40 -17.77 4.87 30.87
C PHE B 40 -18.65 5.91 30.19
N ARG B 41 -19.79 6.20 30.81
CA ARG B 41 -20.79 7.07 30.19
C ARG B 41 -20.26 8.49 30.02
N ASN B 42 -19.66 9.06 31.08
CA ASN B 42 -19.22 10.46 31.02
C ASN B 42 -18.01 10.64 30.12
N CYS B 43 -17.16 9.61 30.04
CA CYS B 43 -16.05 9.64 29.09
C CYS B 43 -16.57 9.43 27.66
N SER B 44 -17.46 8.46 27.48
CA SER B 44 -18.10 8.28 26.18
C SER B 44 -18.76 9.56 25.72
N LEU B 45 -19.50 10.21 26.62
CA LEU B 45 -20.14 11.47 26.27
C LEU B 45 -19.12 12.50 25.80
N ALA B 46 -17.97 12.56 26.47
CA ALA B 46 -16.97 13.55 26.12
C ALA B 46 -16.37 13.27 24.75
N VAL B 47 -16.21 11.98 24.42
CA VAL B 47 -15.62 11.66 23.13
C VAL B 47 -16.54 12.06 22.00
N LEU B 48 -17.85 11.91 22.21
CA LEU B 48 -18.84 12.36 21.24
C LEU B 48 -18.93 13.87 21.17
N ASN B 49 -18.30 14.56 22.12
CA ASN B 49 -18.33 16.02 22.23
C ASN B 49 -17.03 16.68 21.76
N SER B 50 -16.06 15.90 21.26
CA SER B 50 -14.91 16.48 20.59
C SER B 50 -15.37 17.41 19.47
N GLY B 51 -14.61 18.47 19.23
CA GLY B 51 -14.87 19.37 18.12
C GLY B 51 -15.93 20.44 18.33
N SER B 52 -16.65 20.42 19.45
CA SER B 52 -17.71 21.40 19.67
C SER B 52 -17.15 22.81 19.74
N LEU B 53 -17.82 23.77 19.10
CA LEU B 53 -17.38 25.15 19.18
C LEU B 53 -17.42 25.68 20.61
N THR B 54 -18.35 25.17 21.43
CA THR B 54 -18.45 25.59 22.82
C THR B 54 -17.28 25.02 23.63
N ASP B 55 -16.52 25.91 24.28
CA ASP B 55 -15.40 25.52 25.15
C ASP B 55 -15.79 25.41 26.61
N ASN B 56 -17.08 25.52 26.92
CA ASN B 56 -17.58 25.29 28.27
C ASN B 56 -17.64 23.79 28.57
N SER B 57 -16.44 23.22 28.77
CA SER B 57 -16.23 21.76 28.90
C SER B 57 -17.29 21.09 29.76
N LYS B 58 -17.56 21.69 30.92
CA LYS B 58 -18.55 21.13 31.83
C LYS B 58 -20.00 21.37 31.35
N GLU B 59 -20.39 22.63 31.11
CA GLU B 59 -21.79 22.90 30.74
C GLU B 59 -22.18 22.13 29.49
N LEU B 60 -21.23 21.94 28.58
CA LEU B 60 -21.44 21.11 27.41
C LEU B 60 -22.03 19.76 27.79
N LEU B 61 -21.37 19.04 28.69
CA LEU B 61 -21.91 17.76 29.16
C LEU B 61 -23.27 17.95 29.83
N SER B 62 -23.52 19.12 30.41
CA SER B 62 -24.76 19.34 31.13
C SER B 62 -25.97 19.44 30.20
N ARG B 63 -25.76 19.80 28.93
CA ARG B 63 -26.87 19.77 27.96
C ARG B 63 -27.33 18.34 27.73
N PHE B 64 -26.40 17.43 27.53
CA PHE B 64 -26.73 16.06 27.18
C PHE B 64 -26.80 15.15 28.40
N GLU B 65 -27.54 15.58 29.43
CA GLU B 65 -27.77 14.69 30.56
C GLU B 65 -28.74 13.57 30.22
N ASN B 66 -29.46 13.67 29.10
CA ASN B 66 -30.30 12.59 28.64
C ASN B 66 -29.49 11.40 28.10
N PHE B 67 -28.19 11.58 27.82
CA PHE B 67 -27.37 10.58 27.12
C PHE B 67 -27.18 9.32 27.96
N ASP B 68 -27.06 8.18 27.28
CA ASP B 68 -26.75 6.97 28.01
C ASP B 68 -26.23 5.98 26.97
N ILE B 69 -25.56 4.92 27.41
CA ILE B 69 -24.77 4.06 26.50
C ILE B 69 -24.83 2.62 27.00
N ASN B 70 -25.21 1.70 26.11
CA ASN B 70 -25.36 0.29 26.44
C ASN B 70 -24.45 -0.56 25.56
N VAL B 71 -23.97 -1.66 26.13
CA VAL B 71 -23.10 -2.62 25.44
C VAL B 71 -23.97 -3.70 24.83
N LEU B 72 -23.85 -3.93 23.54
CA LEU B 72 -24.70 -4.90 22.86
C LEU B 72 -23.91 -6.14 22.54
N ARG B 73 -24.48 -7.29 22.85
CA ARG B 73 -23.82 -8.53 22.53
C ARG B 73 -24.24 -8.95 21.12
N ARG B 74 -23.33 -9.58 20.40
CA ARG B 74 -23.65 -10.37 19.22
C ARG B 74 -22.67 -11.54 19.22
N GLU B 75 -23.00 -12.58 18.47
CA GLU B 75 -22.07 -13.71 18.39
C GLU B 75 -20.70 -13.29 17.86
N ARG B 76 -20.69 -12.37 16.89
CA ARG B 76 -19.44 -11.97 16.24
C ARG B 76 -18.57 -11.18 17.21
N GLY B 77 -19.18 -10.33 18.03
CA GLY B 77 -18.36 -9.43 18.82
C GLY B 77 -19.11 -8.57 19.81
N VAL B 78 -19.12 -7.26 19.54
CA VAL B 78 -19.76 -6.29 20.42
C VAL B 78 -20.16 -5.10 19.54
N LYS B 79 -21.22 -4.39 19.94
CA LYS B 79 -21.66 -3.14 19.32
C LYS B 79 -22.00 -2.14 20.42
N LEU B 80 -22.10 -0.87 20.07
CA LEU B 80 -22.36 0.13 21.10
C LEU B 80 -23.66 0.83 20.77
N GLU B 81 -24.66 0.66 21.64
CA GLU B 81 -25.92 1.41 21.60
C GLU B 81 -25.71 2.80 22.19
N LEU B 82 -26.26 3.81 21.52
CA LEU B 82 -26.08 5.22 21.87
C LEU B 82 -27.44 5.85 22.13
N ILE B 83 -27.83 5.96 23.40
CA ILE B 83 -29.10 6.59 23.74
C ILE B 83 -28.90 8.09 23.93
N ASN B 84 -29.66 8.86 23.15
CA ASN B 84 -29.58 10.30 23.05
C ASN B 84 -28.15 10.76 22.84
N PRO B 85 -27.54 10.44 21.69
CA PRO B 85 -26.18 10.96 21.40
C PRO B 85 -26.26 12.38 20.89
N PRO B 86 -25.20 13.19 21.07
CA PRO B 86 -25.22 14.56 20.55
C PRO B 86 -25.28 14.54 19.04
N GLU B 87 -26.21 15.33 18.48
CA GLU B 87 -26.47 15.16 17.06
C GLU B 87 -25.32 15.64 16.19
N GLU B 88 -24.49 16.54 16.72
CA GLU B 88 -23.48 17.13 15.86
C GLU B 88 -22.43 16.11 15.47
N ALA B 89 -22.19 15.11 16.31
CA ALA B 89 -21.18 14.08 16.08
C ALA B 89 -21.59 13.09 15.00
N PHE B 90 -22.57 13.43 14.16
CA PHE B 90 -22.96 12.54 13.09
C PHE B 90 -22.97 13.37 11.82
N VAL B 91 -22.83 12.70 10.67
CA VAL B 91 -23.07 13.35 9.39
C VAL B 91 -23.91 12.45 8.53
N ASP B 92 -25.06 12.98 8.09
CA ASP B 92 -26.09 12.25 7.37
C ASP B 92 -26.36 10.89 8.02
N GLY B 93 -26.42 10.88 9.34
CA GLY B 93 -26.69 9.68 10.09
C GLY B 93 -25.49 8.80 10.36
N ARG B 94 -24.37 9.03 9.67
CA ARG B 94 -23.13 8.29 9.85
C ARG B 94 -22.34 8.93 10.98
N ILE B 95 -21.91 8.10 11.93
CA ILE B 95 -21.02 8.57 12.97
C ILE B 95 -19.73 9.00 12.31
N ILE B 96 -19.19 10.13 12.76
CA ILE B 96 -17.85 10.56 12.37
C ILE B 96 -16.80 9.51 12.75
N ARG B 97 -16.01 9.09 11.76
CA ARG B 97 -15.12 7.93 11.96
C ARG B 97 -14.18 8.18 13.13
N ALA B 98 -13.56 9.36 13.19
CA ALA B 98 -12.76 9.76 14.34
C ALA B 98 -13.48 9.47 15.64
N LEU B 99 -14.67 10.08 15.79
CA LEU B 99 -15.48 9.92 16.99
C LEU B 99 -15.80 8.44 17.23
N GLN B 100 -16.12 7.70 16.16
CA GLN B 100 -16.29 6.26 16.26
C GLN B 100 -15.11 5.61 16.98
N ALA B 101 -13.89 5.93 16.52
CA ALA B 101 -12.73 5.18 16.94
C ALA B 101 -12.42 5.46 18.41
N ASN B 102 -12.40 6.73 18.80
CA ASN B 102 -12.06 7.08 20.19
C ASN B 102 -13.08 6.47 21.16
N LEU B 103 -14.36 6.47 20.78
CA LEU B 103 -15.41 5.84 21.58
C LEU B 103 -15.04 4.40 21.90
N PHE B 104 -14.71 3.64 20.87
CA PHE B 104 -14.34 2.27 21.13
C PHE B 104 -13.04 2.18 21.89
N ALA B 105 -12.23 3.24 21.84
CA ALA B 105 -11.02 3.27 22.66
C ALA B 105 -11.35 3.46 24.13
N VAL B 106 -12.46 4.16 24.43
CA VAL B 106 -12.96 4.21 25.81
C VAL B 106 -13.52 2.85 26.23
N LEU B 107 -14.22 2.18 25.33
CA LEU B 107 -14.59 0.80 25.60
C LEU B 107 -13.35 -0.04 25.88
N ARG B 108 -12.32 0.09 25.05
CA ARG B 108 -11.01 -0.49 25.34
C ARG B 108 -10.50 -0.11 26.73
N ASP B 109 -9.92 1.08 26.88
CA ASP B 109 -9.08 1.29 28.08
C ASP B 109 -9.91 1.42 29.36
N ILE B 110 -11.14 1.92 29.30
CA ILE B 110 -11.90 2.11 30.54
C ILE B 110 -12.69 0.86 30.92
N LEU B 111 -13.40 0.25 29.98
CA LEU B 111 -14.23 -0.87 30.38
C LEU B 111 -13.40 -2.15 30.44
N PHE B 112 -12.62 -2.41 29.40
CA PHE B 112 -11.90 -3.68 29.30
C PHE B 112 -10.72 -3.68 30.25
N VAL B 113 -9.84 -2.71 30.09
CA VAL B 113 -8.60 -2.62 30.86
C VAL B 113 -8.94 -2.29 32.31
N TYR B 114 -9.24 -1.02 32.57
CA TYR B 114 -9.39 -0.49 33.92
C TYR B 114 -10.16 -1.46 34.83
N GLY B 115 -11.30 -1.95 34.36
CA GLY B 115 -12.10 -2.84 35.19
C GLY B 115 -11.39 -4.14 35.51
N GLN B 116 -10.81 -4.77 34.49
CA GLN B 116 -10.19 -6.07 34.71
C GLN B 116 -9.00 -5.97 35.66
N ILE B 117 -8.09 -5.01 35.42
CA ILE B 117 -6.92 -4.82 36.29
C ILE B 117 -7.30 -4.25 37.65
N HIS B 118 -8.58 -4.03 37.91
CA HIS B 118 -9.05 -3.55 39.21
C HIS B 118 -10.02 -4.55 39.82
N ASN B 127 0.18 -7.86 39.94
CA ASN B 127 0.50 -7.42 41.31
C ASN B 127 0.11 -5.97 41.56
N LEU B 128 0.50 -5.09 40.64
CA LEU B 128 0.37 -3.64 40.81
C LEU B 128 1.16 -3.12 41.99
N ASP B 129 1.99 -3.97 42.63
CA ASP B 129 2.84 -3.54 43.73
C ASP B 129 4.32 -3.62 43.39
N ASN B 130 4.69 -4.34 42.35
CA ASN B 130 6.08 -4.58 41.99
C ASN B 130 6.42 -3.69 40.80
N SER B 131 7.52 -2.93 40.92
CA SER B 131 7.87 -1.93 39.92
C SER B 131 8.00 -2.54 38.52
N VAL B 132 8.44 -3.80 38.44
CA VAL B 132 8.51 -4.46 37.15
C VAL B 132 7.11 -4.84 36.66
N HIS B 133 6.18 -5.14 37.57
CA HIS B 133 4.83 -5.42 37.14
C HIS B 133 4.15 -4.20 36.53
N ILE B 134 4.30 -3.03 37.16
CA ILE B 134 3.72 -1.79 36.63
C ILE B 134 4.26 -1.48 35.23
N THR B 135 5.56 -1.63 35.02
CA THR B 135 6.11 -1.26 33.72
C THR B 135 5.67 -2.24 32.63
N ASN B 136 5.71 -3.56 32.90
CA ASN B 136 5.20 -4.52 31.90
C ASN B 136 3.69 -4.33 31.62
N LEU B 137 2.88 -3.93 32.62
CA LEU B 137 1.47 -3.63 32.36
C LEU B 137 1.29 -2.40 31.48
N VAL B 138 1.97 -1.29 31.79
CA VAL B 138 1.92 -0.13 30.89
C VAL B 138 2.22 -0.55 29.46
N PHE B 139 3.20 -1.43 29.29
CA PHE B 139 3.48 -1.99 27.96
C PHE B 139 2.29 -2.78 27.43
N SER B 140 1.74 -3.71 28.23
CA SER B 140 0.61 -4.50 27.73
C SER B 140 -0.59 -3.62 27.38
N ILE B 141 -0.75 -2.48 28.07
CA ILE B 141 -1.79 -1.50 27.72
C ILE B 141 -1.49 -0.82 26.39
N LEU B 142 -0.23 -0.43 26.19
CA LEU B 142 0.16 0.18 24.94
C LEU B 142 0.18 -0.81 23.79
N ARG B 143 0.39 -2.10 24.10
CA ARG B 143 0.38 -3.08 23.02
C ARG B 143 -1.05 -3.36 22.60
N ASN B 144 -1.96 -3.49 23.55
CA ASN B 144 -3.37 -3.68 23.22
C ASN B 144 -3.97 -2.47 22.55
N ALA B 145 -3.45 -1.28 22.86
CA ALA B 145 -3.90 -0.09 22.16
C ALA B 145 -3.29 0.06 20.76
N ARG B 146 -2.56 -0.94 20.27
CA ARG B 146 -1.95 -0.93 18.94
C ARG B 146 -1.24 0.39 18.66
N ALA B 147 -0.56 0.95 19.67
CA ALA B 147 0.15 2.22 19.49
C ALA B 147 1.66 2.03 19.34
N LEU B 148 2.20 0.90 19.82
CA LEU B 148 3.61 0.55 19.61
C LEU B 148 3.77 -0.11 18.26
N HIS B 149 4.36 0.61 17.30
CA HIS B 149 4.62 0.07 15.97
C HIS B 149 6.02 -0.55 15.91
N VAL B 150 6.07 -1.88 15.65
CA VAL B 150 7.36 -2.58 15.54
C VAL B 150 8.04 -2.18 14.23
N GLY B 151 9.36 -1.97 14.30
CA GLY B 151 10.18 -1.50 13.19
C GLY B 151 9.92 -0.07 12.77
N GLU B 152 9.74 0.82 13.73
CA GLU B 152 9.30 2.18 13.44
C GLU B 152 10.45 3.11 13.81
N ALA B 153 10.98 3.83 12.82
CA ALA B 153 12.00 4.83 13.12
C ALA B 153 11.47 5.84 14.14
N PRO B 154 12.30 6.27 15.10
CA PRO B 154 11.81 7.16 16.16
C PRO B 154 11.54 8.57 15.66
N ASN B 155 10.27 9.02 15.84
CA ASN B 155 9.75 10.35 15.44
C ASN B 155 8.75 10.90 16.44
N MET B 156 8.52 10.22 17.55
CA MET B 156 7.57 10.69 18.54
C MET B 156 8.15 11.72 19.50
N VAL B 157 7.59 12.92 19.44
CA VAL B 157 7.95 14.03 20.32
C VAL B 157 6.77 14.27 21.27
N VAL B 158 6.91 13.90 22.55
CA VAL B 158 5.85 14.19 23.52
C VAL B 158 5.87 15.69 23.74
N CYS B 159 4.68 16.32 23.80
CA CYS B 159 4.54 17.78 23.90
C CYS B 159 3.68 18.24 25.07
N TRP B 160 4.34 18.42 26.20
CA TRP B 160 3.72 18.88 27.42
C TRP B 160 3.49 20.39 27.40
N GLY B 161 2.47 20.82 28.12
CA GLY B 161 2.14 22.24 28.14
C GLY B 161 1.04 22.55 29.13
N GLY B 162 0.22 23.55 28.84
CA GLY B 162 -0.77 24.02 29.79
C GLY B 162 -2.14 24.10 29.17
N HIS B 163 -3.16 23.90 30.01
CA HIS B 163 -4.52 23.74 29.51
C HIS B 163 -5.03 25.02 28.86
N SER B 164 -4.94 26.14 29.55
CA SER B 164 -5.35 27.42 28.98
C SER B 164 -4.14 28.34 28.96
N ILE B 165 -3.77 28.79 27.76
CA ILE B 165 -2.63 29.66 27.55
C ILE B 165 -3.18 30.83 26.76
N ASN B 166 -2.50 31.97 26.82
CA ASN B 166 -2.97 33.08 26.02
C ASN B 166 -2.70 32.82 24.53
N GLU B 167 -2.94 33.83 23.68
CA GLU B 167 -2.85 33.60 22.24
C GLU B 167 -1.41 33.48 21.76
N ASN B 168 -0.46 34.18 22.40
CA ASN B 168 0.94 34.16 21.96
C ASN B 168 1.65 32.85 22.27
N GLU B 169 1.22 32.13 23.32
CA GLU B 169 1.73 30.77 23.46
C GLU B 169 0.99 29.81 22.54
N TYR B 170 -0.31 30.05 22.28
CA TYR B 170 -1.00 29.19 21.34
C TYR B 170 -0.39 29.30 19.95
N LEU B 171 -0.19 30.53 19.47
CA LEU B 171 0.49 30.72 18.20
C LEU B 171 1.88 30.09 18.23
N TYR B 172 2.63 30.32 19.32
CA TYR B 172 3.98 29.76 19.38
C TYR B 172 3.96 28.24 19.38
N ALA B 173 3.11 27.61 20.21
CA ALA B 173 3.00 26.15 20.18
C ALA B 173 2.60 25.63 18.79
N ARG B 174 1.68 26.32 18.12
CA ARG B 174 1.35 25.90 16.76
C ARG B 174 2.59 25.99 15.88
N ARG B 175 3.27 27.15 15.90
CA ARG B 175 4.49 27.32 15.11
C ARG B 175 5.51 26.20 15.32
N VAL B 176 5.69 25.78 16.58
CA VAL B 176 6.54 24.64 16.88
C VAL B 176 6.11 23.44 16.03
N GLY B 177 4.83 23.10 16.10
CA GLY B 177 4.29 21.93 15.43
C GLY B 177 4.57 21.90 13.94
N ASN B 178 4.10 22.93 13.24
CA ASN B 178 4.42 23.15 11.84
C ASN B 178 5.89 22.86 11.52
N GLN B 179 6.78 23.40 12.35
CA GLN B 179 8.20 23.06 12.23
C GLN B 179 8.47 21.60 12.54
N LEU B 180 7.84 21.07 13.60
CA LEU B 180 7.94 19.64 13.86
C LEU B 180 7.40 18.84 12.68
N GLY B 181 6.20 19.20 12.21
CA GLY B 181 5.63 18.51 11.07
C GLY B 181 6.54 18.56 9.87
N LEU B 182 6.94 19.77 9.48
CA LEU B 182 7.74 20.03 8.28
C LEU B 182 9.00 19.18 8.26
N ARG B 183 9.34 18.60 9.41
CA ARG B 183 10.44 17.65 9.54
C ARG B 183 9.95 16.22 9.76
N GLU B 184 8.69 15.89 9.45
CA GLU B 184 8.20 14.51 9.49
C GLU B 184 8.43 13.89 10.87
N LEU B 185 7.79 14.50 11.86
CA LEU B 185 7.84 14.10 13.26
C LEU B 185 6.42 14.06 13.81
N ASN B 186 6.11 13.04 14.62
CA ASN B 186 4.78 12.92 15.19
C ASN B 186 4.72 13.46 16.63
N ILE B 187 3.51 13.86 17.05
CA ILE B 187 3.27 14.51 18.33
C ILE B 187 2.41 13.65 19.23
N CYS B 188 2.80 13.61 20.49
CA CYS B 188 2.06 12.97 21.55
C CYS B 188 1.75 14.09 22.55
N THR B 189 0.46 14.26 22.90
CA THR B 189 0.10 15.23 23.95
C THR B 189 -0.79 14.61 25.01
N GLY B 190 -1.28 15.47 25.91
CA GLY B 190 -2.16 14.99 26.97
C GLY B 190 -3.64 15.01 26.61
N CYS B 191 -3.94 14.95 25.31
CA CYS B 191 -5.26 14.89 24.68
C CYS B 191 -6.14 16.14 24.86
N GLY B 192 -5.76 17.09 25.72
CA GLY B 192 -6.62 18.22 26.03
C GLY B 192 -6.61 19.34 24.99
N PRO B 193 -6.86 20.59 25.43
CA PRO B 193 -6.78 21.72 24.50
C PRO B 193 -5.55 22.57 24.81
N GLY B 194 -5.63 23.85 24.42
CA GLY B 194 -4.56 24.81 24.69
C GLY B 194 -3.23 24.38 24.08
N ALA B 195 -2.30 24.05 24.94
CA ALA B 195 -0.99 23.65 24.45
C ALA B 195 -0.98 22.20 24.00
N MET B 196 -2.01 21.42 24.31
CA MET B 196 -2.03 20.05 23.85
C MET B 196 -2.69 19.92 22.50
N GLU B 197 -3.12 21.04 21.92
CA GLU B 197 -3.83 21.06 20.65
C GLU B 197 -3.03 21.77 19.57
N ALA B 198 -2.51 22.97 19.86
CA ALA B 198 -1.77 23.76 18.88
C ALA B 198 -0.59 23.01 18.25
N PRO B 199 0.22 22.26 19.00
CA PRO B 199 1.29 21.46 18.37
C PRO B 199 0.79 20.47 17.32
N MET B 200 -0.31 19.77 17.61
CA MET B 200 -0.88 18.86 16.63
C MET B 200 -1.50 19.66 15.49
N LYS B 201 -2.16 20.76 15.82
CA LYS B 201 -2.84 21.55 14.81
C LYS B 201 -1.85 22.06 13.78
N GLY B 202 -0.70 22.53 14.24
CA GLY B 202 0.40 22.87 13.36
C GLY B 202 0.99 21.70 12.58
N ALA B 203 1.55 20.71 13.29
CA ALA B 203 1.96 19.41 12.77
C ALA B 203 1.16 18.98 11.56
N ALA B 204 -0.16 19.18 11.68
CA ALA B 204 -1.10 18.84 10.63
C ALA B 204 -0.75 19.57 9.35
N VAL B 205 -0.70 20.91 9.42
CA VAL B 205 -0.42 21.67 8.20
C VAL B 205 0.90 21.19 7.61
N GLY B 206 1.85 20.87 8.48
CA GLY B 206 3.19 20.61 8.01
C GLY B 206 3.31 19.26 7.34
N HIS B 207 2.88 18.19 8.04
CA HIS B 207 2.79 16.85 7.45
C HIS B 207 2.30 16.89 6.02
N ALA B 208 1.27 17.71 5.80
CA ALA B 208 0.71 17.90 4.47
C ALA B 208 1.75 18.41 3.50
N GLN B 209 2.35 19.54 3.86
CA GLN B 209 3.35 20.16 3.00
C GLN B 209 4.46 19.16 2.66
N GLN B 210 4.86 18.34 3.61
CA GLN B 210 5.94 17.43 3.27
C GLN B 210 5.44 16.11 2.71
N ARG B 211 4.10 15.94 2.58
CA ARG B 211 3.46 14.71 2.09
C ARG B 211 3.67 13.58 3.06
N TYR B 212 3.72 13.90 4.35
CA TYR B 212 3.78 12.86 5.35
C TYR B 212 2.41 12.21 5.48
N LYS B 213 2.28 10.97 5.07
CA LYS B 213 0.95 10.43 4.89
C LYS B 213 0.53 9.49 6.02
N ASP B 214 1.11 9.59 7.21
CA ASP B 214 0.68 8.68 8.29
C ASP B 214 0.82 9.32 9.67
N SER B 215 0.09 10.41 9.88
CA SER B 215 0.26 11.17 11.09
C SER B 215 -0.16 10.34 12.28
N ARG B 216 0.51 10.53 13.41
CA ARG B 216 0.23 9.79 14.65
C ARG B 216 0.07 10.80 15.79
N PHE B 217 -1.12 11.37 15.93
CA PHE B 217 -1.30 12.42 16.93
C PHE B 217 -1.82 11.80 18.24
N ILE B 218 -0.96 10.95 18.86
CA ILE B 218 -1.33 10.24 20.09
C ILE B 218 -1.71 11.19 21.21
N GLY B 219 -2.88 10.97 21.81
CA GLY B 219 -3.29 11.71 22.99
C GLY B 219 -3.54 10.79 24.18
N MET B 220 -2.72 10.89 25.24
CA MET B 220 -2.85 10.06 26.45
C MET B 220 -3.41 10.84 27.62
N THR B 221 -4.11 10.13 28.49
CA THR B 221 -4.92 10.77 29.51
C THR B 221 -5.32 9.74 30.56
N GLU B 222 -6.00 10.23 31.59
CA GLU B 222 -6.48 9.50 32.76
C GLU B 222 -7.99 9.63 32.87
N PRO B 223 -8.70 8.60 33.38
CA PRO B 223 -10.16 8.66 33.49
C PRO B 223 -10.76 9.94 34.04
N SER B 224 -10.06 10.59 34.98
CA SER B 224 -10.60 11.82 35.53
C SER B 224 -10.47 12.98 34.55
N ILE B 225 -9.35 13.04 33.83
CA ILE B 225 -9.13 14.15 32.89
C ILE B 225 -10.17 14.10 31.77
N ILE B 226 -10.29 12.95 31.09
CA ILE B 226 -11.15 12.87 29.92
C ILE B 226 -12.62 12.88 30.29
N ALA B 227 -12.95 12.64 31.56
CA ALA B 227 -14.36 12.63 31.95
C ALA B 227 -15.00 13.98 31.66
N ALA B 228 -14.38 15.06 32.11
CA ALA B 228 -14.92 16.39 31.87
C ALA B 228 -14.41 17.04 30.60
N GLU B 229 -13.29 16.59 30.07
CA GLU B 229 -12.64 17.29 28.96
C GLU B 229 -12.77 16.43 27.70
N PRO B 230 -13.41 16.92 26.65
CA PRO B 230 -13.43 16.20 25.38
C PRO B 230 -12.06 16.20 24.73
N PRO B 231 -11.61 15.08 24.18
CA PRO B 231 -10.33 15.09 23.45
C PRO B 231 -10.37 16.08 22.30
N ASN B 232 -9.28 16.83 22.13
CA ASN B 232 -9.27 17.82 21.06
C ASN B 232 -9.32 17.14 19.70
N PRO B 233 -9.89 17.81 18.68
CA PRO B 233 -10.36 17.10 17.47
C PRO B 233 -9.24 16.52 16.64
N LEU B 234 -8.00 16.88 16.96
CA LEU B 234 -6.90 16.39 16.18
C LEU B 234 -6.38 15.03 16.66
N VAL B 235 -6.76 14.55 17.85
CA VAL B 235 -6.10 13.35 18.36
C VAL B 235 -6.51 12.12 17.54
N ASN B 236 -5.58 11.66 16.71
CA ASN B 236 -5.70 10.41 15.98
C ASN B 236 -5.93 9.21 16.89
N GLU B 237 -5.01 8.97 17.83
CA GLU B 237 -5.02 7.78 18.68
C GLU B 237 -5.16 8.19 20.15
N LEU B 238 -6.17 7.61 20.82
CA LEU B 238 -6.53 7.99 22.17
C LEU B 238 -6.16 6.81 23.07
N ILE B 239 -5.28 7.05 24.02
CA ILE B 239 -4.96 6.07 25.06
C ILE B 239 -5.50 6.64 26.36
N ILE B 240 -6.05 5.80 27.21
CA ILE B 240 -6.45 6.21 28.54
C ILE B 240 -5.77 5.29 29.55
N MET B 241 -4.90 5.86 30.37
CA MET B 241 -4.19 5.08 31.38
C MET B 241 -4.97 5.08 32.69
N PRO B 242 -4.76 4.09 33.53
CA PRO B 242 -5.46 4.05 34.83
C PRO B 242 -5.31 5.28 35.72
N ASP B 243 -4.09 5.59 36.13
CA ASP B 243 -3.80 6.76 36.96
C ASP B 243 -2.92 7.77 36.21
N ILE B 244 -2.46 8.81 36.92
CA ILE B 244 -1.45 9.70 36.32
C ILE B 244 -0.07 9.07 36.41
N GLU B 245 0.19 8.37 37.51
CA GLU B 245 1.51 7.76 37.72
C GLU B 245 1.86 6.88 36.53
N LYS B 246 0.93 6.02 36.12
CA LYS B 246 1.17 5.19 34.94
C LYS B 246 1.08 6.00 33.65
N ARG B 247 0.25 7.05 33.63
CA ARG B 247 0.19 7.92 32.46
C ARG B 247 1.56 8.56 32.18
N LEU B 248 2.24 9.02 33.22
CA LEU B 248 3.55 9.63 33.00
C LEU B 248 4.57 8.58 32.59
N GLU B 249 4.73 7.54 33.42
CA GLU B 249 5.67 6.48 33.10
C GLU B 249 5.56 6.11 31.63
N ALA B 250 4.32 6.12 31.10
CA ALA B 250 4.05 5.83 29.69
C ALA B 250 4.49 6.97 28.78
N PHE B 251 4.16 8.21 29.13
CA PHE B 251 4.76 9.38 28.49
C PHE B 251 6.26 9.19 28.27
N VAL B 252 6.94 8.60 29.26
CA VAL B 252 8.40 8.52 29.26
C VAL B 252 8.89 7.42 28.33
N ARG B 253 8.25 6.25 28.37
CA ARG B 253 8.79 5.13 27.61
C ARG B 253 8.52 5.27 26.11
N ILE B 254 7.46 5.98 25.70
CA ILE B 254 7.16 6.09 24.26
C ILE B 254 7.80 7.30 23.61
N ALA B 255 8.13 8.35 24.36
CA ALA B 255 8.70 9.52 23.72
C ALA B 255 10.10 9.21 23.23
N HIS B 256 10.54 9.96 22.22
CA HIS B 256 11.95 10.05 21.81
C HIS B 256 12.57 11.42 22.02
N GLY B 257 11.76 12.47 22.04
CA GLY B 257 12.12 13.70 22.70
C GLY B 257 10.94 14.19 23.51
N ILE B 258 11.19 15.19 24.34
CA ILE B 258 10.17 15.90 25.12
C ILE B 258 10.35 17.40 24.89
N ILE B 259 9.26 18.13 24.76
CA ILE B 259 9.28 19.57 24.63
C ILE B 259 8.26 20.16 25.58
N ILE B 260 8.71 20.99 26.52
CA ILE B 260 7.86 21.50 27.58
C ILE B 260 7.50 22.94 27.27
N PHE B 261 6.24 23.17 26.91
CA PHE B 261 5.67 24.49 26.70
C PHE B 261 5.32 25.17 28.02
N PRO B 262 5.21 26.49 28.01
CA PRO B 262 4.80 27.20 29.23
C PRO B 262 3.42 26.82 29.73
N GLY B 263 3.37 25.89 30.67
CA GLY B 263 2.11 25.53 31.28
C GLY B 263 1.84 26.12 32.66
N GLY B 264 2.22 27.37 32.87
CA GLY B 264 2.04 27.95 34.19
C GLY B 264 2.88 27.26 35.25
N VAL B 265 2.37 27.30 36.50
CA VAL B 265 3.04 26.59 37.58
C VAL B 265 2.89 25.08 37.45
N GLY B 266 1.95 24.63 36.61
CA GLY B 266 1.77 23.21 36.35
C GLY B 266 3.00 22.51 35.77
N THR B 267 3.99 23.27 35.31
CA THR B 267 5.23 22.72 34.77
C THR B 267 6.27 22.39 35.83
N ALA B 268 6.06 22.82 37.08
CA ALA B 268 7.08 22.65 38.11
C ALA B 268 7.35 21.17 38.41
N GLU B 269 6.39 20.47 39.04
CA GLU B 269 6.55 19.05 39.35
C GLU B 269 6.93 18.23 38.11
N GLU B 270 6.45 18.66 36.94
CA GLU B 270 6.72 17.96 35.68
C GLU B 270 8.22 17.91 35.40
N LEU B 271 8.85 19.09 35.33
CA LEU B 271 10.28 19.17 35.06
C LEU B 271 11.09 18.44 36.13
N LEU B 272 10.61 18.48 37.37
CA LEU B 272 11.25 17.70 38.42
C LEU B 272 11.14 16.21 38.15
N TYR B 273 9.92 15.71 37.96
CA TYR B 273 9.72 14.29 37.69
C TYR B 273 10.67 13.82 36.59
N LEU B 274 10.78 14.62 35.53
CA LEU B 274 11.62 14.26 34.40
C LEU B 274 13.10 14.24 34.79
N LEU B 275 13.56 15.31 35.46
CA LEU B 275 14.96 15.34 35.89
C LEU B 275 15.27 14.23 36.88
N GLY B 276 14.25 13.77 37.61
CA GLY B 276 14.44 12.60 38.45
C GLY B 276 14.97 11.42 37.67
N ILE B 277 14.25 11.01 36.63
CA ILE B 277 14.67 9.84 35.88
C ILE B 277 15.91 10.14 35.04
N LEU B 278 16.06 11.37 34.57
CA LEU B 278 17.25 11.69 33.78
C LEU B 278 18.54 11.64 34.63
N MET B 279 18.49 12.20 35.85
CA MET B 279 19.68 12.38 36.67
C MET B 279 20.01 11.16 37.52
N ASN B 280 19.11 10.19 37.61
CA ASN B 280 19.48 8.96 38.29
C ASN B 280 20.71 8.38 37.56
N PRO B 281 21.55 7.60 38.24
CA PRO B 281 22.78 7.14 37.58
C PRO B 281 22.55 6.15 36.46
N ALA B 282 21.91 5.00 36.77
CA ALA B 282 21.70 3.95 35.76
C ALA B 282 21.17 4.49 34.42
N ASN B 283 20.66 5.72 34.40
CA ASN B 283 20.18 6.35 33.19
C ASN B 283 21.14 7.42 32.67
N LYS B 284 22.45 7.25 32.91
CA LYS B 284 23.44 8.23 32.46
C LYS B 284 23.78 8.08 30.99
N ASP B 285 23.37 6.99 30.35
CA ASP B 285 23.64 6.76 28.95
C ASP B 285 22.41 6.79 28.04
N GLN B 286 21.19 6.93 28.59
CA GLN B 286 19.99 7.11 27.75
C GLN B 286 19.94 8.49 27.12
N VAL B 287 19.33 8.54 25.94
CA VAL B 287 19.19 9.75 25.15
C VAL B 287 17.70 10.07 25.09
N LEU B 288 17.28 11.10 25.85
CA LEU B 288 15.92 11.63 25.82
C LEU B 288 15.97 13.14 25.87
N PRO B 289 16.15 13.80 24.72
CA PRO B 289 16.19 15.26 24.73
C PRO B 289 15.00 15.88 25.44
N LEU B 290 15.26 17.05 26.00
CA LEU B 290 14.33 17.85 26.79
C LEU B 290 14.56 19.30 26.39
N ILE B 291 13.73 19.82 25.52
CA ILE B 291 13.79 21.22 25.17
C ILE B 291 12.62 21.90 25.83
N LEU B 292 12.89 22.99 26.54
CA LEU B 292 11.86 23.87 27.07
C LEU B 292 11.83 25.15 26.23
N THR B 293 10.66 25.45 25.68
CA THR B 293 10.54 26.60 24.80
C THR B 293 9.24 27.33 25.08
N GLY B 294 9.07 28.46 24.41
CA GLY B 294 7.96 29.33 24.64
C GLY B 294 8.21 30.62 23.92
N PRO B 295 7.29 31.56 24.02
CA PRO B 295 7.48 32.86 23.38
C PRO B 295 8.36 33.80 24.20
N LYS B 296 8.40 35.08 23.82
CA LYS B 296 9.21 36.06 24.57
C LYS B 296 8.63 36.28 25.96
N GLU B 297 7.31 36.31 26.08
CA GLU B 297 6.66 36.48 27.37
C GLU B 297 7.05 35.40 28.37
N SER B 298 7.66 34.31 27.90
CA SER B 298 8.02 33.18 28.73
C SER B 298 9.48 33.19 29.17
N ALA B 299 10.24 34.24 28.85
CA ALA B 299 11.65 34.28 29.23
C ALA B 299 11.81 34.43 30.74
N ASP B 300 11.19 35.45 31.32
CA ASP B 300 11.18 35.55 32.78
C ASP B 300 10.60 34.28 33.40
N TYR B 301 9.56 33.71 32.78
CA TYR B 301 8.85 32.56 33.35
C TYR B 301 9.77 31.34 33.42
N PHE B 302 10.56 31.12 32.37
CA PHE B 302 11.56 30.06 32.39
C PHE B 302 12.78 30.44 33.22
N ARG B 303 13.09 31.73 33.33
CA ARG B 303 14.28 32.16 34.07
C ARG B 303 14.27 31.62 35.49
N VAL B 304 13.23 31.98 36.26
CA VAL B 304 13.15 31.59 37.67
C VAL B 304 13.11 30.07 37.81
N LEU B 305 12.49 29.40 36.85
CA LEU B 305 12.44 27.95 36.83
C LEU B 305 13.85 27.36 36.75
N ASP B 306 14.65 27.86 35.82
CA ASP B 306 16.00 27.34 35.65
C ASP B 306 16.88 27.69 36.82
N GLU B 307 16.73 28.90 37.33
CA GLU B 307 17.48 29.30 38.51
C GLU B 307 17.16 28.39 39.69
N PHE B 308 15.87 28.24 40.00
CA PHE B 308 15.48 27.39 41.11
C PHE B 308 16.10 26.00 41.02
N VAL B 309 16.28 25.48 39.82
CA VAL B 309 16.78 24.11 39.67
C VAL B 309 18.30 24.08 39.83
N VAL B 310 18.99 24.99 39.14
CA VAL B 310 20.45 25.01 39.25
C VAL B 310 20.88 25.13 40.69
N HIS B 311 20.09 25.83 41.52
CA HIS B 311 20.43 25.93 42.95
C HIS B 311 20.11 24.63 43.69
N THR B 312 18.90 24.08 43.53
CA THR B 312 18.50 22.94 44.35
C THR B 312 19.25 21.66 43.97
N LEU B 313 19.21 21.29 42.68
CA LEU B 313 19.84 20.05 42.25
C LEU B 313 21.28 20.22 41.78
N GLY B 314 21.74 21.45 41.59
CA GLY B 314 23.05 21.69 41.05
C GLY B 314 23.01 22.14 39.62
N GLU B 315 24.16 22.64 39.15
CA GLU B 315 24.32 22.97 37.75
C GLU B 315 24.56 21.75 36.88
N ASN B 316 24.77 20.59 37.48
CA ASN B 316 24.85 19.36 36.71
C ASN B 316 23.51 19.03 36.04
N ALA B 317 22.39 19.51 36.62
CA ALA B 317 21.07 19.23 36.07
C ALA B 317 20.87 19.86 34.69
N ARG B 318 21.64 20.88 34.34
CA ARG B 318 21.54 21.52 33.04
C ARG B 318 22.35 20.80 31.96
N ARG B 319 22.87 19.61 32.26
CA ARG B 319 23.26 18.70 31.19
C ARG B 319 22.04 18.05 30.55
N HIS B 320 20.88 18.06 31.23
CA HIS B 320 19.71 17.31 30.79
C HIS B 320 18.58 18.15 30.19
N TYR B 321 18.54 19.46 30.41
CA TYR B 321 17.49 20.28 29.84
C TYR B 321 18.09 21.54 29.23
N ARG B 322 17.60 21.88 28.08
CA ARG B 322 18.04 23.01 27.28
C ARG B 322 16.90 23.99 27.17
N ILE B 323 17.18 25.29 27.15
CA ILE B 323 16.11 26.29 27.05
C ILE B 323 16.30 27.03 25.74
N ILE B 324 15.33 26.94 24.83
CA ILE B 324 15.31 27.76 23.62
C ILE B 324 14.08 28.65 23.72
N ILE B 325 14.24 29.93 23.40
CA ILE B 325 13.13 30.87 23.47
C ILE B 325 12.97 31.52 22.10
N ASP B 326 11.76 31.44 21.53
CA ASP B 326 11.37 32.18 20.32
C ASP B 326 12.15 31.79 19.06
N ASP B 327 12.71 30.59 19.02
CA ASP B 327 13.22 29.99 17.78
C ASP B 327 12.48 28.66 17.54
N ALA B 328 11.29 28.74 16.95
CA ALA B 328 10.53 27.53 16.72
C ALA B 328 11.31 26.57 15.82
N ALA B 329 11.92 27.10 14.76
CA ALA B 329 12.68 26.27 13.83
C ALA B 329 13.72 25.41 14.54
N GLU B 330 14.56 26.03 15.37
CA GLU B 330 15.65 25.32 16.03
C GLU B 330 15.13 24.23 16.96
N VAL B 331 14.10 24.55 17.75
CA VAL B 331 13.34 23.59 18.57
C VAL B 331 13.14 22.27 17.81
N ALA B 332 12.64 22.38 16.58
CA ALA B 332 12.51 21.19 15.76
C ALA B 332 13.85 20.73 15.23
N ARG B 333 14.68 21.67 14.74
CA ARG B 333 15.95 21.32 14.11
C ARG B 333 16.75 20.40 14.99
N GLN B 334 16.83 20.76 16.27
CA GLN B 334 17.56 19.94 17.22
C GLN B 334 16.84 18.63 17.45
N MET B 335 15.55 18.71 17.80
CA MET B 335 14.68 17.54 17.88
C MET B 335 14.89 16.55 16.73
N LYS B 336 14.88 17.07 15.48
CA LYS B 336 15.03 16.20 14.30
C LYS B 336 16.45 15.63 14.23
N LYS B 337 17.45 16.42 14.67
CA LYS B 337 18.80 15.91 14.79
C LYS B 337 18.95 14.87 15.89
N SER B 338 18.18 14.98 16.97
CA SER B 338 18.31 14.01 18.06
C SER B 338 17.86 12.63 17.65
N MET B 339 16.72 12.53 16.95
CA MET B 339 16.16 11.26 16.48
C MET B 339 17.16 10.17 16.09
N PRO B 340 18.13 10.38 15.17
CA PRO B 340 19.09 9.29 14.88
C PRO B 340 19.88 8.84 16.10
N LEU B 341 20.20 9.79 16.97
CA LEU B 341 20.91 9.44 18.21
C LEU B 341 20.02 8.64 19.15
N VAL B 342 18.71 8.89 19.14
CA VAL B 342 17.90 8.15 20.09
C VAL B 342 17.73 6.73 19.59
N LYS B 343 17.76 6.55 18.26
CA LYS B 343 17.69 5.22 17.68
C LYS B 343 18.92 4.43 18.06
N GLU B 344 20.09 4.96 17.70
CA GLU B 344 21.34 4.31 18.05
C GLU B 344 21.39 4.01 19.55
N ASN B 345 20.94 4.95 20.38
CA ASN B 345 21.03 4.74 21.82
C ASN B 345 20.24 3.50 22.23
N ARG B 346 19.06 3.31 21.63
CA ARG B 346 18.28 2.08 21.80
C ARG B 346 18.91 0.92 21.05
N ARG B 347 19.59 1.19 19.94
CA ARG B 347 20.20 0.08 19.21
C ARG B 347 21.24 -0.62 20.07
N ASP B 348 22.27 0.10 20.53
CA ASP B 348 23.36 -0.57 21.22
C ASP B 348 22.92 -1.17 22.56
N THR B 349 21.95 -0.56 23.25
CA THR B 349 21.40 -1.22 24.43
C THR B 349 20.54 -2.45 24.12
N GLY B 350 20.23 -2.73 22.85
CA GLY B 350 19.33 -3.86 22.58
C GLY B 350 17.92 -3.58 23.08
N ASP B 351 17.46 -2.34 22.91
CA ASP B 351 16.19 -1.88 23.43
C ASP B 351 15.23 -1.70 22.25
N ALA B 352 13.93 -1.78 22.51
CA ALA B 352 12.91 -1.41 21.53
C ALA B 352 13.05 0.05 21.09
N TYR B 353 12.72 0.34 19.80
CA TYR B 353 12.71 1.74 19.36
C TYR B 353 11.43 2.44 19.77
N SER B 354 10.41 1.67 20.15
CA SER B 354 9.08 2.16 20.48
C SER B 354 8.84 2.30 21.99
N PHE B 355 9.47 1.43 22.79
CA PHE B 355 9.41 1.42 24.26
C PHE B 355 10.81 1.52 24.88
N ASN B 356 11.05 2.58 25.65
CA ASN B 356 12.35 2.75 26.30
C ASN B 356 12.39 1.87 27.56
N TRP B 357 12.63 0.58 27.37
CA TRP B 357 12.62 -0.34 28.50
C TRP B 357 13.78 -0.11 29.46
N SER B 358 14.88 0.48 28.98
CA SER B 358 16.11 0.52 29.76
C SER B 358 16.05 1.62 30.81
N MET B 359 15.45 2.76 30.47
CA MET B 359 15.16 3.83 31.41
C MET B 359 14.69 3.27 32.74
N ARG B 360 15.42 3.63 33.80
CA ARG B 360 15.08 3.17 35.13
C ARG B 360 14.22 4.26 35.76
N ILE B 361 12.97 3.93 36.02
CA ILE B 361 12.09 4.80 36.77
C ILE B 361 12.07 4.24 38.19
N ALA B 362 12.29 5.11 39.16
CA ALA B 362 12.37 4.65 40.54
C ALA B 362 10.97 4.38 41.07
N PRO B 363 10.79 3.32 41.84
CA PRO B 363 9.43 2.92 42.25
C PRO B 363 8.66 4.00 42.99
N ASP B 364 9.34 4.98 43.60
CA ASP B 364 8.63 6.04 44.31
C ASP B 364 7.99 7.03 43.34
N LEU B 365 8.58 7.19 42.16
CA LEU B 365 7.99 8.06 41.14
C LEU B 365 6.80 7.40 40.48
N GLN B 366 6.76 6.06 40.51
CA GLN B 366 5.64 5.26 40.03
C GLN B 366 4.47 5.23 41.00
N MET B 367 4.73 5.44 42.26
CA MET B 367 3.78 5.34 43.35
C MET B 367 3.07 6.68 43.54
N PRO B 368 1.79 6.69 43.85
CA PRO B 368 1.13 7.97 44.16
C PRO B 368 1.57 8.53 45.50
N PHE B 369 1.56 9.86 45.60
CA PHE B 369 1.96 10.60 46.79
C PHE B 369 0.75 11.24 47.45
N GLU B 370 0.49 10.89 48.71
CA GLU B 370 -0.66 11.43 49.46
C GLU B 370 -0.19 12.57 50.35
N PRO B 371 -0.70 13.78 50.18
CA PRO B 371 -0.17 14.93 50.93
C PRO B 371 -0.78 15.03 52.33
N SER B 372 -0.51 14.03 53.17
CA SER B 372 -0.94 14.07 54.56
C SER B 372 0.07 14.88 55.36
N HIS B 373 -0.45 15.72 56.26
CA HIS B 373 0.40 16.67 57.00
C HIS B 373 1.62 15.97 57.59
N GLU B 374 1.42 14.76 58.11
CA GLU B 374 2.52 13.96 58.60
C GLU B 374 3.53 13.69 57.50
N ASN B 375 3.07 13.16 56.36
CA ASN B 375 3.98 12.70 55.32
C ASN B 375 4.82 13.83 54.75
N MET B 376 4.17 14.93 54.38
CA MET B 376 4.90 16.06 53.81
C MET B 376 5.89 16.66 54.81
N ALA B 377 5.60 16.59 56.10
CA ALA B 377 6.62 16.94 57.07
C ALA B 377 7.75 15.91 57.11
N ASN B 378 7.40 14.63 56.99
CA ASN B 378 8.39 13.55 56.98
C ASN B 378 9.24 13.56 55.73
N LEU B 379 8.85 14.33 54.72
CA LEU B 379 9.56 14.33 53.45
C LEU B 379 10.95 14.90 53.65
N LYS B 380 11.97 14.10 53.34
CA LYS B 380 13.37 14.52 53.52
C LYS B 380 13.77 15.48 52.41
N LEU B 381 14.06 16.75 52.75
CA LEU B 381 14.39 17.78 51.77
C LEU B 381 15.67 18.53 52.16
N TYR B 382 16.81 17.88 51.99
CA TYR B 382 18.09 18.49 52.32
C TYR B 382 19.13 18.08 51.28
N PRO B 383 20.16 18.91 51.06
CA PRO B 383 21.16 18.58 50.03
C PRO B 383 22.02 17.39 50.38
N ASP B 384 21.87 16.82 51.57
CA ASP B 384 22.65 15.65 51.96
C ASP B 384 22.24 14.43 51.14
N GLN B 385 20.94 14.21 50.96
CA GLN B 385 20.47 13.15 50.09
C GLN B 385 20.92 13.43 48.64
N PRO B 386 20.91 12.41 47.78
CA PRO B 386 21.44 12.57 46.41
C PRO B 386 20.45 13.18 45.42
N VAL B 387 20.98 13.67 44.29
CA VAL B 387 20.20 14.50 43.35
C VAL B 387 18.96 13.75 42.87
N GLU B 388 19.12 12.48 42.48
CA GLU B 388 17.97 11.71 42.01
C GLU B 388 16.87 11.69 43.06
N VAL B 389 17.26 11.52 44.33
CA VAL B 389 16.27 11.52 45.40
C VAL B 389 15.77 12.93 45.67
N LEU B 390 16.67 13.92 45.66
CA LEU B 390 16.29 15.30 45.96
C LEU B 390 15.14 15.79 45.08
N ALA B 391 15.30 15.65 43.76
CA ALA B 391 14.25 16.08 42.85
C ALA B 391 12.97 15.31 43.08
N ALA B 392 13.09 14.01 43.34
CA ALA B 392 11.90 13.19 43.61
C ALA B 392 11.13 13.72 44.80
N ASP B 393 11.83 14.00 45.90
CA ASP B 393 11.19 14.58 47.07
C ASP B 393 10.76 16.02 46.80
N LEU B 394 11.54 16.75 46.01
CA LEU B 394 11.15 18.11 45.65
C LEU B 394 9.83 18.11 44.87
N ARG B 395 9.67 17.19 43.92
CA ARG B 395 8.39 17.06 43.23
C ARG B 395 7.29 16.68 44.21
N ARG B 396 7.55 15.71 45.09
CA ARG B 396 6.56 15.37 46.12
C ARG B 396 6.32 16.52 47.07
N ALA B 397 7.25 17.46 47.15
CA ALA B 397 7.02 18.66 47.94
C ALA B 397 6.07 19.59 47.21
N PHE B 398 6.45 20.00 46.00
CA PHE B 398 5.61 20.92 45.26
C PHE B 398 4.24 20.35 44.97
N SER B 399 4.12 19.03 44.79
CA SER B 399 2.79 18.49 44.52
C SER B 399 1.84 18.69 45.69
N GLY B 400 2.31 19.22 46.82
CA GLY B 400 1.45 19.60 47.92
C GLY B 400 1.53 21.08 48.24
N ILE B 401 2.70 21.69 48.00
CA ILE B 401 2.92 23.08 48.42
C ILE B 401 2.10 24.03 47.59
N VAL B 402 2.41 24.13 46.29
CA VAL B 402 1.64 25.00 45.42
C VAL B 402 0.19 24.51 45.33
N ALA B 403 0.00 23.19 45.34
CA ALA B 403 -1.35 22.64 45.43
C ALA B 403 -2.05 23.10 46.71
N GLY B 404 -1.31 23.62 47.67
CA GLY B 404 -1.90 24.20 48.87
C GLY B 404 -2.82 25.36 48.61
N ASN B 405 -2.31 26.41 47.96
CA ASN B 405 -3.10 27.60 47.69
C ASN B 405 -4.31 27.35 46.79
N VAL B 406 -4.47 26.15 46.23
CA VAL B 406 -5.63 25.82 45.39
C VAL B 406 -6.51 24.73 46.04
N LYS B 407 -5.99 23.53 46.27
CA LYS B 407 -6.88 22.51 46.81
C LYS B 407 -7.19 22.74 48.29
N GLU B 408 -8.30 22.13 48.73
CA GLU B 408 -8.72 22.22 50.12
C GLU B 408 -7.78 21.48 51.05
N VAL B 409 -7.08 20.45 50.56
CA VAL B 409 -6.07 19.83 51.40
C VAL B 409 -4.96 20.82 51.74
N GLY B 410 -4.90 21.96 51.06
CA GLY B 410 -3.91 22.98 51.35
C GLY B 410 -4.51 24.32 51.74
N ILE B 411 -5.80 24.29 52.04
CA ILE B 411 -6.51 25.46 52.55
C ILE B 411 -7.22 25.01 53.83
N ARG B 412 -7.96 23.91 53.71
CA ARG B 412 -8.78 23.35 54.80
C ARG B 412 -7.93 22.51 55.74
N ALA B 413 -7.06 21.69 55.17
CA ALA B 413 -6.23 20.85 56.03
C ALA B 413 -5.18 21.70 56.74
N ILE B 414 -4.73 22.79 56.10
CA ILE B 414 -3.74 23.66 56.75
C ILE B 414 -4.36 24.63 57.73
N GLU B 415 -5.69 24.80 57.73
CA GLU B 415 -6.32 25.48 58.85
C GLU B 415 -6.58 24.52 60.01
N GLU B 416 -6.96 23.27 59.71
CA GLU B 416 -7.28 22.32 60.77
C GLU B 416 -6.03 21.94 61.57
N PHE B 417 -5.06 21.31 60.92
CA PHE B 417 -3.86 20.82 61.61
C PHE B 417 -2.67 21.78 61.50
N GLY B 418 -2.91 23.04 61.13
CA GLY B 418 -1.84 24.02 61.00
C GLY B 418 -1.18 23.96 59.64
N PRO B 419 -0.48 25.01 59.25
CA PRO B 419 0.15 25.05 57.92
C PRO B 419 1.27 24.03 57.80
N TYR B 420 1.91 23.95 56.63
CA TYR B 420 2.85 22.86 56.35
C TYR B 420 4.22 23.24 56.87
N LYS B 421 4.63 22.61 57.98
CA LYS B 421 5.95 22.85 58.57
C LYS B 421 6.86 21.72 58.12
N ILE B 422 7.51 21.94 56.98
CA ILE B 422 8.36 20.91 56.39
C ILE B 422 9.73 20.95 57.03
N ASN B 423 10.29 19.76 57.30
CA ASN B 423 11.66 19.62 57.75
C ASN B 423 12.58 19.46 56.55
N GLY B 424 13.85 19.78 56.76
CA GLY B 424 14.85 19.76 55.72
C GLY B 424 15.89 20.85 55.97
N ASP B 425 16.36 21.45 54.89
CA ASP B 425 17.37 22.50 54.94
C ASP B 425 16.73 23.83 54.57
N LYS B 426 17.18 24.91 55.24
CA LYS B 426 16.51 26.21 55.11
C LYS B 426 16.75 26.82 53.73
N GLU B 427 17.95 26.67 53.17
CA GLU B 427 18.25 27.25 51.87
C GLU B 427 17.34 26.67 50.78
N ILE B 428 17.12 25.36 50.81
CA ILE B 428 16.19 24.75 49.86
C ILE B 428 14.83 25.42 49.98
N MET B 429 14.28 25.48 51.19
CA MET B 429 12.96 26.09 51.38
C MET B 429 12.95 27.56 50.95
N ARG B 430 14.10 28.23 50.98
CA ARG B 430 14.16 29.61 50.52
C ARG B 430 14.02 29.70 49.01
N ARG B 431 14.76 28.84 48.28
CA ARG B 431 14.61 28.79 46.82
C ARG B 431 13.16 28.51 46.44
N MET B 432 12.58 27.48 47.05
CA MET B 432 11.19 27.09 46.81
C MET B 432 10.25 28.27 46.90
N ASP B 433 10.29 28.98 48.02
CA ASP B 433 9.43 30.14 48.21
C ASP B 433 9.79 31.25 47.21
N ASP B 434 11.09 31.41 46.92
CA ASP B 434 11.49 32.48 46.00
C ASP B 434 11.00 32.21 44.58
N LEU B 435 11.06 30.96 44.14
CA LEU B 435 10.49 30.62 42.84
C LEU B 435 8.99 30.90 42.82
N LEU B 436 8.30 30.51 43.88
CA LEU B 436 6.86 30.74 43.98
C LEU B 436 6.51 32.21 43.90
N GLN B 437 7.25 33.05 44.63
CA GLN B 437 7.04 34.49 44.54
C GLN B 437 7.29 34.99 43.13
N GLY B 438 8.26 34.40 42.44
CA GLY B 438 8.38 34.63 41.03
C GLY B 438 7.06 34.29 40.36
N PHE B 439 6.57 33.07 40.62
CA PHE B 439 5.43 32.54 39.88
C PHE B 439 4.16 33.33 40.17
N VAL B 440 4.09 33.99 41.34
CA VAL B 440 2.98 34.90 41.58
C VAL B 440 3.16 36.19 40.79
N ALA B 441 4.41 36.60 40.51
CA ALA B 441 4.64 37.87 39.84
C ALA B 441 4.39 37.81 38.34
N GLN B 442 4.47 36.64 37.73
CA GLN B 442 4.04 36.48 36.35
C GLN B 442 2.58 36.02 36.25
N HIS B 443 1.84 36.08 37.36
CA HIS B 443 0.40 35.85 37.38
C HIS B 443 0.05 34.39 37.06
N ARG B 444 0.88 33.46 37.53
CA ARG B 444 0.62 32.03 37.34
C ARG B 444 -0.07 31.44 38.57
N ILE B 453 1.79 33.98 57.29
CA ILE B 453 2.39 32.70 56.95
C ILE B 453 1.46 32.02 55.94
N PRO B 454 1.94 31.73 54.74
CA PRO B 454 1.06 31.11 53.73
C PRO B 454 0.76 29.65 54.02
N CYS B 455 0.54 28.87 52.96
CA CYS B 455 0.24 27.46 53.09
C CYS B 455 1.44 26.64 53.53
N TYR B 456 2.61 27.26 53.72
CA TYR B 456 3.86 26.54 53.90
C TYR B 456 4.75 27.26 54.89
N GLU B 457 5.37 26.50 55.79
CA GLU B 457 6.28 27.10 56.77
C GLU B 457 7.65 26.44 56.69
N ALA C 7 -20.24 -17.16 -27.67
CA ALA C 7 -19.86 -16.80 -29.03
C ALA C 7 -19.11 -15.46 -29.07
N ILE C 8 -19.73 -14.40 -28.53
CA ILE C 8 -19.16 -13.04 -28.47
C ILE C 8 -19.06 -12.57 -27.02
N THR C 9 -17.82 -12.32 -26.58
CA THR C 9 -17.60 -11.61 -25.31
C THR C 9 -16.82 -10.33 -25.57
N HIS C 10 -17.14 -9.34 -24.72
CA HIS C 10 -16.61 -7.99 -24.77
C HIS C 10 -15.77 -7.82 -23.52
N ILE C 11 -14.47 -7.55 -23.71
CA ILE C 11 -13.47 -7.39 -22.65
C ILE C 11 -13.21 -5.91 -22.41
N SER C 12 -12.99 -5.54 -21.12
CA SER C 12 -12.55 -4.20 -20.73
C SER C 12 -11.01 -4.13 -20.61
N PRO C 13 -10.39 -2.95 -20.69
CA PRO C 13 -8.93 -2.91 -20.57
C PRO C 13 -8.46 -3.33 -19.17
N LEU C 14 -7.28 -3.97 -19.13
CA LEU C 14 -6.57 -4.40 -17.91
C LEU C 14 -5.10 -4.07 -18.04
N GLY C 15 -4.70 -2.93 -17.48
CA GLY C 15 -3.32 -2.47 -17.50
C GLY C 15 -3.03 -1.53 -18.64
N SER C 16 -2.68 -2.09 -19.78
CA SER C 16 -2.44 -1.28 -20.97
C SER C 16 -3.73 -0.71 -21.57
N MET C 17 -3.63 0.52 -22.11
CA MET C 17 -4.71 1.25 -22.80
C MET C 17 -5.85 1.68 -21.87
N ASP C 18 -5.56 1.92 -20.59
CA ASP C 18 -6.65 2.15 -19.64
C ASP C 18 -7.30 3.53 -19.81
N MET C 19 -6.49 4.59 -20.02
CA MET C 19 -6.95 5.97 -20.26
C MET C 19 -6.64 6.42 -21.66
N LEU C 20 -7.62 6.44 -22.53
CA LEU C 20 -7.36 6.67 -23.94
C LEU C 20 -8.09 7.93 -24.39
N SER C 21 -7.43 8.74 -25.22
CA SER C 21 -8.16 9.90 -25.71
C SER C 21 -9.03 9.44 -26.84
N GLN C 22 -10.19 10.08 -26.97
CA GLN C 22 -11.17 9.66 -27.95
C GLN C 22 -10.53 9.56 -29.33
N LEU C 23 -9.93 10.65 -29.79
CA LEU C 23 -9.19 10.70 -31.04
C LEU C 23 -8.21 9.55 -31.17
N GLU C 24 -7.72 9.02 -30.05
CA GLU C 24 -6.85 7.85 -30.15
C GLU C 24 -7.62 6.56 -30.38
N VAL C 25 -8.74 6.36 -29.68
CA VAL C 25 -9.49 5.10 -29.67
C VAL C 25 -9.86 4.73 -31.08
N ASP C 26 -10.74 5.53 -31.61
CA ASP C 26 -10.66 6.02 -32.96
C ASP C 26 -9.49 5.51 -33.80
N MET C 27 -8.24 5.94 -33.53
CA MET C 27 -7.14 5.60 -34.43
C MET C 27 -6.84 4.11 -34.40
N LEU C 28 -7.15 3.45 -33.29
CA LEU C 28 -7.04 2.01 -33.21
C LEU C 28 -7.96 1.36 -34.24
N LYS C 29 -9.25 1.75 -34.22
CA LYS C 29 -10.27 1.13 -35.07
C LYS C 29 -9.98 1.29 -36.55
N ARG C 30 -9.51 2.46 -36.99
CA ARG C 30 -9.01 2.54 -38.37
C ARG C 30 -7.88 1.54 -38.58
N THR C 31 -6.79 1.68 -37.83
CA THR C 31 -5.65 0.78 -38.03
C THR C 31 -6.07 -0.68 -37.93
N ALA C 32 -7.05 -1.00 -37.07
CA ALA C 32 -7.54 -2.37 -36.94
C ALA C 32 -8.18 -2.89 -38.21
N SER C 33 -8.57 -1.99 -39.09
CA SER C 33 -9.22 -2.38 -40.33
C SER C 33 -8.23 -2.54 -41.45
N SER C 34 -7.01 -2.05 -41.25
CA SER C 34 -5.98 -2.09 -42.26
C SER C 34 -5.47 -3.53 -42.43
N ASP C 35 -4.58 -3.69 -43.42
CA ASP C 35 -4.00 -5.00 -43.73
C ASP C 35 -3.33 -5.62 -42.52
N LEU C 36 -2.99 -4.79 -41.55
CA LEU C 36 -2.29 -5.22 -40.35
C LEU C 36 -3.19 -6.20 -39.61
N TYR C 37 -4.49 -6.25 -39.99
CA TYR C 37 -5.50 -6.98 -39.21
C TYR C 37 -5.03 -8.39 -38.88
N GLN C 38 -4.61 -9.14 -39.90
CA GLN C 38 -4.26 -10.54 -39.65
C GLN C 38 -3.25 -10.66 -38.51
N LEU C 39 -2.24 -9.79 -38.49
CA LEU C 39 -1.27 -9.80 -37.40
C LEU C 39 -1.96 -9.68 -36.06
N PHE C 40 -2.66 -8.55 -35.85
CA PHE C 40 -3.49 -8.34 -34.65
C PHE C 40 -4.31 -9.57 -34.27
N ARG C 41 -4.93 -10.23 -35.24
CA ARG C 41 -5.70 -11.44 -34.95
C ARG C 41 -4.78 -12.57 -34.50
N ASN C 42 -3.76 -12.87 -35.31
CA ASN C 42 -2.85 -13.96 -34.99
C ASN C 42 -2.32 -13.83 -33.58
N CYS C 43 -1.81 -12.65 -33.25
CA CYS C 43 -1.22 -12.42 -31.93
C CYS C 43 -2.26 -12.60 -30.83
N SER C 44 -3.47 -12.07 -31.04
CA SER C 44 -4.49 -12.16 -29.99
C SER C 44 -4.98 -13.59 -29.80
N LEU C 45 -4.88 -14.43 -30.83
CA LEU C 45 -5.26 -15.82 -30.68
C LEU C 45 -4.20 -16.57 -29.88
N ALA C 46 -2.93 -16.26 -30.20
CA ALA C 46 -1.79 -16.78 -29.45
C ALA C 46 -1.86 -16.39 -27.98
N VAL C 47 -2.18 -15.12 -27.69
CA VAL C 47 -2.25 -14.69 -26.30
C VAL C 47 -3.28 -15.50 -25.54
N LEU C 48 -4.33 -15.93 -26.22
CA LEU C 48 -5.40 -16.55 -25.48
C LEU C 48 -5.16 -18.04 -25.33
N ASN C 49 -4.20 -18.57 -26.07
CA ASN C 49 -3.79 -19.97 -26.01
C ASN C 49 -2.54 -20.21 -25.15
N SER C 50 -2.32 -19.41 -24.10
CA SER C 50 -1.19 -19.64 -23.23
C SER C 50 -1.49 -20.73 -22.22
N GLY C 51 -0.46 -21.49 -21.86
CA GLY C 51 -0.62 -22.61 -20.95
C GLY C 51 -1.50 -23.71 -21.49
N SER C 52 -1.67 -23.74 -22.81
CA SER C 52 -2.50 -24.76 -23.46
C SER C 52 -2.03 -26.16 -23.10
N LEU C 53 -2.98 -27.01 -22.70
CA LEU C 53 -2.65 -28.39 -22.34
C LEU C 53 -1.92 -29.08 -23.48
N THR C 54 -2.36 -28.82 -24.71
CA THR C 54 -1.63 -29.25 -25.89
C THR C 54 -0.44 -28.34 -26.14
N ASP C 55 0.75 -28.92 -26.19
CA ASP C 55 1.97 -28.18 -26.47
C ASP C 55 2.26 -28.08 -27.96
N ASN C 56 1.22 -28.17 -28.79
CA ASN C 56 1.33 -28.10 -30.24
C ASN C 56 1.56 -26.66 -30.69
N SER C 57 2.43 -26.49 -31.69
CA SER C 57 2.73 -25.15 -32.16
C SER C 57 1.68 -24.69 -33.17
N LYS C 58 1.83 -25.10 -34.43
CA LYS C 58 0.93 -24.66 -35.48
C LYS C 58 -0.42 -25.34 -35.40
N GLU C 59 -0.45 -26.59 -34.91
CA GLU C 59 -1.69 -27.35 -34.85
C GLU C 59 -2.68 -26.74 -33.86
N LEU C 60 -2.16 -26.15 -32.77
CA LEU C 60 -3.04 -25.58 -31.76
C LEU C 60 -3.82 -24.39 -32.32
N LEU C 61 -3.12 -23.46 -33.00
CA LEU C 61 -3.77 -22.27 -33.54
C LEU C 61 -4.67 -22.56 -34.75
N SER C 62 -4.29 -23.48 -35.64
CA SER C 62 -5.13 -23.77 -36.80
C SER C 62 -6.52 -24.29 -36.43
N ARG C 63 -6.70 -24.80 -35.21
CA ARG C 63 -8.04 -25.26 -34.80
C ARG C 63 -9.02 -24.10 -34.71
N PHE C 64 -8.59 -23.00 -34.12
CA PHE C 64 -9.47 -21.84 -33.94
C PHE C 64 -9.44 -20.94 -35.17
N GLU C 65 -10.04 -21.44 -36.26
CA GLU C 65 -10.10 -20.61 -37.47
C GLU C 65 -11.30 -19.68 -37.43
N ASN C 66 -12.39 -20.09 -36.80
CA ASN C 66 -13.54 -19.20 -36.64
C ASN C 66 -13.25 -17.99 -35.75
N PHE C 67 -12.13 -17.97 -35.01
CA PHE C 67 -11.83 -16.84 -34.13
C PHE C 67 -11.69 -15.57 -34.94
N ASP C 68 -12.10 -14.45 -34.35
CA ASP C 68 -11.80 -13.10 -34.85
C ASP C 68 -12.11 -12.08 -33.77
N ILE C 69 -11.53 -10.89 -33.92
CA ILE C 69 -11.51 -9.89 -32.86
C ILE C 69 -11.84 -8.51 -33.42
N ASN C 70 -12.60 -7.73 -32.64
CA ASN C 70 -13.10 -6.43 -33.08
C ASN C 70 -12.85 -5.34 -32.04
N VAL C 71 -12.23 -4.25 -32.47
CA VAL C 71 -12.02 -3.08 -31.63
C VAL C 71 -13.34 -2.33 -31.51
N LEU C 72 -13.91 -2.29 -30.32
CA LEU C 72 -15.16 -1.58 -30.12
C LEU C 72 -14.92 -0.24 -29.47
N ARG C 73 -15.66 0.77 -29.89
CA ARG C 73 -15.51 2.13 -29.40
C ARG C 73 -16.63 2.44 -28.43
N ARG C 74 -16.29 3.06 -27.30
CA ARG C 74 -17.28 3.70 -26.44
C ARG C 74 -16.78 5.12 -26.14
N GLU C 75 -17.59 5.90 -25.44
CA GLU C 75 -17.15 7.26 -25.14
C GLU C 75 -15.96 7.25 -24.19
N ARG C 76 -16.02 6.47 -23.12
CA ARG C 76 -14.90 6.45 -22.15
C ARG C 76 -13.59 6.01 -22.81
N GLY C 77 -13.60 4.88 -23.50
CA GLY C 77 -12.32 4.36 -23.90
C GLY C 77 -12.39 3.48 -25.11
N VAL C 78 -12.15 2.19 -24.91
CA VAL C 78 -12.11 1.18 -25.96
C VAL C 78 -12.36 -0.15 -25.25
N LYS C 79 -12.83 -1.14 -26.02
CA LYS C 79 -13.16 -2.49 -25.53
C LYS C 79 -12.78 -3.49 -26.62
N LEU C 80 -12.80 -4.78 -26.31
CA LEU C 80 -12.45 -5.76 -27.32
C LEU C 80 -13.59 -6.77 -27.51
N GLU C 81 -13.92 -7.06 -28.77
CA GLU C 81 -15.00 -8.00 -29.09
C GLU C 81 -14.36 -9.31 -29.52
N LEU C 82 -14.73 -10.37 -28.83
CA LEU C 82 -14.07 -11.67 -28.96
C LEU C 82 -15.04 -12.66 -29.57
N ILE C 83 -14.99 -12.78 -30.90
CA ILE C 83 -15.86 -13.66 -31.66
C ILE C 83 -15.23 -15.05 -31.79
N ASN C 84 -15.81 -16.01 -31.08
CA ASN C 84 -15.27 -17.35 -30.90
C ASN C 84 -13.86 -17.39 -30.32
N PRO C 85 -13.73 -17.11 -29.03
CA PRO C 85 -12.44 -17.21 -28.37
C PRO C 85 -12.24 -18.64 -27.90
N PRO C 86 -10.99 -19.10 -27.73
CA PRO C 86 -10.79 -20.47 -27.24
C PRO C 86 -11.31 -20.58 -25.82
N GLU C 87 -12.19 -21.55 -25.58
CA GLU C 87 -12.99 -21.47 -24.36
C GLU C 87 -12.17 -21.66 -23.10
N GLU C 88 -11.00 -22.31 -23.18
CA GLU C 88 -10.21 -22.51 -21.98
C GLU C 88 -9.96 -21.18 -21.29
N ALA C 89 -9.63 -20.14 -22.05
CA ALA C 89 -9.21 -18.83 -21.53
C ALA C 89 -10.28 -18.13 -20.71
N PHE C 90 -11.34 -18.84 -20.34
CA PHE C 90 -12.45 -18.25 -19.61
C PHE C 90 -12.81 -19.15 -18.44
N VAL C 91 -12.76 -18.62 -17.22
CA VAL C 91 -13.12 -19.38 -16.04
C VAL C 91 -14.41 -18.80 -15.47
N ASP C 92 -15.43 -19.67 -15.40
CA ASP C 92 -16.79 -19.31 -14.97
C ASP C 92 -17.31 -18.10 -15.76
N GLY C 93 -17.00 -18.07 -17.07
CA GLY C 93 -17.44 -17.02 -17.96
C GLY C 93 -16.51 -15.83 -18.07
N ARG C 94 -15.58 -15.67 -17.14
CA ARG C 94 -14.72 -14.50 -17.06
C ARG C 94 -13.35 -14.82 -17.67
N ILE C 95 -12.77 -13.85 -18.36
CA ILE C 95 -11.39 -14.00 -18.82
C ILE C 95 -10.42 -14.06 -17.63
N ILE C 96 -9.43 -14.92 -17.77
CA ILE C 96 -8.29 -15.02 -16.86
C ILE C 96 -7.52 -13.71 -16.87
N ARG C 97 -7.36 -13.09 -15.69
CA ARG C 97 -6.87 -11.71 -15.67
C ARG C 97 -5.54 -11.60 -16.41
N ALA C 98 -4.65 -12.57 -16.21
CA ALA C 98 -3.41 -12.64 -16.99
C ALA C 98 -3.68 -12.46 -18.48
N LEU C 99 -4.48 -13.38 -19.04
CA LEU C 99 -4.82 -13.34 -20.45
C LEU C 99 -5.36 -11.97 -20.85
N GLN C 100 -6.27 -11.42 -20.03
CA GLN C 100 -6.84 -10.10 -20.29
C GLN C 100 -5.76 -9.06 -20.56
N ALA C 101 -4.78 -8.94 -19.63
CA ALA C 101 -3.75 -7.91 -19.72
C ALA C 101 -2.78 -8.18 -20.87
N ASN C 102 -2.39 -9.43 -21.10
CA ASN C 102 -1.65 -9.76 -22.32
C ASN C 102 -2.38 -9.34 -23.59
N LEU C 103 -3.70 -9.55 -23.66
CA LEU C 103 -4.45 -9.13 -24.84
C LEU C 103 -4.31 -7.64 -25.10
N PHE C 104 -4.65 -6.83 -24.08
CA PHE C 104 -4.55 -5.38 -24.22
C PHE C 104 -3.11 -4.94 -24.40
N ALA C 105 -2.15 -5.85 -24.20
CA ALA C 105 -0.77 -5.55 -24.55
C ALA C 105 -0.57 -5.67 -26.05
N VAL C 106 -1.15 -6.71 -26.65
CA VAL C 106 -1.08 -6.84 -28.10
C VAL C 106 -1.75 -5.64 -28.77
N LEU C 107 -2.89 -5.20 -28.25
CA LEU C 107 -3.47 -3.93 -28.73
C LEU C 107 -2.51 -2.75 -28.57
N ARG C 108 -1.82 -2.65 -27.42
CA ARG C 108 -0.87 -1.55 -27.27
C ARG C 108 0.22 -1.63 -28.33
N ASP C 109 1.08 -2.65 -28.25
CA ASP C 109 2.27 -2.63 -29.10
C ASP C 109 1.96 -2.95 -30.57
N ILE C 110 0.94 -3.77 -30.85
CA ILE C 110 0.63 -4.15 -32.23
C ILE C 110 -0.10 -3.04 -33.01
N LEU C 111 -1.08 -2.35 -32.41
CA LEU C 111 -1.91 -1.35 -33.12
C LEU C 111 -1.52 0.09 -32.82
N PHE C 112 -1.42 0.46 -31.54
CA PHE C 112 -1.07 1.82 -31.12
C PHE C 112 0.39 2.16 -31.34
N VAL C 113 1.24 1.13 -31.51
CA VAL C 113 2.70 1.22 -31.45
C VAL C 113 3.34 0.90 -32.81
N TYR C 114 3.12 -0.31 -33.32
CA TYR C 114 3.57 -0.69 -34.65
C TYR C 114 2.85 0.11 -35.74
N GLY C 115 1.52 0.03 -35.76
CA GLY C 115 0.75 0.77 -36.73
C GLY C 115 1.13 2.23 -36.79
N GLN C 116 1.20 2.88 -35.63
CA GLN C 116 1.35 4.33 -35.62
C GLN C 116 2.70 4.77 -36.20
N ILE C 117 3.81 4.19 -35.73
CA ILE C 117 5.12 4.66 -36.17
C ILE C 117 5.44 4.24 -37.60
N HIS C 118 4.81 3.19 -38.13
CA HIS C 118 5.12 2.77 -39.48
C HIS C 118 4.36 3.59 -40.52
N ASN C 119 3.10 3.92 -40.25
CA ASN C 119 2.23 4.60 -41.21
C ASN C 119 2.08 6.05 -40.82
N THR C 120 1.02 6.42 -40.07
CA THR C 120 0.66 7.82 -39.82
C THR C 120 1.82 8.57 -39.16
N VAL C 121 2.19 9.70 -39.75
CA VAL C 121 3.31 10.49 -39.24
C VAL C 121 2.80 11.44 -38.16
N ARG C 122 2.15 10.90 -37.11
CA ARG C 122 1.68 11.73 -35.99
C ARG C 122 2.83 12.27 -35.17
N PHE C 123 3.70 11.40 -34.65
CA PHE C 123 4.99 11.95 -34.27
C PHE C 123 5.73 12.21 -35.58
N PRO C 124 5.90 13.47 -35.99
CA PRO C 124 6.76 13.72 -37.15
C PRO C 124 8.20 13.30 -36.89
N ASN C 125 8.91 14.01 -36.01
CA ASN C 125 10.36 13.88 -35.79
C ASN C 125 10.78 12.46 -35.41
N LEU C 126 10.68 11.52 -36.37
CA LEU C 126 11.05 10.10 -36.20
C LEU C 126 11.48 9.56 -37.56
N ASN C 127 12.74 9.77 -37.91
CA ASN C 127 13.19 9.23 -39.18
C ASN C 127 13.56 7.76 -39.09
N LEU C 128 13.75 7.23 -37.89
CA LEU C 128 13.89 5.79 -37.66
C LEU C 128 15.12 5.18 -38.33
N ASP C 129 16.02 5.99 -38.87
CA ASP C 129 17.37 5.53 -39.21
C ASP C 129 18.41 6.05 -38.23
N ASN C 130 18.32 7.33 -37.90
CA ASN C 130 19.19 7.94 -36.91
C ASN C 130 19.10 7.13 -35.61
N SER C 131 20.27 6.68 -35.16
CA SER C 131 20.34 5.75 -34.04
C SER C 131 19.84 6.38 -32.76
N VAL C 132 20.07 7.68 -32.59
CA VAL C 132 19.49 8.40 -31.47
C VAL C 132 17.98 8.26 -31.46
N HIS C 133 17.37 8.34 -32.65
CA HIS C 133 15.93 8.20 -32.73
C HIS C 133 15.51 6.76 -32.43
N ILE C 134 16.34 5.78 -32.80
CA ILE C 134 15.98 4.38 -32.55
C ILE C 134 16.01 4.08 -31.06
N THR C 135 17.04 4.58 -30.37
CA THR C 135 17.13 4.34 -28.93
C THR C 135 16.03 5.11 -28.20
N ASN C 136 15.90 6.40 -28.46
CA ASN C 136 14.87 7.14 -27.74
C ASN C 136 13.51 6.47 -27.94
N LEU C 137 13.20 6.04 -29.18
CA LEU C 137 11.95 5.33 -29.43
C LEU C 137 11.85 4.07 -28.58
N VAL C 138 12.91 3.22 -28.62
CA VAL C 138 12.90 2.04 -27.76
C VAL C 138 12.54 2.43 -26.34
N PHE C 139 12.97 3.62 -25.90
CA PHE C 139 12.58 4.08 -24.58
C PHE C 139 11.09 4.45 -24.52
N SER C 140 10.55 5.15 -25.53
CA SER C 140 9.13 5.56 -25.44
C SER C 140 8.22 4.34 -25.42
N ILE C 141 8.44 3.38 -26.32
CA ILE C 141 7.80 2.05 -26.24
C ILE C 141 7.82 1.54 -24.81
N LEU C 142 9.00 1.45 -24.18
CA LEU C 142 9.05 0.85 -22.85
C LEU C 142 8.37 1.68 -21.78
N ARG C 143 8.60 3.00 -21.78
CA ARG C 143 7.94 3.83 -20.77
C ARG C 143 6.43 3.64 -20.79
N ASN C 144 5.86 3.47 -22.00
CA ASN C 144 4.41 3.38 -22.21
C ASN C 144 3.88 2.04 -21.73
N ALA C 145 4.68 0.98 -21.79
CA ALA C 145 4.20 -0.27 -21.26
C ALA C 145 4.27 -0.35 -19.74
N ARG C 146 4.36 0.81 -19.07
CA ARG C 146 4.59 0.92 -17.61
C ARG C 146 5.68 -0.04 -17.13
N ALA C 147 6.68 -0.27 -17.99
CA ALA C 147 7.68 -1.31 -17.82
C ALA C 147 8.93 -0.78 -17.12
N LEU C 148 9.25 0.49 -17.29
CA LEU C 148 10.38 1.06 -16.57
C LEU C 148 9.85 1.71 -15.31
N HIS C 149 10.42 1.40 -14.16
CA HIS C 149 9.93 2.02 -12.93
C HIS C 149 10.94 3.01 -12.39
N VAL C 150 10.46 4.18 -11.95
CA VAL C 150 11.35 5.22 -11.43
C VAL C 150 11.82 4.87 -10.02
N GLY C 151 13.15 4.90 -9.82
CA GLY C 151 13.75 4.56 -8.54
C GLY C 151 13.80 3.08 -8.23
N GLU C 152 13.49 2.22 -9.20
CA GLU C 152 13.62 0.78 -9.01
C GLU C 152 15.10 0.41 -8.95
N ALA C 153 15.58 0.09 -7.73
CA ALA C 153 16.92 -0.42 -7.51
C ALA C 153 17.16 -1.71 -8.30
N PRO C 154 18.32 -1.86 -8.93
CA PRO C 154 18.51 -2.87 -9.99
C PRO C 154 18.38 -4.32 -9.53
N ASN C 155 17.52 -5.09 -10.26
CA ASN C 155 17.34 -6.51 -9.98
C ASN C 155 16.88 -7.35 -11.17
N MET C 156 17.15 -6.94 -12.41
CA MET C 156 16.65 -7.62 -13.57
C MET C 156 17.75 -8.46 -14.21
N VAL C 157 17.52 -9.75 -14.30
CA VAL C 157 18.46 -10.69 -14.90
C VAL C 157 17.86 -11.16 -16.22
N VAL C 158 18.26 -10.53 -17.33
CA VAL C 158 17.82 -11.01 -18.64
C VAL C 158 18.36 -12.40 -18.93
N CYS C 159 17.56 -13.28 -19.52
CA CYS C 159 17.91 -14.71 -19.58
C CYS C 159 17.71 -15.30 -20.96
N TRP C 160 18.73 -15.23 -21.78
CA TRP C 160 18.61 -15.69 -23.15
C TRP C 160 18.76 -17.21 -23.16
N GLY C 161 18.11 -17.87 -24.09
CA GLY C 161 18.14 -19.31 -24.09
C GLY C 161 17.69 -19.89 -25.41
N GLY C 162 17.16 -21.11 -25.35
CA GLY C 162 16.79 -21.83 -26.55
C GLY C 162 15.36 -22.34 -26.47
N HIS C 163 14.70 -22.34 -27.63
CA HIS C 163 13.28 -22.68 -27.75
C HIS C 163 12.97 -24.08 -27.24
N SER C 164 13.54 -25.08 -27.88
CA SER C 164 13.48 -26.44 -27.38
C SER C 164 14.79 -26.75 -26.66
N ILE C 165 14.68 -27.38 -25.49
CA ILE C 165 15.83 -27.76 -24.67
C ILE C 165 15.50 -29.12 -24.06
N ASN C 166 16.55 -29.92 -23.78
CA ASN C 166 16.37 -31.26 -23.22
C ASN C 166 15.83 -31.19 -21.79
N GLU C 167 15.48 -32.35 -21.21
CA GLU C 167 14.99 -32.38 -19.84
C GLU C 167 16.01 -31.81 -18.85
N ASN C 168 17.27 -32.23 -18.94
CA ASN C 168 18.30 -31.72 -18.05
C ASN C 168 18.42 -30.19 -18.11
N GLU C 169 18.51 -29.62 -19.33
CA GLU C 169 18.65 -28.18 -19.45
C GLU C 169 17.52 -27.45 -18.75
N TYR C 170 16.28 -27.98 -18.86
CA TYR C 170 15.15 -27.35 -18.19
C TYR C 170 15.34 -27.34 -16.67
N LEU C 171 15.33 -28.51 -16.04
CA LEU C 171 15.71 -28.64 -14.64
C LEU C 171 16.82 -27.66 -14.22
N TYR C 172 17.98 -27.75 -14.88
CA TYR C 172 19.07 -26.81 -14.58
C TYR C 172 18.62 -25.36 -14.71
N ALA C 173 17.83 -25.01 -15.72
CA ALA C 173 17.44 -23.61 -15.83
C ALA C 173 16.37 -23.25 -14.79
N ARG C 174 15.48 -24.19 -14.45
CA ARG C 174 14.54 -23.93 -13.37
C ARG C 174 15.29 -23.64 -12.08
N ARG C 175 16.35 -24.40 -11.82
CA ARG C 175 17.08 -24.24 -10.56
C ARG C 175 17.69 -22.84 -10.50
N VAL C 176 18.41 -22.43 -11.56
CA VAL C 176 18.99 -21.08 -11.63
C VAL C 176 17.94 -20.05 -11.31
N GLY C 177 16.72 -20.28 -11.79
CA GLY C 177 15.63 -19.35 -11.51
C GLY C 177 15.26 -19.36 -10.05
N ASN C 178 14.92 -20.53 -9.51
CA ASN C 178 14.75 -20.66 -8.08
C ASN C 178 15.82 -19.94 -7.29
N GLN C 179 17.09 -20.14 -7.65
CA GLN C 179 18.15 -19.42 -6.94
C GLN C 179 18.00 -17.92 -7.17
N LEU C 180 18.02 -17.51 -8.45
CA LEU C 180 17.78 -16.10 -8.78
C LEU C 180 16.63 -15.49 -7.98
N GLY C 181 15.53 -16.21 -7.81
CA GLY C 181 14.41 -15.65 -7.10
C GLY C 181 14.44 -15.85 -5.61
N LEU C 182 15.30 -16.77 -5.12
CA LEU C 182 15.62 -16.89 -3.69
C LEU C 182 16.38 -15.71 -3.17
N ARG C 183 17.09 -15.03 -4.07
CA ARG C 183 17.80 -13.81 -3.78
C ARG C 183 17.04 -12.59 -4.29
N GLU C 184 15.76 -12.73 -4.64
CA GLU C 184 14.92 -11.55 -4.86
C GLU C 184 15.39 -10.78 -6.10
N LEU C 185 15.55 -11.50 -7.20
CA LEU C 185 15.92 -10.95 -8.50
C LEU C 185 14.82 -11.27 -9.50
N ASN C 186 14.46 -10.29 -10.31
CA ASN C 186 13.34 -10.57 -11.22
C ASN C 186 13.90 -11.02 -12.57
N ILE C 187 13.21 -11.92 -13.23
CA ILE C 187 13.63 -12.45 -14.51
C ILE C 187 12.97 -11.67 -15.64
N CYS C 188 13.65 -11.59 -16.78
CA CYS C 188 13.13 -11.16 -18.07
C CYS C 188 13.54 -12.16 -19.16
N THR C 189 12.59 -12.75 -19.91
CA THR C 189 13.06 -13.63 -20.99
C THR C 189 12.52 -13.19 -22.34
N GLY C 190 12.48 -14.08 -23.32
CA GLY C 190 11.97 -13.74 -24.65
C GLY C 190 10.53 -14.20 -24.90
N CYS C 191 9.75 -14.27 -23.82
CA CYS C 191 8.35 -14.69 -23.67
C CYS C 191 8.02 -16.17 -23.97
N GLY C 192 8.96 -16.94 -24.55
CA GLY C 192 8.64 -18.23 -25.14
C GLY C 192 8.57 -19.39 -24.18
N PRO C 193 8.79 -20.64 -24.68
CA PRO C 193 8.84 -21.80 -23.78
C PRO C 193 10.28 -22.19 -23.47
N GLY C 194 10.48 -23.32 -22.75
CA GLY C 194 11.80 -23.86 -22.43
C GLY C 194 12.77 -22.98 -21.66
N ALA C 195 13.82 -22.54 -22.36
CA ALA C 195 14.81 -21.68 -21.70
C ALA C 195 14.23 -20.34 -21.29
N MET C 196 13.13 -19.90 -21.89
CA MET C 196 12.56 -18.61 -21.52
C MET C 196 11.42 -18.77 -20.52
N GLU C 197 11.04 -20.00 -20.21
CA GLU C 197 10.01 -20.31 -19.23
C GLU C 197 10.63 -20.82 -17.94
N ALA C 198 11.64 -21.67 -18.07
CA ALA C 198 12.15 -22.39 -16.93
C ALA C 198 12.61 -21.44 -15.84
N PRO C 199 13.29 -20.34 -16.13
CA PRO C 199 13.67 -19.43 -15.04
C PRO C 199 12.45 -18.87 -14.33
N MET C 200 11.59 -18.12 -15.01
CA MET C 200 10.43 -17.56 -14.33
C MET C 200 9.72 -18.64 -13.53
N LYS C 201 9.68 -19.87 -14.06
CA LYS C 201 8.94 -20.96 -13.41
C LYS C 201 9.51 -21.27 -12.03
N GLY C 202 10.84 -21.30 -11.91
CA GLY C 202 11.46 -21.55 -10.61
C GLY C 202 11.46 -20.30 -9.73
N ALA C 203 11.89 -19.17 -10.29
CA ALA C 203 11.96 -17.88 -9.61
C ALA C 203 10.69 -17.58 -8.85
N ALA C 204 9.60 -18.17 -9.35
CA ALA C 204 8.30 -18.10 -8.70
C ALA C 204 8.36 -18.78 -7.34
N VAL C 205 8.91 -19.99 -7.29
CA VAL C 205 8.99 -20.64 -5.99
C VAL C 205 9.94 -19.85 -5.10
N GLY C 206 10.98 -19.28 -5.73
CA GLY C 206 11.94 -18.50 -4.96
C GLY C 206 11.32 -17.27 -4.33
N HIS C 207 10.72 -16.40 -5.16
CA HIS C 207 10.02 -15.21 -4.64
C HIS C 207 9.08 -15.59 -3.54
N ALA C 208 8.55 -16.81 -3.62
CA ALA C 208 7.55 -17.28 -2.67
C ALA C 208 8.14 -17.55 -1.31
N GLN C 209 9.16 -18.43 -1.26
CA GLN C 209 9.82 -18.71 0.00
C GLN C 209 10.34 -17.43 0.62
N GLN C 210 10.80 -16.50 -0.21
CA GLN C 210 11.45 -15.39 0.43
C GLN C 210 10.46 -14.26 0.68
N ARG C 211 9.16 -14.54 0.59
CA ARG C 211 8.10 -13.52 0.72
C ARG C 211 8.41 -12.32 -0.15
N TYR C 212 8.93 -12.56 -1.34
CA TYR C 212 9.09 -11.44 -2.23
C TYR C 212 7.77 -11.19 -2.93
N LYS C 213 7.36 -9.93 -2.92
CA LYS C 213 6.06 -9.56 -3.44
C LYS C 213 6.30 -8.60 -4.59
N ASP C 214 5.41 -8.69 -5.59
CA ASP C 214 5.51 -7.89 -6.81
C ASP C 214 6.63 -8.42 -7.70
N SER C 215 6.54 -9.73 -7.99
CA SER C 215 7.39 -10.36 -9.01
C SER C 215 7.26 -9.61 -10.34
N ARG C 216 8.36 -9.55 -11.09
CA ARG C 216 8.36 -9.05 -12.45
C ARG C 216 8.97 -10.10 -13.32
N PHE C 217 8.14 -10.74 -14.12
CA PHE C 217 8.50 -11.78 -15.08
C PHE C 217 8.20 -11.24 -16.48
N ILE C 218 9.00 -10.25 -16.93
CA ILE C 218 8.88 -9.70 -18.29
C ILE C 218 9.21 -10.72 -19.38
N GLY C 219 8.46 -10.70 -20.47
CA GLY C 219 8.78 -11.44 -21.70
C GLY C 219 8.79 -10.55 -22.95
N MET C 220 9.95 -10.34 -23.58
CA MET C 220 10.07 -9.45 -24.74
C MET C 220 10.16 -10.19 -26.07
N THR C 221 9.46 -9.65 -27.07
CA THR C 221 9.23 -10.40 -28.29
C THR C 221 8.93 -9.46 -29.45
N GLU C 222 8.65 -10.10 -30.59
CA GLU C 222 8.61 -9.52 -31.92
C GLU C 222 7.40 -10.13 -32.64
N PRO C 223 6.73 -9.39 -33.54
CA PRO C 223 5.41 -9.82 -34.00
C PRO C 223 5.38 -11.17 -34.65
N SER C 224 6.47 -11.57 -35.30
CA SER C 224 6.46 -12.89 -35.92
C SER C 224 6.56 -13.99 -34.86
N ILE C 225 7.40 -13.80 -33.85
CA ILE C 225 7.56 -14.81 -32.79
C ILE C 225 6.22 -15.09 -32.11
N ILE C 226 5.59 -14.03 -31.55
CA ILE C 226 4.41 -14.24 -30.70
C ILE C 226 3.31 -14.90 -31.51
N ALA C 227 3.11 -14.45 -32.76
CA ALA C 227 2.06 -15.00 -33.62
C ALA C 227 2.15 -16.53 -33.75
N ALA C 228 3.37 -17.07 -33.87
CA ALA C 228 3.53 -18.52 -33.99
C ALA C 228 3.62 -19.20 -32.63
N GLU C 229 4.16 -18.52 -31.63
CA GLU C 229 4.43 -19.15 -30.33
C GLU C 229 3.72 -18.34 -29.25
N PRO C 230 2.68 -18.88 -28.63
CA PRO C 230 2.08 -18.20 -27.47
C PRO C 230 3.11 -17.91 -26.39
N PRO C 231 2.94 -16.79 -25.68
CA PRO C 231 3.74 -16.57 -24.46
C PRO C 231 3.52 -17.65 -23.40
N ASN C 232 4.57 -17.90 -22.59
CA ASN C 232 4.47 -18.91 -21.55
C ASN C 232 3.60 -18.37 -20.41
N PRO C 233 2.99 -19.25 -19.61
CA PRO C 233 1.96 -18.79 -18.67
C PRO C 233 2.49 -17.96 -17.51
N LEU C 234 3.81 -17.92 -17.29
CA LEU C 234 4.36 -17.16 -16.18
C LEU C 234 4.49 -15.67 -16.47
N VAL C 235 4.54 -15.25 -17.74
CA VAL C 235 4.95 -13.90 -18.07
C VAL C 235 4.03 -12.87 -17.44
N ASN C 236 4.59 -11.92 -16.69
CA ASN C 236 3.75 -10.91 -16.01
C ASN C 236 3.64 -9.61 -16.74
N GLU C 237 4.65 -9.24 -17.49
CA GLU C 237 4.57 -8.05 -18.31
C GLU C 237 5.01 -8.37 -19.72
N LEU C 238 4.12 -8.17 -20.68
CA LEU C 238 4.37 -8.52 -22.08
C LEU C 238 4.66 -7.26 -22.88
N ILE C 239 5.73 -7.32 -23.65
CA ILE C 239 6.21 -6.22 -24.46
C ILE C 239 6.53 -6.80 -25.83
N ILE C 240 6.09 -6.11 -26.90
CA ILE C 240 6.30 -6.55 -28.28
C ILE C 240 6.95 -5.41 -29.06
N MET C 241 8.24 -5.61 -29.38
CA MET C 241 9.12 -4.68 -30.05
C MET C 241 9.11 -4.92 -31.55
N PRO C 242 9.09 -3.81 -32.29
CA PRO C 242 8.80 -3.86 -33.72
C PRO C 242 9.62 -4.83 -34.53
N ASP C 243 10.95 -4.84 -34.35
CA ASP C 243 11.83 -5.79 -35.02
C ASP C 243 12.83 -6.34 -34.01
N ILE C 244 13.36 -7.54 -34.29
CA ILE C 244 14.41 -8.11 -33.42
C ILE C 244 15.45 -7.07 -33.07
N GLU C 245 15.91 -6.32 -34.06
CA GLU C 245 16.89 -5.27 -33.83
C GLU C 245 16.47 -4.41 -32.63
N LYS C 246 15.25 -3.91 -32.65
CA LYS C 246 14.77 -3.15 -31.50
C LYS C 246 14.54 -4.08 -30.33
N ARG C 247 14.23 -5.35 -30.58
CA ARG C 247 14.06 -6.30 -29.49
C ARG C 247 15.36 -6.52 -28.72
N LEU C 248 16.44 -6.89 -29.42
CA LEU C 248 17.71 -7.07 -28.71
C LEU C 248 18.15 -5.78 -28.05
N GLU C 249 18.24 -4.70 -28.83
CA GLU C 249 18.64 -3.41 -28.27
C GLU C 249 17.91 -3.08 -26.98
N ALA C 250 16.61 -3.38 -26.89
CA ALA C 250 15.92 -3.16 -25.62
C ALA C 250 16.27 -4.23 -24.61
N PHE C 251 16.60 -5.45 -25.05
CA PHE C 251 17.10 -6.44 -24.09
C PHE C 251 18.27 -5.86 -23.32
N VAL C 252 19.28 -5.39 -24.07
CA VAL C 252 20.45 -4.77 -23.45
C VAL C 252 20.02 -3.73 -22.42
N ARG C 253 19.41 -2.63 -22.86
CA ARG C 253 19.30 -1.41 -22.03
C ARG C 253 18.59 -1.65 -20.70
N ILE C 254 17.68 -2.62 -20.63
CA ILE C 254 16.86 -2.87 -19.43
C ILE C 254 17.42 -3.97 -18.53
N ALA C 255 18.41 -4.73 -18.99
CA ALA C 255 19.03 -5.72 -18.12
C ALA C 255 20.00 -5.01 -17.18
N HIS C 256 20.16 -5.56 -15.98
CA HIS C 256 21.35 -5.30 -15.16
C HIS C 256 22.25 -6.51 -15.05
N GLY C 257 21.81 -7.65 -15.56
CA GLY C 257 22.63 -8.83 -15.66
C GLY C 257 22.10 -9.62 -16.84
N ILE C 258 22.94 -10.51 -17.36
CA ILE C 258 22.58 -11.42 -18.45
C ILE C 258 23.19 -12.79 -18.26
N ILE C 259 22.35 -13.80 -18.26
CA ILE C 259 22.74 -15.18 -18.15
C ILE C 259 22.34 -15.86 -19.45
N ILE C 260 23.29 -16.32 -20.22
CA ILE C 260 23.01 -17.02 -21.46
C ILE C 260 23.06 -18.51 -21.19
N PHE C 261 21.90 -19.14 -21.08
CA PHE C 261 21.71 -20.58 -21.10
C PHE C 261 22.14 -21.24 -22.43
N PRO C 262 22.11 -22.56 -22.52
CA PRO C 262 22.60 -23.22 -23.74
C PRO C 262 21.51 -23.21 -24.77
N GLY C 263 21.64 -22.35 -25.77
CA GLY C 263 20.63 -22.31 -26.78
C GLY C 263 21.00 -22.79 -28.17
N GLY C 264 21.68 -23.94 -28.30
CA GLY C 264 22.15 -24.35 -29.63
C GLY C 264 22.97 -23.24 -30.32
N VAL C 265 23.30 -23.48 -31.60
CA VAL C 265 24.09 -22.54 -32.40
C VAL C 265 23.49 -21.13 -32.47
N GLY C 266 22.26 -20.95 -31.99
CA GLY C 266 21.68 -19.61 -31.90
C GLY C 266 22.46 -18.70 -30.96
N THR C 267 22.74 -19.18 -29.75
CA THR C 267 23.45 -18.36 -28.77
C THR C 267 24.76 -17.80 -29.30
N ALA C 268 25.34 -18.40 -30.35
CA ALA C 268 26.64 -17.93 -30.84
C ALA C 268 26.57 -16.48 -31.31
N GLU C 269 25.58 -16.15 -32.16
CA GLU C 269 25.42 -14.77 -32.57
C GLU C 269 24.93 -13.91 -31.41
N GLU C 270 24.21 -14.52 -30.46
CA GLU C 270 23.78 -13.78 -29.27
C GLU C 270 24.98 -13.16 -28.57
N LEU C 271 25.95 -13.99 -28.16
CA LEU C 271 27.14 -13.51 -27.48
C LEU C 271 27.88 -12.47 -28.29
N LEU C 272 28.21 -12.82 -29.53
CA LEU C 272 28.85 -11.88 -30.45
C LEU C 272 28.17 -10.52 -30.43
N TYR C 273 26.83 -10.49 -30.49
CA TYR C 273 26.11 -9.22 -30.41
C TYR C 273 26.40 -8.56 -29.09
N LEU C 274 26.31 -9.33 -28.01
CA LEU C 274 26.57 -8.80 -26.69
C LEU C 274 28.00 -8.29 -26.62
N LEU C 275 28.97 -9.10 -27.09
CA LEU C 275 30.36 -8.68 -27.02
C LEU C 275 30.61 -7.43 -27.85
N GLY C 276 29.95 -7.32 -29.01
CA GLY C 276 30.12 -6.15 -29.86
C GLY C 276 30.02 -4.84 -29.10
N ILE C 277 28.94 -4.68 -28.30
CA ILE C 277 28.71 -3.45 -27.54
C ILE C 277 29.64 -3.36 -26.34
N LEU C 278 30.13 -4.52 -25.87
CA LEU C 278 30.80 -4.54 -24.58
C LEU C 278 32.26 -4.14 -24.71
N MET C 279 32.94 -4.71 -25.71
CA MET C 279 34.27 -4.46 -26.21
C MET C 279 34.37 -3.15 -26.96
N ASN C 280 33.41 -2.33 -26.75
CA ASN C 280 33.60 -1.05 -27.39
C ASN C 280 34.32 -0.13 -26.42
N PRO C 281 35.25 0.69 -26.90
CA PRO C 281 35.97 1.58 -25.99
C PRO C 281 35.11 2.58 -25.25
N ALA C 282 34.02 3.10 -25.82
CA ALA C 282 33.25 4.02 -24.99
C ALA C 282 32.48 3.30 -23.90
N ASN C 283 32.34 1.97 -23.98
CA ASN C 283 31.61 1.18 -23.00
C ASN C 283 32.52 0.32 -22.12
N LYS C 284 33.82 0.65 -22.05
CA LYS C 284 34.77 0.02 -21.14
C LYS C 284 34.49 0.34 -19.68
N ASP C 285 33.58 1.28 -19.42
CA ASP C 285 33.21 1.65 -18.07
C ASP C 285 31.88 1.06 -17.61
N GLN C 286 31.06 0.51 -18.51
CA GLN C 286 29.75 0.04 -18.09
C GLN C 286 29.81 -1.35 -17.46
N VAL C 287 29.02 -1.53 -16.41
CA VAL C 287 28.94 -2.77 -15.65
C VAL C 287 27.71 -3.55 -16.12
N LEU C 288 27.95 -4.70 -16.77
CA LEU C 288 26.88 -5.60 -17.24
C LEU C 288 27.30 -7.06 -17.12
N PRO C 289 27.14 -7.62 -15.97
CA PRO C 289 27.37 -9.05 -15.75
C PRO C 289 26.90 -10.01 -16.84
N LEU C 290 27.84 -10.64 -17.50
CA LEU C 290 27.53 -11.61 -18.55
C LEU C 290 28.06 -12.97 -18.13
N ILE C 291 27.17 -13.80 -17.62
CA ILE C 291 27.49 -15.14 -17.20
C ILE C 291 26.90 -16.09 -18.22
N LEU C 292 27.67 -17.08 -18.63
CA LEU C 292 27.07 -18.24 -19.26
C LEU C 292 26.95 -19.35 -18.23
N THR C 293 26.13 -20.36 -18.52
CA THR C 293 25.90 -21.42 -17.54
C THR C 293 25.13 -22.55 -18.19
N GLY C 294 25.04 -23.68 -17.52
CA GLY C 294 24.43 -24.83 -18.12
C GLY C 294 24.61 -26.05 -17.26
N PRO C 295 23.94 -27.13 -17.60
CA PRO C 295 24.06 -28.35 -16.78
C PRO C 295 25.40 -29.04 -17.03
N LYS C 296 25.70 -30.18 -16.42
CA LYS C 296 27.01 -30.79 -16.65
C LYS C 296 27.29 -30.96 -18.15
N GLU C 297 26.33 -31.52 -18.86
CA GLU C 297 26.55 -31.88 -20.26
C GLU C 297 26.79 -30.67 -21.15
N SER C 298 26.37 -29.48 -20.73
CA SER C 298 26.53 -28.34 -21.61
C SER C 298 27.97 -27.92 -21.76
N ALA C 299 28.89 -28.56 -21.02
CA ALA C 299 30.31 -28.22 -20.99
C ALA C 299 30.87 -28.04 -22.40
N ASP C 300 31.15 -29.15 -23.07
CA ASP C 300 31.68 -29.17 -24.43
C ASP C 300 31.10 -28.04 -25.28
N TYR C 301 29.79 -27.82 -25.16
CA TYR C 301 29.10 -26.84 -26.01
C TYR C 301 29.50 -25.41 -25.68
N PHE C 302 29.62 -25.07 -24.40
CA PHE C 302 30.12 -23.75 -24.06
C PHE C 302 31.57 -23.54 -24.49
N ARG C 303 32.37 -24.60 -24.46
CA ARG C 303 33.81 -24.39 -24.60
C ARG C 303 34.16 -24.07 -26.04
N VAL C 304 33.64 -24.89 -26.96
CA VAL C 304 33.97 -24.77 -28.37
C VAL C 304 33.60 -23.38 -28.84
N LEU C 305 32.56 -22.84 -28.24
CA LEU C 305 32.29 -21.41 -28.32
C LEU C 305 33.49 -20.61 -27.80
N ASP C 306 33.95 -20.93 -26.58
CA ASP C 306 35.03 -20.19 -25.91
C ASP C 306 36.26 -20.02 -26.78
N GLU C 307 36.78 -21.13 -27.29
CA GLU C 307 37.93 -21.08 -28.18
C GLU C 307 37.69 -20.09 -29.31
N PHE C 308 36.62 -20.30 -30.06
CA PHE C 308 36.36 -19.44 -31.20
C PHE C 308 36.42 -17.96 -30.83
N VAL C 309 35.83 -17.58 -29.69
CA VAL C 309 35.76 -16.17 -29.32
C VAL C 309 37.16 -15.62 -29.07
N VAL C 310 37.99 -16.40 -28.38
CA VAL C 310 39.30 -15.90 -27.96
C VAL C 310 40.24 -15.84 -29.15
N HIS C 311 40.09 -16.79 -30.09
CA HIS C 311 40.93 -16.78 -31.29
C HIS C 311 40.56 -15.64 -32.23
N THR C 312 39.28 -15.24 -32.24
CA THR C 312 38.86 -14.19 -33.16
C THR C 312 39.02 -12.80 -32.54
N LEU C 313 38.68 -12.66 -31.25
CA LEU C 313 38.71 -11.37 -30.57
C LEU C 313 39.92 -11.21 -29.63
N GLY C 314 40.25 -12.22 -28.84
CA GLY C 314 41.40 -12.13 -27.98
C GLY C 314 41.14 -12.59 -26.55
N GLU C 315 42.16 -12.65 -25.69
CA GLU C 315 41.87 -12.88 -24.28
C GLU C 315 41.17 -11.68 -23.67
N ASN C 316 41.37 -10.48 -24.23
CA ASN C 316 40.65 -9.30 -23.73
C ASN C 316 39.13 -9.52 -23.71
N ALA C 317 38.58 -10.33 -24.63
CA ALA C 317 37.14 -10.58 -24.67
C ALA C 317 36.67 -11.38 -23.47
N ARG C 318 37.51 -12.27 -22.94
CA ARG C 318 37.21 -13.08 -21.75
C ARG C 318 37.02 -12.27 -20.47
N ARG C 319 37.36 -10.99 -20.45
CA ARG C 319 37.02 -10.17 -19.30
C ARG C 319 35.52 -9.96 -19.19
N HIS C 320 34.86 -9.64 -20.32
CA HIS C 320 33.45 -9.27 -20.29
C HIS C 320 32.48 -10.36 -19.92
N TYR C 321 32.81 -11.62 -20.14
CA TYR C 321 31.89 -12.71 -19.84
C TYR C 321 32.52 -13.64 -18.83
N ARG C 322 31.83 -14.74 -18.55
CA ARG C 322 32.18 -15.68 -17.50
C ARG C 322 31.41 -16.96 -17.75
N ILE C 323 32.05 -18.11 -17.61
CA ILE C 323 31.34 -19.36 -17.73
C ILE C 323 31.27 -20.01 -16.35
N ILE C 324 30.17 -20.71 -16.09
CA ILE C 324 29.93 -21.46 -14.88
C ILE C 324 29.15 -22.69 -15.32
N ILE C 325 29.28 -23.80 -14.61
CA ILE C 325 28.70 -25.06 -15.07
C ILE C 325 28.23 -25.86 -13.87
N ASP C 326 26.98 -26.27 -13.89
CA ASP C 326 26.36 -27.09 -12.86
C ASP C 326 26.39 -26.43 -11.47
N ASP C 327 26.85 -25.19 -11.35
CA ASP C 327 26.75 -24.44 -10.09
C ASP C 327 25.70 -23.34 -10.04
N ALA C 328 24.46 -23.70 -10.39
CA ALA C 328 23.29 -22.83 -10.35
C ALA C 328 23.42 -21.68 -9.36
N ALA C 329 23.27 -22.00 -8.08
CA ALA C 329 23.45 -21.10 -6.96
C ALA C 329 24.51 -20.03 -7.21
N GLU C 330 25.74 -20.44 -7.52
CA GLU C 330 26.82 -19.45 -7.72
C GLU C 330 26.44 -18.42 -8.77
N VAL C 331 25.57 -18.81 -9.71
CA VAL C 331 25.23 -17.87 -10.76
C VAL C 331 24.25 -16.86 -10.19
N ALA C 332 23.29 -17.32 -9.38
CA ALA C 332 22.50 -16.37 -8.60
C ALA C 332 23.39 -15.55 -7.69
N ARG C 333 24.45 -16.18 -7.18
CA ARG C 333 25.26 -15.52 -6.19
C ARG C 333 26.03 -14.37 -6.82
N GLN C 334 26.66 -14.66 -7.94
CA GLN C 334 27.40 -13.60 -8.59
C GLN C 334 26.47 -12.49 -9.04
N MET C 335 25.30 -12.84 -9.55
CA MET C 335 24.36 -11.82 -9.99
C MET C 335 23.97 -10.90 -8.82
N LYS C 336 23.37 -11.48 -7.77
CA LYS C 336 22.94 -10.69 -6.62
C LYS C 336 24.06 -9.79 -6.15
N LYS C 337 25.30 -10.31 -6.13
CA LYS C 337 26.49 -9.50 -5.84
C LYS C 337 26.64 -8.35 -6.81
N SER C 338 26.58 -8.62 -8.11
CA SER C 338 26.89 -7.56 -9.07
C SER C 338 25.89 -6.41 -9.08
N MET C 339 24.70 -6.58 -8.48
CA MET C 339 23.71 -5.52 -8.57
C MET C 339 24.32 -4.23 -8.01
N PRO C 340 24.77 -4.21 -6.74
CA PRO C 340 25.17 -2.94 -6.15
C PRO C 340 26.17 -2.22 -6.99
N LEU C 341 27.11 -2.96 -7.57
CA LEU C 341 28.05 -2.39 -8.52
C LEU C 341 27.34 -1.83 -9.74
N VAL C 342 26.24 -2.49 -10.16
CA VAL C 342 25.60 -1.95 -11.35
C VAL C 342 24.85 -0.70 -10.95
N LYS C 343 24.27 -0.72 -9.74
CA LYS C 343 23.58 0.48 -9.25
C LYS C 343 24.55 1.64 -9.22
N GLU C 344 25.69 1.43 -8.58
CA GLU C 344 26.72 2.45 -8.53
C GLU C 344 27.10 2.90 -9.93
N ASN C 345 27.44 1.94 -10.81
CA ASN C 345 27.97 2.28 -12.14
C ASN C 345 27.10 3.30 -12.84
N ARG C 346 25.80 3.23 -12.60
CA ARG C 346 24.86 4.21 -13.08
C ARG C 346 24.88 5.48 -12.22
N ARG C 347 25.16 5.35 -10.93
CA ARG C 347 25.02 6.52 -10.05
C ARG C 347 26.03 7.58 -10.42
N ASP C 348 27.28 7.16 -10.61
CA ASP C 348 28.35 8.11 -10.94
C ASP C 348 28.23 8.61 -12.37
N THR C 349 27.78 7.78 -13.31
CA THR C 349 27.57 8.25 -14.68
C THR C 349 26.30 9.10 -14.80
N GLY C 350 25.55 9.27 -13.70
CA GLY C 350 24.35 10.11 -13.65
C GLY C 350 23.20 9.62 -14.51
N ASP C 351 22.92 8.33 -14.40
CA ASP C 351 22.20 7.56 -15.40
C ASP C 351 20.99 6.90 -14.74
N ALA C 352 19.96 6.58 -15.53
CA ALA C 352 18.79 5.93 -14.96
C ALA C 352 19.10 4.49 -14.56
N TYR C 353 18.53 4.06 -13.42
CA TYR C 353 18.76 2.69 -12.98
C TYR C 353 18.08 1.70 -13.93
N SER C 354 16.90 2.06 -14.42
CA SER C 354 16.03 1.16 -15.18
C SER C 354 16.37 1.09 -16.67
N PHE C 355 16.97 2.15 -17.19
CA PHE C 355 17.43 2.26 -18.58
C PHE C 355 18.90 2.66 -18.64
N ASN C 356 19.68 1.96 -19.49
CA ASN C 356 21.10 2.26 -19.65
C ASN C 356 21.29 3.18 -20.86
N TRP C 357 21.12 4.49 -20.63
CA TRP C 357 21.25 5.40 -21.73
C TRP C 357 22.67 5.46 -22.26
N SER C 358 23.67 5.34 -21.37
CA SER C 358 25.06 5.68 -21.70
C SER C 358 25.70 4.66 -22.63
N MET C 359 25.38 3.39 -22.45
CA MET C 359 25.82 2.29 -23.31
C MET C 359 25.72 2.64 -24.78
N ARG C 360 26.85 2.71 -25.45
CA ARG C 360 26.82 3.08 -26.85
C ARG C 360 26.64 1.78 -27.63
N ILE C 361 25.40 1.52 -28.05
CA ILE C 361 25.20 0.48 -29.05
C ILE C 361 25.44 1.08 -30.41
N ALA C 362 26.18 0.35 -31.24
CA ALA C 362 26.77 0.88 -32.45
C ALA C 362 25.78 0.82 -33.61
N PRO C 363 25.70 1.88 -34.42
CA PRO C 363 24.72 1.90 -35.51
C PRO C 363 24.65 0.65 -36.37
N ASP C 364 25.78 0.05 -36.79
CA ASP C 364 25.71 -1.18 -37.58
C ASP C 364 25.03 -2.35 -36.85
N LEU C 365 24.91 -2.27 -35.52
CA LEU C 365 24.20 -3.29 -34.72
C LEU C 365 22.72 -2.97 -34.53
N GLN C 366 22.35 -1.69 -34.68
CA GLN C 366 20.97 -1.23 -34.64
C GLN C 366 20.18 -1.50 -35.93
N MET C 367 20.79 -1.20 -37.07
CA MET C 367 20.14 -1.44 -38.35
C MET C 367 20.21 -2.92 -38.70
N PRO C 368 19.27 -3.42 -39.51
CA PRO C 368 19.28 -4.85 -39.87
C PRO C 368 20.21 -5.12 -41.05
N PHE C 369 20.46 -6.40 -41.27
CA PHE C 369 21.39 -6.85 -42.30
C PHE C 369 20.72 -7.91 -43.15
N GLU C 370 20.80 -7.77 -44.47
CA GLU C 370 20.19 -8.70 -45.41
C GLU C 370 21.27 -9.54 -46.08
N PRO C 371 21.17 -10.88 -46.02
CA PRO C 371 22.25 -11.76 -46.46
C PRO C 371 22.30 -11.97 -47.98
N SER C 372 22.28 -10.87 -48.72
CA SER C 372 22.43 -10.97 -50.17
C SER C 372 23.82 -11.46 -50.50
N HIS C 373 23.89 -12.40 -51.46
CA HIS C 373 25.16 -13.01 -51.82
C HIS C 373 26.23 -11.96 -52.10
N GLU C 374 25.81 -10.80 -52.59
CA GLU C 374 26.74 -9.69 -52.76
C GLU C 374 27.14 -9.12 -51.40
N ASN C 375 26.16 -8.93 -50.52
CA ASN C 375 26.44 -8.35 -49.21
C ASN C 375 27.30 -9.29 -48.36
N MET C 376 27.00 -10.59 -48.41
CA MET C 376 27.75 -11.60 -47.66
C MET C 376 29.25 -11.54 -47.90
N ALA C 377 29.66 -11.63 -49.17
CA ALA C 377 31.08 -11.72 -49.46
C ALA C 377 31.81 -10.42 -49.13
N ASN C 378 31.10 -9.28 -49.23
CA ASN C 378 31.69 -8.00 -48.87
C ASN C 378 31.86 -7.82 -47.37
N LEU C 379 31.38 -8.76 -46.56
CA LEU C 379 31.47 -8.64 -45.11
C LEU C 379 32.93 -8.80 -44.69
N LYS C 380 33.52 -7.72 -44.20
CA LYS C 380 34.94 -7.70 -43.86
C LYS C 380 35.21 -8.48 -42.58
N LEU C 381 36.08 -9.52 -42.67
CA LEU C 381 36.32 -10.46 -41.57
C LEU C 381 37.83 -10.76 -41.47
N TYR C 382 38.60 -9.83 -40.93
CA TYR C 382 40.04 -10.09 -40.81
C TYR C 382 40.57 -9.39 -39.56
N PRO C 383 41.73 -9.82 -39.04
CA PRO C 383 42.10 -9.45 -37.66
C PRO C 383 42.58 -8.03 -37.49
N ASP C 384 42.93 -7.33 -38.57
CA ASP C 384 43.41 -5.96 -38.43
C ASP C 384 42.28 -5.03 -38.01
N GLN C 385 41.12 -5.18 -38.66
CA GLN C 385 39.93 -4.39 -38.33
C GLN C 385 39.60 -4.53 -36.85
N PRO C 386 39.37 -3.40 -36.11
CA PRO C 386 39.23 -3.46 -34.64
C PRO C 386 38.22 -4.50 -34.14
N VAL C 387 38.33 -4.86 -32.86
CA VAL C 387 37.57 -6.00 -32.33
C VAL C 387 36.07 -5.77 -32.41
N GLU C 388 35.64 -4.53 -32.16
CA GLU C 388 34.22 -4.17 -32.27
C GLU C 388 33.68 -4.55 -33.63
N VAL C 389 34.29 -4.02 -34.69
CA VAL C 389 33.83 -4.30 -36.04
C VAL C 389 34.01 -5.79 -36.38
N LEU C 390 35.07 -6.41 -35.85
CA LEU C 390 35.30 -7.82 -36.09
C LEU C 390 34.14 -8.67 -35.60
N ALA C 391 33.71 -8.44 -34.36
CA ALA C 391 32.67 -9.28 -33.78
C ALA C 391 31.31 -8.97 -34.40
N ALA C 392 31.06 -7.71 -34.76
CA ALA C 392 29.74 -7.35 -35.30
C ALA C 392 29.52 -7.94 -36.69
N ASP C 393 30.54 -7.85 -37.54
CA ASP C 393 30.48 -8.53 -38.83
C ASP C 393 30.44 -10.05 -38.64
N LEU C 394 31.15 -10.54 -37.62
CA LEU C 394 31.08 -11.96 -37.28
C LEU C 394 29.66 -12.37 -36.89
N ARG C 395 28.92 -11.46 -36.24
CA ARG C 395 27.53 -11.71 -35.89
C ARG C 395 26.64 -11.70 -37.14
N ARG C 396 26.82 -10.69 -38.00
CA ARG C 396 26.06 -10.66 -39.24
C ARG C 396 26.44 -11.83 -40.15
N ALA C 397 27.73 -12.19 -40.20
CA ALA C 397 28.14 -13.36 -40.99
C ALA C 397 27.54 -14.64 -40.44
N PHE C 398 27.51 -14.79 -39.11
CA PHE C 398 26.86 -15.95 -38.52
C PHE C 398 25.35 -15.89 -38.65
N SER C 399 24.76 -14.70 -38.69
CA SER C 399 23.32 -14.62 -38.87
C SER C 399 22.90 -15.22 -40.21
N GLY C 400 23.71 -15.04 -41.25
CA GLY C 400 23.33 -15.50 -42.58
C GLY C 400 23.70 -16.94 -42.87
N ILE C 401 24.93 -17.32 -42.54
CA ILE C 401 25.36 -18.69 -42.79
C ILE C 401 24.63 -19.66 -41.87
N VAL C 402 24.42 -19.30 -40.59
CA VAL C 402 23.57 -20.12 -39.73
C VAL C 402 22.17 -20.14 -40.32
N ALA C 403 21.60 -21.33 -40.46
CA ALA C 403 20.33 -21.56 -41.15
C ALA C 403 20.38 -21.15 -42.63
N GLY C 404 21.58 -20.94 -43.17
CA GLY C 404 21.75 -20.80 -44.61
C GLY C 404 21.34 -22.03 -45.37
N ASN C 405 21.23 -23.18 -44.68
CA ASN C 405 20.66 -24.40 -45.23
C ASN C 405 19.30 -24.75 -44.64
N VAL C 406 18.95 -24.22 -43.45
CA VAL C 406 17.63 -24.44 -42.86
C VAL C 406 16.58 -23.62 -43.61
N LYS C 407 16.80 -22.31 -43.75
CA LYS C 407 15.95 -21.46 -44.57
C LYS C 407 16.10 -21.80 -46.05
N GLU C 408 14.98 -22.09 -46.72
CA GLU C 408 15.01 -22.45 -48.14
C GLU C 408 15.32 -21.24 -49.03
N VAL C 409 15.29 -20.02 -48.48
CA VAL C 409 15.75 -18.83 -49.21
C VAL C 409 17.26 -18.91 -49.45
N GLY C 410 18.01 -19.28 -48.42
CA GLY C 410 19.44 -19.47 -48.60
C GLY C 410 19.76 -20.55 -49.61
N ILE C 411 19.08 -21.70 -49.50
CA ILE C 411 19.31 -22.82 -50.44
C ILE C 411 19.06 -22.37 -51.87
N ARG C 412 17.87 -21.85 -52.17
CA ARG C 412 17.56 -21.42 -53.52
C ARG C 412 18.59 -20.43 -54.06
N ALA C 413 19.07 -19.54 -53.19
CA ALA C 413 20.03 -18.51 -53.61
C ALA C 413 21.47 -19.04 -53.67
N ILE C 414 21.82 -20.03 -52.83
CA ILE C 414 23.14 -20.65 -52.96
C ILE C 414 23.16 -21.73 -54.03
N GLU C 415 22.00 -22.05 -54.63
CA GLU C 415 21.94 -22.87 -55.84
C GLU C 415 22.05 -22.05 -57.11
N GLU C 416 21.69 -20.77 -57.07
CA GLU C 416 21.82 -19.87 -58.20
C GLU C 416 23.21 -19.23 -58.22
N PHE C 417 23.42 -18.18 -57.38
CA PHE C 417 24.66 -17.41 -57.29
C PHE C 417 25.82 -18.19 -56.58
N GLY C 418 25.66 -19.46 -56.21
CA GLY C 418 26.71 -20.19 -55.56
C GLY C 418 26.70 -20.00 -54.05
N PRO C 419 27.58 -20.70 -53.36
CA PRO C 419 27.65 -20.56 -51.90
C PRO C 419 28.18 -19.20 -51.47
N TYR C 420 28.24 -18.98 -50.16
CA TYR C 420 28.66 -17.70 -49.61
C TYR C 420 30.18 -17.64 -49.68
N LYS C 421 30.71 -17.02 -50.72
CA LYS C 421 32.16 -16.90 -50.91
C LYS C 421 32.67 -15.67 -50.15
N ILE C 422 32.67 -15.78 -48.81
CA ILE C 422 33.12 -14.69 -47.96
C ILE C 422 34.65 -14.59 -48.01
N ASN C 423 35.15 -13.36 -47.99
CA ASN C 423 36.59 -13.12 -47.99
C ASN C 423 36.95 -12.20 -46.84
N GLY C 424 38.08 -12.50 -46.18
CA GLY C 424 38.60 -11.69 -45.09
C GLY C 424 40.00 -12.11 -44.62
N ASP C 425 40.07 -13.19 -43.85
CA ASP C 425 41.35 -13.75 -43.41
C ASP C 425 41.23 -15.26 -43.21
N LYS C 426 42.27 -15.99 -43.63
CA LYS C 426 42.21 -17.45 -43.72
C LYS C 426 41.95 -18.09 -42.36
N GLU C 427 42.68 -17.67 -41.32
CA GLU C 427 42.51 -18.29 -40.01
C GLU C 427 41.10 -18.06 -39.49
N ILE C 428 40.54 -16.89 -39.73
CA ILE C 428 39.20 -16.61 -39.23
C ILE C 428 38.20 -17.62 -39.80
N MET C 429 38.15 -17.79 -41.14
CA MET C 429 37.23 -18.80 -41.67
C MET C 429 37.63 -20.21 -41.22
N ARG C 430 38.86 -20.41 -40.76
CA ARG C 430 39.16 -21.67 -40.09
C ARG C 430 38.39 -21.76 -38.78
N ARG C 431 38.49 -20.72 -37.95
CA ARG C 431 37.82 -20.73 -36.65
C ARG C 431 36.29 -20.76 -36.80
N MET C 432 35.76 -19.97 -37.74
CA MET C 432 34.33 -19.96 -38.00
C MET C 432 33.84 -21.34 -38.41
N ASP C 433 34.66 -22.06 -39.19
CA ASP C 433 34.37 -23.45 -39.51
C ASP C 433 34.36 -24.23 -38.20
N ASP C 434 35.54 -24.56 -37.65
CA ASP C 434 35.70 -25.29 -36.38
C ASP C 434 34.46 -25.28 -35.50
N LEU C 435 34.06 -24.08 -35.06
CA LEU C 435 32.87 -23.90 -34.23
C LEU C 435 31.69 -24.70 -34.75
N LEU C 436 31.47 -24.67 -36.06
CA LEU C 436 30.32 -25.35 -36.64
C LEU C 436 30.55 -26.87 -36.72
N GLN C 437 31.78 -27.32 -36.99
CA GLN C 437 32.06 -28.75 -36.96
C GLN C 437 31.90 -29.32 -35.55
N GLY C 438 32.22 -28.54 -34.51
CA GLY C 438 32.04 -29.03 -33.16
C GLY C 438 30.59 -29.00 -32.74
N PHE C 439 29.91 -27.88 -32.99
CA PHE C 439 28.48 -27.77 -32.72
C PHE C 439 27.72 -28.89 -33.41
N VAL C 440 28.15 -29.28 -34.61
CA VAL C 440 27.55 -30.41 -35.32
C VAL C 440 27.93 -31.72 -34.64
N ALA C 441 29.15 -31.81 -34.10
CA ALA C 441 29.54 -32.96 -33.31
C ALA C 441 28.73 -33.07 -32.02
N GLN C 442 28.12 -31.96 -31.60
CA GLN C 442 27.26 -31.93 -30.42
C GLN C 442 25.79 -31.78 -30.78
N HIS C 443 25.47 -31.81 -32.08
CA HIS C 443 24.10 -31.81 -32.57
C HIS C 443 23.36 -30.53 -32.17
N ARG C 444 24.01 -29.39 -32.41
CA ARG C 444 23.46 -28.08 -32.05
C ARG C 444 23.21 -27.25 -33.33
N ILE C 453 29.78 -28.86 -52.03
CA ILE C 453 30.16 -27.55 -51.50
C ILE C 453 29.25 -27.14 -50.33
N PRO C 454 29.85 -26.68 -49.19
CA PRO C 454 29.04 -26.20 -48.06
C PRO C 454 28.32 -24.89 -48.38
N CYS C 455 27.50 -24.39 -47.45
CA CYS C 455 26.80 -23.12 -47.68
C CYS C 455 27.74 -21.91 -47.57
N TYR C 456 29.03 -22.13 -47.29
CA TYR C 456 30.01 -21.07 -47.07
C TYR C 456 31.27 -21.39 -47.87
N GLU C 457 32.13 -20.37 -48.04
CA GLU C 457 33.39 -20.52 -48.78
C GLU C 457 34.37 -19.43 -48.40
N ILE C 458 35.65 -19.76 -48.54
CA ILE C 458 36.76 -18.83 -48.28
C ILE C 458 37.09 -17.96 -49.47
N THR D 1 30.52 28.12 -13.63
CA THR D 1 30.17 29.00 -14.73
C THR D 1 29.92 30.44 -14.23
N ASP D 2 29.72 30.60 -12.91
CA ASP D 2 29.53 31.94 -12.35
C ASP D 2 30.19 32.04 -10.97
N PRO D 3 31.19 32.90 -10.77
CA PRO D 3 31.95 32.90 -9.51
C PRO D 3 31.31 33.62 -8.34
N ALA D 4 30.15 34.25 -8.52
CA ALA D 4 29.58 35.11 -7.50
C ALA D 4 29.07 34.31 -6.32
N LEU D 5 28.57 35.02 -5.30
CA LEU D 5 27.73 34.38 -4.29
C LEU D 5 26.32 34.19 -4.83
N ARG D 6 25.99 32.93 -5.12
CA ARG D 6 24.70 32.51 -5.64
C ARG D 6 24.33 31.22 -4.93
N ALA D 7 23.53 31.33 -3.86
CA ALA D 7 22.99 30.15 -3.17
C ALA D 7 22.31 29.22 -4.16
N ILE D 8 22.82 28.00 -4.34
CA ILE D 8 22.17 27.08 -5.26
C ILE D 8 21.66 25.85 -4.53
N THR D 9 20.76 25.14 -5.22
CA THR D 9 20.20 23.86 -4.80
C THR D 9 19.83 23.05 -6.05
N HIS D 10 20.15 21.76 -6.04
CA HIS D 10 19.73 20.90 -7.12
C HIS D 10 18.53 20.06 -6.67
N ILE D 11 17.41 20.24 -7.37
CA ILE D 11 16.20 19.49 -7.13
C ILE D 11 16.12 18.38 -8.17
N SER D 12 15.80 17.08 -7.67
CA SER D 12 15.34 15.94 -8.46
C SER D 12 13.81 15.96 -8.65
N PRO D 13 13.30 15.32 -9.71
CA PRO D 13 11.87 15.44 -10.02
C PRO D 13 10.98 14.61 -9.11
N LEU D 14 9.84 15.21 -8.73
CA LEU D 14 8.84 14.64 -7.82
C LEU D 14 7.46 14.73 -8.42
N GLY D 15 6.98 13.61 -8.95
CA GLY D 15 5.58 13.48 -9.35
C GLY D 15 5.24 13.93 -10.75
N SER D 16 6.13 14.64 -11.40
CA SER D 16 6.01 14.88 -12.82
C SER D 16 7.39 14.81 -13.43
N MET D 17 7.44 14.71 -14.75
CA MET D 17 8.69 14.69 -15.51
C MET D 17 9.67 13.61 -15.06
N ASP D 18 9.25 12.67 -14.21
CA ASP D 18 10.21 11.76 -13.57
C ASP D 18 10.87 10.84 -14.60
N MET D 19 10.08 10.17 -15.43
CA MET D 19 10.58 9.28 -16.48
C MET D 19 10.65 10.02 -17.80
N LEU D 20 11.77 10.62 -18.09
CA LEU D 20 11.86 11.54 -19.22
C LEU D 20 12.70 10.89 -20.30
N SER D 21 12.32 11.05 -21.54
CA SER D 21 13.19 10.54 -22.58
C SER D 21 14.32 11.51 -22.79
N GLN D 22 15.43 11.01 -23.33
CA GLN D 22 16.58 11.89 -23.52
C GLN D 22 16.22 13.03 -24.46
N LEU D 23 15.63 12.68 -25.60
CA LEU D 23 15.32 13.65 -26.63
C LEU D 23 14.25 14.64 -26.18
N GLU D 24 13.47 14.25 -25.16
CA GLU D 24 12.57 15.17 -24.48
C GLU D 24 13.34 16.15 -23.59
N VAL D 25 14.38 15.65 -22.90
CA VAL D 25 15.19 16.48 -22.00
C VAL D 25 15.81 17.63 -22.79
N ASP D 26 16.48 17.29 -23.89
CA ASP D 26 16.99 18.32 -24.80
C ASP D 26 15.91 19.36 -25.08
N MET D 27 14.72 18.90 -25.48
CA MET D 27 13.64 19.83 -25.79
C MET D 27 13.31 20.71 -24.59
N LEU D 28 13.23 20.12 -23.39
CA LEU D 28 13.04 20.95 -22.19
C LEU D 28 14.08 22.05 -22.12
N LYS D 29 15.35 21.72 -22.36
CA LYS D 29 16.42 22.70 -22.18
C LYS D 29 16.37 23.78 -23.27
N ARG D 30 16.27 23.38 -24.54
CA ARG D 30 16.25 24.39 -25.60
C ARG D 30 15.12 25.39 -25.39
N THR D 31 14.00 24.93 -24.83
CA THR D 31 12.90 25.84 -24.54
C THR D 31 13.22 26.78 -23.38
N ALA D 32 13.96 26.31 -22.38
CA ALA D 32 14.26 27.21 -21.28
C ALA D 32 15.26 28.26 -21.69
N SER D 33 15.74 28.18 -22.94
CA SER D 33 16.66 29.14 -23.53
C SER D 33 15.94 30.14 -24.43
N SER D 34 14.68 29.88 -24.76
CA SER D 34 13.93 30.81 -25.56
C SER D 34 13.51 31.99 -24.71
N ASP D 35 12.64 32.83 -25.28
CA ASP D 35 12.09 33.95 -24.53
C ASP D 35 11.11 33.51 -23.45
N LEU D 36 10.51 32.30 -23.58
CA LEU D 36 9.63 31.74 -22.56
C LEU D 36 10.22 31.75 -21.15
N TYR D 37 11.52 32.07 -21.04
CA TYR D 37 12.21 31.92 -19.77
C TYR D 37 11.55 32.76 -18.71
N GLN D 38 11.13 33.98 -19.09
CA GLN D 38 10.55 34.88 -18.11
C GLN D 38 9.35 34.25 -17.42
N LEU D 39 8.39 33.77 -18.21
CA LEU D 39 7.25 33.07 -17.63
C LEU D 39 7.72 31.92 -16.75
N PHE D 40 8.54 31.03 -17.30
CA PHE D 40 9.06 29.89 -16.57
C PHE D 40 9.71 30.29 -15.26
N ARG D 41 10.45 31.39 -15.30
CA ARG D 41 11.08 31.92 -14.10
C ARG D 41 10.01 32.47 -13.15
N ASN D 42 9.14 33.36 -13.66
CA ASN D 42 8.20 34.07 -12.79
C ASN D 42 7.16 33.14 -12.16
N CYS D 43 6.76 32.12 -12.92
CA CYS D 43 5.87 31.10 -12.36
C CYS D 43 6.59 30.28 -11.30
N SER D 44 7.85 29.92 -11.56
CA SER D 44 8.60 29.11 -10.61
C SER D 44 8.85 29.86 -9.31
N LEU D 45 8.96 31.19 -9.39
CA LEU D 45 9.06 32.03 -8.20
C LEU D 45 7.76 32.01 -7.40
N ALA D 46 6.65 32.22 -8.08
CA ALA D 46 5.36 32.20 -7.40
C ALA D 46 5.07 30.83 -6.80
N VAL D 47 5.60 29.76 -7.41
CA VAL D 47 5.41 28.43 -6.87
C VAL D 47 6.19 28.23 -5.58
N LEU D 48 7.38 28.85 -5.49
CA LEU D 48 8.18 28.73 -4.26
C LEU D 48 7.77 29.75 -3.22
N ASN D 49 7.07 30.81 -3.63
CA ASN D 49 6.47 31.82 -2.76
C ASN D 49 5.13 31.39 -2.16
N SER D 50 4.66 30.17 -2.44
CA SER D 50 3.39 29.68 -1.88
C SER D 50 3.36 29.83 -0.36
N GLY D 51 2.14 29.97 0.17
CA GLY D 51 1.94 30.12 1.59
C GLY D 51 2.93 31.04 2.29
N SER D 52 3.29 32.15 1.66
CA SER D 52 4.23 33.08 2.26
C SER D 52 3.57 33.84 3.39
N LEU D 53 4.33 34.05 4.47
CA LEU D 53 3.83 34.76 5.65
C LEU D 53 3.31 36.16 5.28
N THR D 54 4.14 36.94 4.59
CA THR D 54 3.71 38.23 4.05
C THR D 54 2.64 38.02 2.97
N ASP D 55 1.45 38.58 3.22
CA ASP D 55 0.31 38.44 2.31
C ASP D 55 0.32 39.56 1.27
N ASN D 56 1.32 39.49 0.40
CA ASN D 56 1.50 40.46 -0.67
C ASN D 56 1.65 39.71 -1.99
N SER D 57 1.56 40.45 -3.09
CA SER D 57 1.73 39.85 -4.42
C SER D 57 2.88 40.49 -5.18
N LYS D 58 2.73 41.73 -5.66
CA LYS D 58 3.81 42.36 -6.41
C LYS D 58 5.06 42.51 -5.55
N GLU D 59 4.92 43.10 -4.35
CA GLU D 59 6.09 43.34 -3.51
C GLU D 59 6.79 42.04 -3.14
N LEU D 60 6.01 40.99 -2.87
CA LEU D 60 6.61 39.68 -2.56
C LEU D 60 7.48 39.22 -3.71
N LEU D 61 6.98 39.36 -4.95
CA LEU D 61 7.74 38.89 -6.10
C LEU D 61 8.94 39.80 -6.42
N SER D 62 8.86 41.10 -6.11
CA SER D 62 9.98 41.98 -6.45
C SER D 62 11.18 41.75 -5.54
N ARG D 63 10.95 41.33 -4.29
CA ARG D 63 12.06 41.07 -3.39
C ARG D 63 13.05 40.10 -4.00
N PHE D 64 12.58 39.08 -4.69
CA PHE D 64 13.48 38.05 -5.24
C PHE D 64 13.89 38.32 -6.68
N GLU D 65 14.37 39.54 -6.99
CA GLU D 65 14.82 39.80 -8.36
C GLU D 65 16.15 39.12 -8.66
N ASN D 66 16.88 38.65 -7.63
CA ASN D 66 18.13 37.92 -7.84
C ASN D 66 17.89 36.47 -8.22
N PHE D 67 16.61 36.04 -8.24
CA PHE D 67 16.21 34.64 -8.44
C PHE D 67 16.48 34.16 -9.86
N ASP D 68 16.79 32.89 -9.99
CA ASP D 68 16.90 32.33 -11.33
C ASP D 68 16.71 30.83 -11.24
N ILE D 69 16.43 30.22 -12.38
CA ILE D 69 16.21 28.79 -12.47
C ILE D 69 16.82 28.30 -13.79
N ASN D 70 17.47 27.14 -13.73
CA ASN D 70 18.09 26.52 -14.89
C ASN D 70 17.73 25.05 -15.00
N VAL D 71 17.55 24.61 -16.23
CA VAL D 71 17.31 23.19 -16.48
C VAL D 71 18.63 22.45 -16.66
N LEU D 72 18.94 21.54 -15.72
CA LEU D 72 20.19 20.77 -15.74
C LEU D 72 19.93 19.44 -16.44
N ARG D 73 20.86 19.03 -17.30
CA ARG D 73 20.75 17.82 -18.10
C ARG D 73 21.57 16.72 -17.44
N ARG D 74 21.01 15.52 -17.34
CA ARG D 74 21.74 14.33 -16.90
C ARG D 74 21.33 13.18 -17.79
N GLU D 75 22.13 12.12 -17.83
CA GLU D 75 21.74 11.03 -18.71
C GLU D 75 20.41 10.45 -18.27
N ARG D 76 20.18 10.30 -16.96
CA ARG D 76 18.90 9.71 -16.51
C ARG D 76 17.72 10.59 -16.96
N GLY D 77 17.71 11.83 -16.52
CA GLY D 77 16.54 12.62 -16.77
C GLY D 77 16.82 14.09 -16.77
N VAL D 78 16.46 14.73 -15.65
CA VAL D 78 16.55 16.17 -15.60
C VAL D 78 16.47 16.67 -14.14
N LYS D 79 17.06 17.82 -13.87
CA LYS D 79 17.09 18.37 -12.53
C LYS D 79 16.95 19.87 -12.69
N LEU D 80 16.46 20.51 -11.65
CA LEU D 80 16.18 21.94 -11.72
C LEU D 80 17.12 22.66 -10.78
N GLU D 81 17.96 23.55 -11.32
CA GLU D 81 18.87 24.34 -10.51
C GLU D 81 18.19 25.61 -10.03
N LEU D 82 18.22 25.85 -8.72
CA LEU D 82 17.50 26.97 -8.10
C LEU D 82 18.45 27.97 -7.49
N ILE D 83 18.81 28.98 -8.25
CA ILE D 83 19.69 30.04 -7.80
C ILE D 83 18.92 31.16 -7.11
N ASN D 84 19.28 31.40 -5.84
CA ASN D 84 18.63 32.35 -4.96
C ASN D 84 17.12 32.15 -4.83
N PRO D 85 16.68 30.95 -4.44
CA PRO D 85 15.22 30.74 -4.17
C PRO D 85 14.85 31.29 -2.82
N PRO D 86 13.57 31.58 -2.57
CA PRO D 86 13.18 32.08 -1.25
C PRO D 86 13.46 31.07 -0.16
N GLU D 87 13.90 31.58 0.98
CA GLU D 87 14.31 30.68 2.03
C GLU D 87 13.12 29.94 2.61
N GLU D 88 11.96 30.56 2.59
CA GLU D 88 10.82 29.94 3.25
C GLU D 88 10.45 28.63 2.57
N ALA D 89 10.77 28.47 1.28
CA ALA D 89 10.39 27.25 0.59
C ALA D 89 11.22 26.04 0.99
N PHE D 90 12.15 26.19 1.92
CA PHE D 90 13.08 25.13 2.25
C PHE D 90 12.99 24.87 3.75
N VAL D 91 13.08 23.62 4.15
CA VAL D 91 13.30 23.30 5.57
C VAL D 91 14.64 22.59 5.69
N ASP D 92 15.46 23.02 6.65
CA ASP D 92 16.77 22.42 6.86
C ASP D 92 17.48 22.23 5.53
N GLY D 93 17.35 23.22 4.65
CA GLY D 93 17.94 23.17 3.34
C GLY D 93 17.30 22.19 2.38
N ARG D 94 16.26 21.47 2.77
CA ARG D 94 15.49 20.64 1.84
C ARG D 94 14.23 21.38 1.40
N ILE D 95 13.95 21.33 0.09
CA ILE D 95 12.75 21.97 -0.46
C ILE D 95 11.53 21.25 0.12
N ILE D 96 10.48 22.01 0.46
CA ILE D 96 9.24 21.37 0.93
C ILE D 96 8.59 20.61 -0.23
N ARG D 97 8.12 19.38 0.07
CA ARG D 97 7.77 18.44 -1.00
C ARG D 97 6.58 18.92 -1.86
N ALA D 98 5.51 19.43 -1.23
CA ALA D 98 4.47 20.15 -1.96
C ALA D 98 5.08 21.00 -3.06
N LEU D 99 5.78 22.06 -2.65
CA LEU D 99 6.46 23.01 -3.54
C LEU D 99 7.27 22.30 -4.62
N GLN D 100 8.13 21.37 -4.22
CA GLN D 100 8.92 20.61 -5.19
C GLN D 100 8.04 20.13 -6.33
N ALA D 101 6.97 19.42 -5.96
CA ALA D 101 6.12 18.82 -6.95
C ALA D 101 5.47 19.88 -7.81
N ASN D 102 4.96 20.93 -7.16
CA ASN D 102 4.37 22.04 -7.88
C ASN D 102 5.40 22.79 -8.70
N LEU D 103 6.66 22.76 -8.27
CA LEU D 103 7.68 23.29 -9.16
C LEU D 103 7.73 22.45 -10.42
N PHE D 104 8.16 21.18 -10.27
CA PHE D 104 8.28 20.33 -11.44
C PHE D 104 7.01 20.31 -12.25
N ALA D 105 5.88 20.60 -11.58
CA ALA D 105 4.62 20.91 -12.25
C ALA D 105 4.78 22.02 -13.27
N VAL D 106 5.39 23.15 -12.88
CA VAL D 106 5.51 24.27 -13.80
C VAL D 106 6.48 23.93 -14.91
N LEU D 107 7.42 23.03 -14.65
CA LEU D 107 8.27 22.54 -15.74
C LEU D 107 7.41 21.85 -16.80
N ARG D 108 6.66 20.82 -16.37
CA ARG D 108 5.64 20.13 -17.17
C ARG D 108 4.77 21.10 -17.97
N ASP D 109 3.90 21.86 -17.30
CA ASP D 109 2.88 22.56 -18.09
C ASP D 109 3.41 23.79 -18.82
N ILE D 110 4.36 24.54 -18.23
CA ILE D 110 4.86 25.75 -18.92
C ILE D 110 5.97 25.42 -19.93
N LEU D 111 6.86 24.49 -19.64
CA LEU D 111 7.94 24.34 -20.62
C LEU D 111 7.78 23.11 -21.50
N PHE D 112 7.09 22.08 -21.02
CA PHE D 112 6.87 20.89 -21.84
C PHE D 112 5.60 21.02 -22.68
N VAL D 113 4.46 21.24 -22.03
CA VAL D 113 3.18 21.51 -22.68
C VAL D 113 3.30 22.83 -23.44
N TYR D 114 3.10 23.96 -22.75
CA TYR D 114 2.93 25.29 -23.37
C TYR D 114 3.95 25.54 -24.47
N GLY D 115 5.11 24.89 -24.42
CA GLY D 115 6.15 25.09 -25.40
C GLY D 115 5.83 24.46 -26.74
N GLN D 116 5.54 23.16 -26.72
CA GLN D 116 5.26 22.37 -27.92
C GLN D 116 4.08 22.86 -28.75
N ILE D 117 3.10 23.55 -28.17
CA ILE D 117 1.96 24.04 -28.95
C ILE D 117 2.10 25.52 -29.26
N HIS D 118 2.53 26.32 -28.29
CA HIS D 118 2.58 27.76 -28.51
C HIS D 118 3.88 28.19 -29.18
N ASN D 119 4.95 27.47 -28.91
CA ASN D 119 6.14 27.73 -29.69
C ASN D 119 6.16 26.79 -30.93
N THR D 120 5.01 26.08 -31.18
CA THR D 120 4.68 25.41 -32.46
C THR D 120 3.18 25.33 -32.74
N ASN D 130 -9.97 23.84 -34.47
CA ASN D 130 -10.86 22.68 -34.56
C ASN D 130 -11.28 22.28 -33.13
N SER D 131 -12.59 22.22 -32.82
CA SER D 131 -13.03 21.93 -31.45
C SER D 131 -12.84 20.48 -31.03
N VAL D 132 -12.43 19.61 -31.97
CA VAL D 132 -12.07 18.25 -31.58
C VAL D 132 -10.61 18.21 -31.14
N HIS D 133 -9.76 18.90 -31.88
CA HIS D 133 -8.38 19.01 -31.46
C HIS D 133 -8.30 19.67 -30.09
N ILE D 134 -9.05 20.75 -29.87
CA ILE D 134 -8.96 21.47 -28.59
C ILE D 134 -9.39 20.60 -27.43
N THR D 135 -10.36 19.70 -27.62
CA THR D 135 -10.74 18.85 -26.50
C THR D 135 -9.73 17.71 -26.30
N ASN D 136 -9.51 16.89 -27.34
CA ASN D 136 -8.54 15.81 -27.16
C ASN D 136 -7.19 16.34 -26.64
N LEU D 137 -6.83 17.58 -27.01
CA LEU D 137 -5.62 18.20 -26.46
C LEU D 137 -5.77 18.51 -24.98
N VAL D 138 -6.94 19.04 -24.58
CA VAL D 138 -7.23 19.21 -23.16
C VAL D 138 -7.22 17.90 -22.42
N PHE D 139 -7.94 16.90 -22.92
CA PHE D 139 -7.75 15.59 -22.33
C PHE D 139 -6.28 15.23 -22.18
N SER D 140 -5.52 15.29 -23.28
CA SER D 140 -4.10 14.92 -23.23
C SER D 140 -3.33 15.63 -22.11
N ILE D 141 -3.46 16.98 -21.99
CA ILE D 141 -2.84 17.71 -20.87
C ILE D 141 -3.16 17.06 -19.52
N LEU D 142 -4.44 16.82 -19.24
CA LEU D 142 -4.82 16.25 -17.95
C LEU D 142 -4.28 14.83 -17.80
N ARG D 143 -4.31 14.05 -18.88
CA ARG D 143 -3.78 12.69 -18.77
C ARG D 143 -2.31 12.73 -18.39
N ASN D 144 -1.52 13.54 -19.12
CA ASN D 144 -0.12 13.78 -18.77
C ASN D 144 0.05 14.32 -17.37
N ALA D 145 -0.93 15.03 -16.84
CA ALA D 145 -0.84 15.49 -15.47
C ALA D 145 -1.20 14.41 -14.45
N ARG D 146 -1.33 13.15 -14.89
CA ARG D 146 -1.80 12.04 -14.07
C ARG D 146 -2.93 12.47 -13.14
N ALA D 147 -3.92 13.14 -13.72
CA ALA D 147 -5.03 13.73 -12.97
C ALA D 147 -6.35 13.02 -13.26
N LEU D 148 -6.46 12.33 -14.39
CA LEU D 148 -7.63 11.54 -14.68
C LEU D 148 -7.32 10.14 -14.17
N HIS D 149 -7.89 9.78 -13.03
CA HIS D 149 -7.66 8.47 -12.45
C HIS D 149 -8.66 7.45 -12.99
N VAL D 150 -8.16 6.36 -13.56
CA VAL D 150 -9.04 5.34 -14.16
C VAL D 150 -9.82 4.61 -13.07
N GLY D 151 -11.10 4.36 -13.33
CA GLY D 151 -11.95 3.72 -12.34
C GLY D 151 -12.00 4.50 -11.05
N GLU D 152 -12.43 5.76 -11.15
CA GLU D 152 -12.60 6.62 -9.98
C GLU D 152 -14.05 7.05 -9.88
N ALA D 153 -14.74 6.58 -8.85
CA ALA D 153 -16.08 7.07 -8.52
C ALA D 153 -16.08 8.59 -8.39
N PRO D 154 -17.15 9.26 -8.82
CA PRO D 154 -17.15 10.73 -8.82
C PRO D 154 -17.24 11.34 -7.42
N ASN D 155 -16.20 12.16 -7.07
CA ASN D 155 -16.17 12.95 -5.85
C ASN D 155 -15.70 14.37 -6.05
N MET D 156 -15.40 14.80 -7.28
CA MET D 156 -14.87 16.12 -7.57
C MET D 156 -15.92 17.20 -7.76
N VAL D 157 -15.78 18.25 -6.95
CA VAL D 157 -16.68 19.40 -6.80
C VAL D 157 -15.87 20.66 -7.07
N VAL D 158 -15.86 21.13 -8.32
CA VAL D 158 -15.18 22.37 -8.68
C VAL D 158 -15.81 23.52 -7.89
N CYS D 159 -14.99 24.41 -7.33
CA CYS D 159 -15.50 25.57 -6.56
C CYS D 159 -15.05 26.89 -7.16
N TRP D 160 -15.94 27.58 -7.84
CA TRP D 160 -15.53 28.84 -8.43
C TRP D 160 -15.83 29.97 -7.44
N GLY D 161 -15.19 31.11 -7.63
CA GLY D 161 -15.22 32.10 -6.58
C GLY D 161 -14.31 33.26 -6.90
N GLY D 162 -14.21 34.17 -5.94
CA GLY D 162 -13.61 35.46 -6.16
C GLY D 162 -12.29 35.64 -5.46
N HIS D 163 -11.41 36.40 -6.10
CA HIS D 163 -10.06 36.58 -5.59
C HIS D 163 -10.08 37.09 -4.15
N SER D 164 -10.60 38.29 -3.94
CA SER D 164 -10.73 38.85 -2.61
C SER D 164 -12.13 38.57 -2.08
N ILE D 165 -12.21 38.27 -0.79
CA ILE D 165 -13.49 38.10 -0.11
C ILE D 165 -13.32 38.45 1.35
N ASN D 166 -14.39 38.95 1.96
CA ASN D 166 -14.36 39.46 3.32
C ASN D 166 -14.35 38.29 4.31
N GLU D 167 -14.48 38.60 5.61
CA GLU D 167 -14.32 37.56 6.63
C GLU D 167 -15.49 36.61 6.68
N ASN D 168 -16.72 37.13 6.68
CA ASN D 168 -17.87 36.24 6.69
C ASN D 168 -17.84 35.29 5.51
N GLU D 169 -17.62 35.82 4.30
CA GLU D 169 -17.67 34.94 3.14
C GLU D 169 -16.59 33.87 3.22
N TYR D 170 -15.39 34.22 3.70
CA TYR D 170 -14.40 33.18 3.91
C TYR D 170 -14.93 32.13 4.88
N LEU D 171 -15.35 32.55 6.07
CA LEU D 171 -15.84 31.60 7.07
C LEU D 171 -16.84 30.63 6.47
N TYR D 172 -17.83 31.15 5.72
CA TYR D 172 -18.86 30.30 5.15
C TYR D 172 -18.28 29.33 4.12
N ALA D 173 -17.26 29.75 3.35
CA ALA D 173 -16.67 28.84 2.36
C ALA D 173 -15.80 27.77 3.01
N ARG D 174 -15.27 28.03 4.21
CA ARG D 174 -14.65 26.96 4.98
C ARG D 174 -15.69 25.94 5.40
N ARG D 175 -16.85 26.42 5.88
CA ARG D 175 -17.88 25.52 6.39
C ARG D 175 -18.39 24.62 5.27
N VAL D 176 -18.63 25.20 4.08
CA VAL D 176 -19.02 24.38 2.94
C VAL D 176 -17.97 23.31 2.70
N GLY D 177 -16.71 23.71 2.78
CA GLY D 177 -15.64 22.73 2.62
C GLY D 177 -15.65 21.59 3.65
N ASN D 178 -15.53 21.95 4.95
CA ASN D 178 -15.56 20.96 6.03
C ASN D 178 -16.76 20.02 5.90
N GLN D 179 -17.86 20.53 5.35
CA GLN D 179 -19.00 19.67 5.04
C GLN D 179 -18.71 18.77 3.83
N LEU D 180 -18.44 19.37 2.68
CA LEU D 180 -18.01 18.62 1.51
C LEU D 180 -17.08 17.50 1.92
N GLY D 181 -16.18 17.83 2.84
CA GLY D 181 -15.12 16.91 3.24
C GLY D 181 -15.56 15.87 4.23
N LEU D 182 -16.41 16.25 5.19
CA LEU D 182 -17.09 15.27 6.02
C LEU D 182 -17.91 14.28 5.22
N ARG D 183 -18.06 14.53 3.92
CA ARG D 183 -18.76 13.59 3.06
C ARG D 183 -17.82 12.95 2.05
N GLU D 184 -16.51 13.10 2.20
CA GLU D 184 -15.54 12.38 1.36
C GLU D 184 -15.60 12.86 -0.12
N LEU D 185 -15.74 14.16 -0.32
CA LEU D 185 -15.72 14.79 -1.64
C LEU D 185 -14.46 15.62 -1.84
N ASN D 186 -13.81 15.48 -2.99
CA ASN D 186 -12.57 16.18 -3.27
C ASN D 186 -12.82 17.48 -4.06
N ILE D 187 -11.94 18.45 -3.88
CA ILE D 187 -12.23 19.80 -4.31
C ILE D 187 -11.27 20.21 -5.41
N CYS D 188 -11.75 20.94 -6.40
CA CYS D 188 -10.90 21.70 -7.32
C CYS D 188 -11.21 23.17 -7.09
N THR D 189 -10.23 24.06 -7.32
CA THR D 189 -10.45 25.53 -7.35
C THR D 189 -9.51 26.11 -8.43
N GLY D 190 -9.36 27.42 -8.42
CA GLY D 190 -8.49 28.09 -9.38
C GLY D 190 -7.12 28.41 -8.84
N CYS D 191 -6.69 27.60 -7.84
CA CYS D 191 -5.38 27.58 -7.15
C CYS D 191 -5.03 28.90 -6.46
N GLY D 192 -5.74 29.99 -6.79
CA GLY D 192 -5.56 31.29 -6.18
C GLY D 192 -6.01 31.33 -4.73
N PRO D 193 -6.24 32.55 -4.19
CA PRO D 193 -6.54 32.70 -2.77
C PRO D 193 -8.03 32.86 -2.42
N GLY D 194 -8.24 33.38 -1.20
CA GLY D 194 -9.58 33.56 -0.60
C GLY D 194 -10.60 32.46 -0.87
N ALA D 195 -11.43 32.67 -1.90
CA ALA D 195 -12.45 31.69 -2.28
C ALA D 195 -11.85 30.41 -2.82
N MET D 196 -10.79 30.49 -3.62
CA MET D 196 -10.15 29.28 -4.12
C MET D 196 -9.37 28.54 -3.05
N GLU D 197 -9.43 28.99 -1.81
CA GLU D 197 -8.59 28.43 -0.77
C GLU D 197 -9.41 27.87 0.39
N ALA D 198 -10.36 28.65 0.94
CA ALA D 198 -11.16 28.29 2.11
C ALA D 198 -11.79 26.89 1.99
N PRO D 199 -12.54 26.59 0.91
CA PRO D 199 -13.05 25.22 0.68
C PRO D 199 -12.09 24.04 0.86
N MET D 200 -10.85 24.15 0.37
CA MET D 200 -9.87 23.14 0.70
C MET D 200 -9.55 23.16 2.19
N LYS D 201 -9.33 24.36 2.75
CA LYS D 201 -8.86 24.48 4.12
C LYS D 201 -9.79 23.76 5.08
N GLY D 202 -11.09 23.85 4.82
CA GLY D 202 -12.02 23.07 5.62
C GLY D 202 -12.00 21.61 5.22
N ALA D 203 -12.19 21.34 3.93
CA ALA D 203 -12.28 19.96 3.45
C ALA D 203 -11.18 19.08 4.00
N ALA D 204 -10.01 19.66 4.26
CA ALA D 204 -8.96 18.93 4.96
C ALA D 204 -9.46 18.46 6.31
N VAL D 205 -9.93 19.40 7.14
CA VAL D 205 -10.28 19.05 8.50
C VAL D 205 -11.32 17.96 8.49
N GLY D 206 -12.30 18.12 7.61
CA GLY D 206 -13.34 17.11 7.45
C GLY D 206 -12.85 15.82 6.84
N HIS D 207 -11.95 15.91 5.84
CA HIS D 207 -11.25 14.71 5.37
C HIS D 207 -10.58 13.98 6.51
N ALA D 208 -9.93 14.75 7.39
CA ALA D 208 -9.29 14.16 8.55
C ALA D 208 -10.30 13.38 9.37
N GLN D 209 -11.32 14.09 9.87
CA GLN D 209 -12.27 13.50 10.80
C GLN D 209 -12.81 12.20 10.24
N GLN D 210 -13.05 12.14 8.93
CA GLN D 210 -13.66 10.96 8.33
C GLN D 210 -12.60 10.01 7.73
N ARG D 211 -11.34 10.08 8.18
CA ARG D 211 -10.28 9.11 7.82
C ARG D 211 -10.17 8.84 6.33
N TYR D 212 -10.56 9.81 5.51
CA TYR D 212 -10.27 9.74 4.09
C TYR D 212 -8.77 9.85 3.86
N LYS D 213 -8.25 9.04 2.94
CA LYS D 213 -6.80 8.82 2.86
C LYS D 213 -6.12 9.31 1.58
N ASP D 214 -6.84 9.90 0.62
CA ASP D 214 -6.18 10.38 -0.58
C ASP D 214 -6.81 11.71 -1.06
N SER D 215 -6.69 12.74 -0.22
CA SER D 215 -7.35 14.02 -0.49
C SER D 215 -6.83 14.65 -1.76
N ARG D 216 -7.68 14.75 -2.76
CA ARG D 216 -7.36 15.45 -3.98
C ARG D 216 -7.84 16.88 -3.84
N PHE D 217 -6.91 17.81 -3.93
CA PHE D 217 -7.20 19.24 -3.89
C PHE D 217 -6.63 19.89 -5.15
N ILE D 218 -7.23 19.60 -6.33
CA ILE D 218 -6.68 20.09 -7.62
C ILE D 218 -6.72 21.64 -7.66
N GLY D 219 -6.06 22.22 -8.65
CA GLY D 219 -6.04 23.66 -8.80
C GLY D 219 -5.69 24.09 -10.22
N MET D 220 -6.71 24.51 -11.02
CA MET D 220 -6.50 24.83 -12.42
C MET D 220 -6.27 26.32 -12.60
N THR D 221 -5.38 26.64 -13.55
CA THR D 221 -4.95 28.02 -13.70
C THR D 221 -4.33 28.15 -15.08
N GLU D 222 -3.87 29.36 -15.36
CA GLU D 222 -3.37 29.83 -16.64
C GLU D 222 -1.99 30.45 -16.42
N PRO D 223 -1.11 30.45 -17.44
CA PRO D 223 0.11 31.26 -17.33
C PRO D 223 -0.05 32.62 -16.67
N SER D 224 -0.95 33.46 -17.17
CA SER D 224 -0.99 34.83 -16.68
C SER D 224 -1.45 34.94 -15.23
N ILE D 225 -2.09 33.91 -14.66
CA ILE D 225 -2.57 34.03 -13.28
C ILE D 225 -1.49 33.61 -12.29
N ILE D 226 -0.79 32.52 -12.60
CA ILE D 226 0.12 31.93 -11.63
C ILE D 226 1.42 32.73 -11.60
N ALA D 227 1.73 33.42 -12.69
CA ALA D 227 2.90 34.29 -12.73
C ALA D 227 2.85 35.38 -11.66
N ALA D 228 1.66 35.85 -11.29
CA ALA D 228 1.50 36.84 -10.24
C ALA D 228 0.92 36.25 -8.96
N GLU D 229 0.05 35.27 -9.06
CA GLU D 229 -0.66 34.77 -7.90
C GLU D 229 -0.07 33.45 -7.48
N PRO D 230 0.58 33.38 -6.31
CA PRO D 230 1.09 32.10 -5.78
C PRO D 230 -0.04 31.15 -5.44
N PRO D 231 0.08 29.89 -5.83
CA PRO D 231 -0.89 28.89 -5.41
C PRO D 231 -1.03 28.87 -3.91
N ASN D 232 -2.26 28.84 -3.43
CA ASN D 232 -2.47 28.66 -2.01
C ASN D 232 -1.85 27.33 -1.59
N PRO D 233 -1.52 27.18 -0.30
CA PRO D 233 -0.71 26.03 0.12
C PRO D 233 -1.41 24.68 0.06
N LEU D 234 -2.74 24.63 -0.01
CA LEU D 234 -3.38 23.33 0.11
C LEU D 234 -3.26 22.55 -1.18
N VAL D 235 -3.24 23.25 -2.33
CA VAL D 235 -3.19 22.62 -3.64
C VAL D 235 -2.16 21.50 -3.63
N ASN D 236 -2.65 20.26 -3.70
CA ASN D 236 -1.77 19.10 -3.80
C ASN D 236 -1.54 18.65 -5.25
N GLU D 237 -2.34 19.14 -6.18
CA GLU D 237 -2.13 18.88 -7.59
C GLU D 237 -2.33 20.19 -8.34
N LEU D 238 -1.33 20.58 -9.13
CA LEU D 238 -1.38 21.87 -9.82
C LEU D 238 -1.39 21.62 -11.33
N ILE D 239 -2.43 22.11 -11.99
CA ILE D 239 -2.49 22.01 -13.46
C ILE D 239 -2.44 23.42 -13.99
N ILE D 240 -1.55 23.67 -14.95
CA ILE D 240 -1.55 24.92 -15.68
C ILE D 240 -1.90 24.62 -17.13
N MET D 241 -3.05 25.34 -17.68
CA MET D 241 -3.50 25.17 -19.05
C MET D 241 -3.13 26.39 -19.88
N PRO D 242 -2.86 26.18 -21.17
CA PRO D 242 -2.41 27.26 -22.06
C PRO D 242 -3.11 28.62 -21.96
N ASP D 243 -4.44 28.70 -21.95
CA ASP D 243 -5.14 29.99 -21.91
C ASP D 243 -6.38 29.82 -21.02
N ILE D 244 -7.09 30.92 -20.71
CA ILE D 244 -8.33 30.76 -19.92
C ILE D 244 -9.31 29.86 -20.67
N GLU D 245 -9.40 30.02 -22.00
CA GLU D 245 -10.35 29.24 -22.78
C GLU D 245 -10.16 27.76 -22.54
N LYS D 246 -8.92 27.27 -22.64
CA LYS D 246 -8.70 25.87 -22.35
C LYS D 246 -8.72 25.58 -20.86
N ARG D 247 -8.72 26.62 -20.03
CA ARG D 247 -8.83 26.38 -18.59
C ARG D 247 -10.27 26.11 -18.22
N LEU D 248 -11.20 26.94 -18.70
CA LEU D 248 -12.60 26.76 -18.37
C LEU D 248 -13.13 25.44 -18.92
N GLU D 249 -12.78 25.11 -20.17
CA GLU D 249 -13.18 23.83 -20.75
C GLU D 249 -12.77 22.66 -19.89
N ALA D 250 -11.54 22.63 -19.43
CA ALA D 250 -11.13 21.50 -18.62
C ALA D 250 -11.68 21.56 -17.19
N PHE D 251 -12.06 22.74 -16.71
CA PHE D 251 -12.82 22.82 -15.46
C PHE D 251 -14.08 21.98 -15.58
N VAL D 252 -14.82 22.23 -16.65
CA VAL D 252 -16.13 21.64 -16.85
C VAL D 252 -16.01 20.13 -17.04
N ARG D 253 -15.09 19.69 -17.90
CA ARG D 253 -14.98 18.27 -18.27
C ARG D 253 -14.63 17.37 -17.07
N ILE D 254 -13.85 17.87 -16.08
CA ILE D 254 -13.46 17.04 -14.94
C ILE D 254 -14.39 17.18 -13.75
N ALA D 255 -15.20 18.22 -13.71
CA ALA D 255 -16.12 18.42 -12.59
C ALA D 255 -17.22 17.35 -12.55
N HIS D 256 -17.58 16.91 -11.34
CA HIS D 256 -18.86 16.26 -11.11
C HIS D 256 -19.87 17.13 -10.37
N GLY D 257 -19.43 18.24 -9.79
CA GLY D 257 -20.31 19.28 -9.32
C GLY D 257 -19.63 20.62 -9.48
N ILE D 258 -20.43 21.69 -9.49
CA ILE D 258 -19.97 23.08 -9.48
C ILE D 258 -20.69 23.84 -8.37
N ILE D 259 -19.94 24.65 -7.63
CA ILE D 259 -20.46 25.50 -6.56
C ILE D 259 -19.90 26.89 -6.78
N ILE D 260 -20.63 27.74 -7.39
CA ILE D 260 -20.21 29.13 -7.44
C ILE D 260 -20.48 29.78 -6.09
N PHE D 261 -19.55 30.65 -5.68
CA PHE D 261 -19.48 31.46 -4.47
C PHE D 261 -19.68 32.93 -4.85
N PRO D 262 -19.65 33.88 -3.90
CA PRO D 262 -19.76 35.30 -4.29
C PRO D 262 -18.68 35.75 -5.27
N GLY D 263 -17.78 36.63 -4.84
CA GLY D 263 -16.64 36.84 -5.70
C GLY D 263 -16.65 38.00 -6.65
N GLY D 264 -17.71 38.20 -7.41
CA GLY D 264 -17.74 39.34 -8.28
C GLY D 264 -17.59 39.04 -9.76
N VAL D 265 -16.42 39.40 -10.34
CA VAL D 265 -16.33 39.60 -11.80
C VAL D 265 -15.97 38.30 -12.52
N GLY D 266 -14.88 37.68 -12.13
CA GLY D 266 -14.50 36.44 -12.77
C GLY D 266 -15.56 35.38 -12.61
N THR D 267 -16.25 35.39 -11.47
CA THR D 267 -17.32 34.42 -11.23
C THR D 267 -18.46 34.61 -12.21
N ALA D 268 -19.04 35.82 -12.25
CA ALA D 268 -20.07 36.15 -13.23
C ALA D 268 -19.69 35.72 -14.64
N GLU D 269 -18.47 36.06 -15.08
CA GLU D 269 -17.99 35.65 -16.39
C GLU D 269 -17.99 34.13 -16.54
N GLU D 270 -17.55 33.41 -15.50
CA GLU D 270 -17.47 31.96 -15.54
C GLU D 270 -18.87 31.34 -15.60
N LEU D 271 -19.83 31.93 -14.87
CA LEU D 271 -21.21 31.48 -14.88
C LEU D 271 -21.80 31.48 -16.27
N LEU D 272 -21.68 32.61 -16.97
CA LEU D 272 -22.10 32.65 -18.35
C LEU D 272 -21.42 31.58 -19.19
N TYR D 273 -20.12 31.34 -18.98
CA TYR D 273 -19.50 30.20 -19.65
C TYR D 273 -20.23 28.91 -19.34
N LEU D 274 -20.43 28.63 -18.04
CA LEU D 274 -21.18 27.45 -17.62
C LEU D 274 -22.50 27.35 -18.34
N LEU D 275 -23.33 28.38 -18.17
CA LEU D 275 -24.72 28.30 -18.59
C LEU D 275 -24.83 28.02 -20.09
N GLY D 276 -24.00 28.67 -20.91
CA GLY D 276 -24.13 28.52 -22.35
C GLY D 276 -23.64 27.17 -22.87
N ILE D 277 -23.15 26.31 -21.96
CA ILE D 277 -22.94 24.91 -22.30
C ILE D 277 -24.05 24.06 -21.70
N LEU D 278 -24.70 24.55 -20.66
CA LEU D 278 -25.71 23.78 -19.96
C LEU D 278 -27.07 23.90 -20.68
N MET D 279 -27.32 25.05 -21.30
CA MET D 279 -28.54 25.32 -22.05
C MET D 279 -28.47 24.91 -23.52
N ASN D 280 -27.34 24.45 -24.03
CA ASN D 280 -27.35 24.00 -25.40
C ASN D 280 -28.21 22.74 -25.48
N PRO D 281 -29.00 22.56 -26.55
CA PRO D 281 -29.75 21.30 -26.69
C PRO D 281 -28.92 20.06 -26.45
N ALA D 282 -27.81 19.85 -27.19
CA ALA D 282 -27.14 18.56 -27.10
C ALA D 282 -26.85 18.14 -25.67
N ASN D 283 -26.93 19.06 -24.70
CA ASN D 283 -26.60 18.79 -23.31
C ASN D 283 -27.79 18.85 -22.36
N LYS D 284 -29.00 18.58 -22.84
CA LYS D 284 -30.15 18.54 -21.92
C LYS D 284 -30.20 17.24 -21.13
N ASP D 285 -29.39 16.26 -21.50
CA ASP D 285 -29.31 15.00 -20.80
C ASP D 285 -28.17 14.93 -19.76
N GLN D 286 -27.17 15.82 -19.82
CA GLN D 286 -26.01 15.75 -18.92
C GLN D 286 -26.38 16.20 -17.51
N VAL D 287 -25.64 15.70 -16.52
CA VAL D 287 -25.95 15.96 -15.10
C VAL D 287 -24.73 16.61 -14.45
N LEU D 288 -24.80 17.94 -14.25
CA LEU D 288 -23.76 18.70 -13.57
C LEU D 288 -24.48 19.63 -12.62
N PRO D 289 -24.69 19.21 -11.39
CA PRO D 289 -25.25 20.09 -10.34
C PRO D 289 -24.49 21.40 -10.16
N LEU D 290 -25.18 22.50 -10.42
CA LEU D 290 -24.74 23.88 -10.22
C LEU D 290 -25.48 24.53 -9.04
N ILE D 291 -24.89 24.50 -7.87
CA ILE D 291 -25.47 25.18 -6.73
C ILE D 291 -24.66 26.43 -6.43
N LEU D 292 -25.26 27.59 -6.67
CA LEU D 292 -24.72 28.85 -6.17
C LEU D 292 -25.02 29.03 -4.67
N THR D 293 -24.08 29.64 -3.92
CA THR D 293 -24.27 29.80 -2.47
C THR D 293 -23.37 30.89 -1.88
N GLY D 294 -23.77 31.35 -0.69
CA GLY D 294 -23.02 32.35 0.06
C GLY D 294 -23.50 32.40 1.50
N PRO D 295 -23.10 33.41 2.23
CA PRO D 295 -23.64 33.58 3.59
C PRO D 295 -24.81 34.54 3.58
N LYS D 296 -25.48 34.75 4.71
CA LYS D 296 -26.73 35.52 4.73
C LYS D 296 -26.59 36.85 4.01
N GLU D 297 -25.47 37.52 4.23
CA GLU D 297 -25.29 38.85 3.68
C GLU D 297 -24.95 38.81 2.20
N SER D 298 -25.00 37.64 1.58
CA SER D 298 -24.84 37.49 0.13
C SER D 298 -26.18 37.40 -0.58
N ALA D 299 -27.27 37.74 0.12
CA ALA D 299 -28.62 37.59 -0.38
C ALA D 299 -28.88 38.46 -1.61
N ASP D 300 -28.83 39.77 -1.40
CA ASP D 300 -29.02 40.72 -2.50
C ASP D 300 -28.04 40.48 -3.64
N TYR D 301 -26.76 40.16 -3.33
CA TYR D 301 -25.77 39.95 -4.39
C TYR D 301 -26.23 38.88 -5.38
N PHE D 302 -26.47 37.67 -4.89
CA PHE D 302 -27.02 36.65 -5.76
C PHE D 302 -28.29 37.13 -6.45
N ARG D 303 -29.22 37.73 -5.68
CA ARG D 303 -30.51 38.13 -6.24
C ARG D 303 -30.35 38.83 -7.58
N VAL D 304 -29.54 39.89 -7.62
CA VAL D 304 -29.39 40.67 -8.84
C VAL D 304 -28.69 39.86 -9.93
N LEU D 305 -27.77 38.98 -9.55
CA LEU D 305 -27.22 38.02 -10.51
C LEU D 305 -28.34 37.26 -11.22
N ASP D 306 -29.21 36.59 -10.45
CA ASP D 306 -30.29 35.78 -11.03
C ASP D 306 -31.19 36.68 -11.86
N GLU D 307 -31.45 37.89 -11.37
CA GLU D 307 -32.26 38.83 -12.14
C GLU D 307 -31.63 39.07 -13.50
N PHE D 308 -30.31 39.20 -13.53
CA PHE D 308 -29.62 39.47 -14.78
C PHE D 308 -29.81 38.32 -15.78
N VAL D 309 -29.62 37.09 -15.30
CA VAL D 309 -29.74 35.92 -16.16
C VAL D 309 -31.17 35.79 -16.70
N VAL D 310 -32.16 35.85 -15.80
CA VAL D 310 -33.56 35.68 -16.17
C VAL D 310 -33.97 36.71 -17.22
N HIS D 311 -33.37 37.90 -17.18
CA HIS D 311 -33.61 38.90 -18.22
C HIS D 311 -32.93 38.51 -19.53
N THR D 312 -31.62 38.31 -19.49
CA THR D 312 -30.88 37.93 -20.68
C THR D 312 -31.30 36.56 -21.21
N LEU D 313 -30.97 35.49 -20.47
CA LEU D 313 -31.12 34.15 -21.02
C LEU D 313 -32.54 33.62 -20.95
N GLY D 314 -33.39 34.24 -20.16
CA GLY D 314 -34.76 33.79 -19.97
C GLY D 314 -34.91 33.05 -18.65
N GLU D 315 -36.15 32.92 -18.21
CA GLU D 315 -36.34 32.21 -16.96
C GLU D 315 -36.05 30.72 -17.15
N ASN D 316 -36.22 30.21 -18.37
CA ASN D 316 -35.88 28.82 -18.63
C ASN D 316 -34.41 28.49 -18.34
N ALA D 317 -33.56 29.49 -18.09
CA ALA D 317 -32.17 29.21 -17.79
C ALA D 317 -31.99 28.64 -16.40
N ARG D 318 -32.90 28.93 -15.47
CA ARG D 318 -32.67 28.41 -14.15
C ARG D 318 -33.17 26.95 -14.04
N ARG D 319 -33.43 26.33 -15.20
CA ARG D 319 -33.34 24.87 -15.29
C ARG D 319 -32.10 24.39 -14.56
N HIS D 320 -30.97 25.05 -14.82
CA HIS D 320 -29.66 24.46 -14.62
C HIS D 320 -28.98 24.88 -13.32
N TYR D 321 -29.49 25.87 -12.60
CA TYR D 321 -28.84 26.25 -11.36
C TYR D 321 -29.83 26.24 -10.21
N ARG D 322 -29.48 26.91 -9.12
CA ARG D 322 -30.07 26.60 -7.82
C ARG D 322 -29.33 27.23 -6.65
N ILE D 323 -29.99 28.09 -5.89
CA ILE D 323 -29.32 28.97 -4.95
C ILE D 323 -29.67 28.62 -3.52
N ILE D 324 -28.67 28.19 -2.76
CA ILE D 324 -28.83 27.90 -1.35
C ILE D 324 -28.05 28.93 -0.58
N ILE D 325 -28.67 29.52 0.42
CA ILE D 325 -28.08 30.64 1.12
C ILE D 325 -28.00 30.28 2.59
N ASP D 326 -26.82 30.44 3.17
CA ASP D 326 -26.59 30.21 4.59
C ASP D 326 -27.02 28.80 5.01
N ASP D 327 -26.77 27.79 4.15
CA ASP D 327 -26.90 26.37 4.52
C ASP D 327 -25.66 25.63 4.00
N ALA D 328 -24.56 25.76 4.74
CA ALA D 328 -23.36 25.03 4.37
C ALA D 328 -23.65 23.55 4.24
N ALA D 329 -24.36 22.98 5.22
CA ALA D 329 -24.61 21.54 5.26
C ALA D 329 -25.42 21.06 4.05
N GLU D 330 -26.52 21.76 3.72
CA GLU D 330 -27.35 21.36 2.58
C GLU D 330 -26.59 21.36 1.26
N VAL D 331 -25.61 22.26 1.09
CA VAL D 331 -24.92 22.34 -0.20
C VAL D 331 -24.05 21.10 -0.39
N ALA D 332 -23.45 20.63 0.69
CA ALA D 332 -22.66 19.41 0.65
C ALA D 332 -23.54 18.19 0.54
N ARG D 333 -24.69 18.22 1.21
CA ARG D 333 -25.61 17.10 1.13
C ARG D 333 -26.13 16.93 -0.29
N GLN D 334 -26.53 18.03 -0.93
CA GLN D 334 -27.01 17.90 -2.29
C GLN D 334 -25.90 17.42 -3.22
N MET D 335 -24.72 18.02 -3.09
CA MET D 335 -23.58 17.60 -3.89
C MET D 335 -23.22 16.12 -3.67
N LYS D 336 -23.40 15.61 -2.45
CA LYS D 336 -23.12 14.20 -2.22
C LYS D 336 -24.17 13.32 -2.89
N LYS D 337 -25.45 13.71 -2.81
CA LYS D 337 -26.51 12.91 -3.43
C LYS D 337 -26.39 12.92 -4.94
N SER D 338 -25.94 14.02 -5.51
CA SER D 338 -25.90 14.07 -6.96
C SER D 338 -24.80 13.20 -7.53
N MET D 339 -23.80 12.86 -6.72
CA MET D 339 -22.69 12.04 -7.17
C MET D 339 -23.12 10.72 -7.79
N PRO D 340 -24.02 9.91 -7.18
CA PRO D 340 -24.49 8.71 -7.87
C PRO D 340 -25.05 9.00 -9.24
N LEU D 341 -25.93 9.99 -9.31
CA LEU D 341 -26.58 10.31 -10.56
C LEU D 341 -25.54 10.69 -11.60
N VAL D 342 -24.48 11.39 -11.19
CA VAL D 342 -23.49 11.79 -12.17
C VAL D 342 -22.78 10.55 -12.69
N LYS D 343 -22.65 9.52 -11.83
CA LYS D 343 -21.98 8.31 -12.26
C LYS D 343 -22.83 7.65 -13.31
N GLU D 344 -24.05 7.32 -12.90
CA GLU D 344 -25.04 6.70 -13.76
C GLU D 344 -25.15 7.44 -15.08
N ASN D 345 -25.41 8.75 -15.03
CA ASN D 345 -25.55 9.54 -16.25
C ASN D 345 -24.35 9.35 -17.17
N ARG D 346 -23.17 9.09 -16.59
CA ARG D 346 -22.06 8.68 -17.43
C ARG D 346 -22.13 7.20 -17.74
N ARG D 347 -22.72 6.40 -16.84
CA ARG D 347 -22.76 4.95 -17.04
C ARG D 347 -23.36 4.64 -18.38
N ASP D 348 -24.59 5.09 -18.59
CA ASP D 348 -25.37 4.68 -19.74
C ASP D 348 -24.95 5.41 -21.03
N THR D 349 -24.33 6.61 -20.91
CA THR D 349 -23.70 7.18 -22.10
C THR D 349 -22.54 6.33 -22.57
N GLY D 350 -21.91 5.60 -21.66
CA GLY D 350 -20.65 4.91 -21.89
C GLY D 350 -19.47 5.84 -21.82
N ASP D 351 -19.48 6.76 -20.86
CA ASP D 351 -18.64 7.95 -20.82
C ASP D 351 -17.72 7.83 -19.62
N ALA D 352 -16.48 8.30 -19.75
CA ALA D 352 -15.53 8.19 -18.64
C ALA D 352 -16.00 8.91 -17.36
N TYR D 353 -15.83 8.28 -16.18
CA TYR D 353 -16.34 8.91 -14.97
C TYR D 353 -15.57 10.18 -14.64
N SER D 354 -14.34 10.29 -15.14
CA SER D 354 -13.37 11.34 -14.81
C SER D 354 -13.31 12.43 -15.87
N PHE D 355 -13.71 12.10 -17.09
CA PHE D 355 -13.80 13.06 -18.19
C PHE D 355 -15.15 12.98 -18.89
N ASN D 356 -15.87 14.11 -18.88
CA ASN D 356 -17.20 14.19 -19.49
C ASN D 356 -17.09 14.44 -20.98
N TRP D 357 -16.79 13.38 -21.73
CA TRP D 357 -16.64 13.54 -23.17
C TRP D 357 -17.95 13.88 -23.86
N SER D 358 -19.08 13.76 -23.15
CA SER D 358 -20.38 13.91 -23.79
C SER D 358 -20.80 15.37 -23.90
N MET D 359 -20.65 16.14 -22.81
CA MET D 359 -20.94 17.56 -22.78
C MET D 359 -20.45 18.25 -24.03
N ARG D 360 -21.36 18.94 -24.75
CA ARG D 360 -21.01 19.58 -26.01
C ARG D 360 -20.82 21.05 -25.73
N ILE D 361 -19.54 21.44 -25.67
CA ILE D 361 -19.13 22.83 -25.60
C ILE D 361 -18.91 23.32 -27.01
N ALA D 362 -19.48 24.43 -27.31
CA ALA D 362 -19.52 24.93 -28.66
C ALA D 362 -18.25 25.70 -28.98
N PRO D 363 -17.77 25.56 -30.21
CA PRO D 363 -16.59 26.31 -30.66
C PRO D 363 -16.57 27.79 -30.27
N ASP D 364 -17.71 28.43 -30.08
CA ASP D 364 -17.69 29.82 -29.66
C ASP D 364 -17.20 29.95 -28.23
N LEU D 365 -17.44 28.93 -27.42
CA LEU D 365 -16.99 28.96 -26.03
C LEU D 365 -15.51 28.62 -25.91
N GLN D 366 -14.96 27.87 -26.87
CA GLN D 366 -13.56 27.46 -26.92
C GLN D 366 -12.68 28.48 -27.62
N MET D 367 -13.21 29.30 -28.49
CA MET D 367 -12.35 30.19 -29.27
C MET D 367 -11.93 31.37 -28.40
N PRO D 368 -10.65 31.75 -28.43
CA PRO D 368 -10.14 32.74 -27.49
C PRO D 368 -10.50 34.15 -27.91
N PHE D 369 -10.73 34.98 -26.91
CA PHE D 369 -11.17 36.36 -27.10
C PHE D 369 -9.95 37.25 -26.93
N GLU D 370 -9.39 37.71 -28.04
CA GLU D 370 -8.35 38.71 -28.00
C GLU D 370 -8.89 39.97 -27.34
N PRO D 371 -8.16 40.59 -26.42
CA PRO D 371 -8.67 41.80 -25.78
C PRO D 371 -8.53 43.01 -26.70
N SER D 372 -8.62 42.78 -28.01
CA SER D 372 -8.51 43.85 -28.98
C SER D 372 -9.72 44.79 -28.89
N HIS D 373 -9.46 46.08 -29.14
CA HIS D 373 -10.52 47.07 -29.11
C HIS D 373 -11.61 46.75 -30.13
N GLU D 374 -11.21 46.33 -31.33
CA GLU D 374 -12.17 45.95 -32.36
C GLU D 374 -13.02 44.76 -31.94
N ASN D 375 -12.50 43.89 -31.07
CA ASN D 375 -13.28 42.73 -30.63
C ASN D 375 -14.56 43.17 -29.93
N MET D 376 -14.45 44.09 -28.98
CA MET D 376 -15.64 44.58 -28.29
C MET D 376 -16.44 45.54 -29.17
N ALA D 377 -15.79 46.17 -30.15
CA ALA D 377 -16.46 47.04 -31.12
C ALA D 377 -17.24 46.27 -32.17
N ASN D 378 -17.02 44.97 -32.31
CA ASN D 378 -17.82 44.10 -33.16
C ASN D 378 -18.69 43.16 -32.35
N LEU D 379 -18.75 43.34 -31.02
CA LEU D 379 -19.57 42.50 -30.17
C LEU D 379 -21.05 42.67 -30.46
N LYS D 380 -21.83 41.62 -30.19
CA LYS D 380 -23.25 41.62 -30.48
C LYS D 380 -24.04 41.19 -29.24
N LEU D 381 -25.07 41.97 -28.87
CA LEU D 381 -25.94 41.72 -27.71
C LEU D 381 -27.39 41.93 -28.15
N TYR D 382 -27.94 40.93 -28.82
CA TYR D 382 -29.31 41.04 -29.32
C TYR D 382 -30.20 40.01 -28.64
N PRO D 383 -31.42 40.37 -28.23
CA PRO D 383 -32.38 39.35 -27.80
C PRO D 383 -32.81 38.43 -28.93
N ASP D 384 -32.67 38.85 -30.19
CA ASP D 384 -32.99 38.00 -31.32
C ASP D 384 -31.94 36.92 -31.57
N GLN D 385 -30.71 37.12 -31.10
CA GLN D 385 -29.70 36.09 -31.18
C GLN D 385 -30.13 34.91 -30.30
N PRO D 386 -29.89 33.66 -30.71
CA PRO D 386 -30.24 32.52 -29.85
C PRO D 386 -29.58 32.63 -28.48
N VAL D 387 -30.19 31.98 -27.48
CA VAL D 387 -29.70 32.09 -26.09
C VAL D 387 -28.23 31.72 -26.02
N GLU D 388 -27.80 30.74 -26.81
CA GLU D 388 -26.41 30.30 -26.77
C GLU D 388 -25.47 31.39 -27.26
N VAL D 389 -25.72 31.92 -28.46
CA VAL D 389 -24.83 32.92 -29.03
C VAL D 389 -24.82 34.18 -28.17
N LEU D 390 -26.00 34.61 -27.70
CA LEU D 390 -26.08 35.81 -26.87
C LEU D 390 -25.26 35.64 -25.59
N ALA D 391 -25.23 34.42 -25.05
CA ALA D 391 -24.51 34.20 -23.80
C ALA D 391 -23.01 34.09 -24.03
N ALA D 392 -22.58 33.47 -25.14
CA ALA D 392 -21.16 33.35 -25.41
C ALA D 392 -20.51 34.70 -25.66
N ASP D 393 -21.18 35.58 -26.41
CA ASP D 393 -20.69 36.94 -26.60
C ASP D 393 -20.62 37.70 -25.29
N LEU D 394 -21.62 37.53 -24.42
CA LEU D 394 -21.58 38.14 -23.09
C LEU D 394 -20.36 37.67 -22.32
N ARG D 395 -20.07 36.37 -22.35
CA ARG D 395 -18.92 35.84 -21.63
C ARG D 395 -17.61 36.35 -22.21
N ARG D 396 -17.51 36.46 -23.55
CA ARG D 396 -16.26 36.90 -24.15
C ARG D 396 -15.97 38.37 -23.83
N ALA D 397 -16.99 39.21 -23.83
CA ALA D 397 -16.80 40.59 -23.35
C ALA D 397 -16.36 40.59 -21.89
N PHE D 398 -16.92 39.69 -21.08
CA PHE D 398 -16.61 39.67 -19.65
C PHE D 398 -15.21 39.14 -19.36
N SER D 399 -14.73 38.14 -20.12
CA SER D 399 -13.36 37.66 -19.87
C SER D 399 -12.34 38.64 -20.42
N GLY D 400 -12.76 39.52 -21.33
CA GLY D 400 -11.88 40.58 -21.79
C GLY D 400 -11.68 41.68 -20.77
N ILE D 401 -12.71 41.99 -19.98
CA ILE D 401 -12.59 43.02 -18.95
C ILE D 401 -11.71 42.52 -17.80
N VAL D 402 -11.84 41.23 -17.45
CA VAL D 402 -10.99 40.66 -16.40
C VAL D 402 -9.54 40.56 -16.86
N ALA D 403 -9.28 40.43 -18.16
CA ALA D 403 -7.93 40.40 -18.71
C ALA D 403 -7.27 41.78 -18.79
N GLY D 404 -8.07 42.87 -18.82
CA GLY D 404 -7.67 44.26 -18.85
C GLY D 404 -7.03 44.79 -17.58
N ASN D 405 -6.81 43.95 -16.57
CA ASN D 405 -6.04 44.30 -15.39
C ASN D 405 -4.95 43.30 -15.02
N VAL D 406 -5.00 42.06 -15.53
CA VAL D 406 -4.05 41.02 -15.15
C VAL D 406 -3.15 40.63 -16.32
N LYS D 407 -3.67 40.62 -17.55
CA LYS D 407 -2.83 40.36 -18.71
C LYS D 407 -2.09 41.63 -19.15
N GLU D 408 -2.72 42.79 -18.98
CA GLU D 408 -2.15 44.09 -19.34
C GLU D 408 -1.65 44.12 -20.78
N VAL D 409 -2.24 43.29 -21.64
CA VAL D 409 -1.99 43.38 -23.06
C VAL D 409 -2.81 44.57 -23.58
N GLY D 410 -2.23 45.76 -23.48
CA GLY D 410 -2.88 46.98 -23.94
C GLY D 410 -3.78 47.61 -22.90
N ILE D 411 -3.21 48.09 -21.80
CA ILE D 411 -4.04 48.64 -20.74
C ILE D 411 -4.60 50.01 -21.12
N ARG D 412 -3.92 50.74 -22.00
CA ARG D 412 -4.36 52.08 -22.36
C ARG D 412 -5.36 52.09 -23.51
N ALA D 413 -5.83 50.92 -23.95
CA ALA D 413 -6.83 50.81 -25.01
C ALA D 413 -8.25 50.78 -24.48
N ILE D 414 -8.49 51.35 -23.29
CA ILE D 414 -9.85 51.43 -22.77
C ILE D 414 -10.68 52.37 -23.62
N GLU D 415 -10.16 53.57 -23.86
CA GLU D 415 -10.77 54.53 -24.78
C GLU D 415 -9.67 55.17 -25.63
N GLU D 416 -8.98 54.36 -26.45
CA GLU D 416 -7.89 54.89 -27.25
C GLU D 416 -8.35 55.63 -28.51
N PHE D 417 -9.49 55.21 -29.13
CA PHE D 417 -10.13 56.00 -30.19
C PHE D 417 -11.65 56.02 -30.06
N GLY D 418 -12.18 55.82 -28.85
CA GLY D 418 -13.61 55.75 -28.60
C GLY D 418 -13.96 54.63 -27.64
N PRO D 419 -15.18 54.65 -27.08
CA PRO D 419 -15.61 53.56 -26.20
C PRO D 419 -16.02 52.32 -26.98
N TYR D 420 -15.85 51.15 -26.34
CA TYR D 420 -16.16 49.86 -26.93
C TYR D 420 -17.59 49.83 -27.48
N LYS D 421 -17.73 49.88 -28.81
CA LYS D 421 -19.05 49.95 -29.45
C LYS D 421 -19.75 48.62 -29.26
N ILE D 422 -20.62 48.55 -28.25
CA ILE D 422 -21.41 47.36 -27.97
C ILE D 422 -22.79 47.57 -28.58
N ASN D 423 -22.96 47.07 -29.80
CA ASN D 423 -24.18 47.24 -30.58
C ASN D 423 -25.24 46.21 -30.20
N GLY D 424 -26.43 46.68 -29.85
CA GLY D 424 -27.51 45.81 -29.48
C GLY D 424 -28.27 46.41 -28.33
N ASP D 425 -29.20 45.61 -27.79
CA ASP D 425 -30.02 46.00 -26.65
C ASP D 425 -29.20 46.70 -25.58
N LYS D 426 -29.35 48.02 -25.48
CA LYS D 426 -28.68 48.80 -24.45
C LYS D 426 -29.27 48.53 -23.07
N GLU D 427 -30.39 47.79 -23.00
CA GLU D 427 -30.97 47.41 -21.71
C GLU D 427 -30.23 46.26 -21.05
N ILE D 428 -29.59 45.39 -21.85
CA ILE D 428 -28.64 44.43 -21.31
C ILE D 428 -27.53 45.14 -20.55
N MET D 429 -27.01 46.24 -21.12
CA MET D 429 -26.00 47.02 -20.43
C MET D 429 -26.56 47.74 -19.22
N ARG D 430 -27.83 48.20 -19.30
CA ARG D 430 -28.46 48.88 -18.17
C ARG D 430 -28.57 47.96 -16.97
N ARG D 431 -28.76 46.65 -17.23
CA ARG D 431 -28.77 45.68 -16.15
C ARG D 431 -27.37 45.49 -15.56
N MET D 432 -26.32 45.56 -16.41
CA MET D 432 -24.94 45.48 -15.92
C MET D 432 -24.48 46.75 -15.22
N ASP D 433 -25.22 47.85 -15.33
CA ASP D 433 -24.88 49.09 -14.63
C ASP D 433 -24.62 48.83 -13.15
N ASP D 434 -25.67 48.48 -12.42
CA ASP D 434 -25.52 48.24 -11.00
C ASP D 434 -24.69 46.98 -10.73
N LEU D 435 -24.68 46.03 -11.66
CA LEU D 435 -23.90 44.80 -11.48
C LEU D 435 -22.40 45.09 -11.39
N LEU D 436 -21.87 45.84 -12.36
CA LEU D 436 -20.44 46.15 -12.37
C LEU D 436 -20.06 47.04 -11.19
N GLN D 437 -20.87 48.08 -10.93
CA GLN D 437 -20.63 48.93 -9.76
C GLN D 437 -20.82 48.14 -8.47
N GLY D 438 -21.66 47.10 -8.51
CA GLY D 438 -21.86 46.27 -7.33
C GLY D 438 -20.65 45.43 -6.98
N PHE D 439 -19.98 44.88 -8.01
CA PHE D 439 -18.69 44.24 -7.75
C PHE D 439 -17.70 45.21 -7.12
N VAL D 440 -17.69 46.46 -7.61
CA VAL D 440 -16.83 47.49 -7.02
C VAL D 440 -17.29 47.84 -5.62
N ALA D 441 -18.57 47.59 -5.29
CA ALA D 441 -19.04 47.90 -3.94
C ALA D 441 -18.41 46.97 -2.90
N GLN D 442 -18.26 45.70 -3.22
CA GLN D 442 -17.62 44.72 -2.33
C GLN D 442 -16.11 44.59 -2.59
N HIS D 443 -15.53 45.51 -3.36
CA HIS D 443 -14.10 45.52 -3.68
C HIS D 443 -13.66 44.16 -4.23
N ARG D 444 -14.16 43.85 -5.42
CA ARG D 444 -13.83 42.61 -6.11
C ARG D 444 -12.97 42.92 -7.34
N ILE D 453 -21.78 56.42 -20.59
CA ILE D 453 -21.35 55.23 -21.31
C ILE D 453 -19.82 55.03 -21.20
N PRO D 454 -19.33 54.56 -20.01
CA PRO D 454 -17.88 54.39 -19.81
C PRO D 454 -17.24 53.35 -20.72
N CYS D 455 -17.44 52.07 -20.45
CA CYS D 455 -16.80 51.06 -21.28
C CYS D 455 -17.66 50.65 -22.48
N TYR D 456 -19.00 50.71 -22.38
CA TYR D 456 -19.90 50.35 -23.48
C TYR D 456 -20.26 51.60 -24.31
N GLU D 457 -21.22 51.47 -25.25
CA GLU D 457 -21.55 52.54 -26.18
C GLU D 457 -23.00 52.45 -26.61
N ILE D 458 -23.69 53.59 -26.62
CA ILE D 458 -24.98 53.65 -27.27
C ILE D 458 -24.79 53.86 -28.76
#